data_7HO5
# 
_entry.id   7HO5 
# 
_audit_conform.dict_name       mmcif_pdbx.dic 
_audit_conform.dict_version    5.399 
_audit_conform.dict_location   http://mmcif.pdb.org/dictionaries/ascii/mmcif_pdbx.dic 
# 
loop_
_database_2.database_id 
_database_2.database_code 
_database_2.pdbx_database_accession 
_database_2.pdbx_DOI 
PDB   7HO5         pdb_00007ho5 10.2210/pdb7ho5/pdb 
WWPDB D_1001407719 ?            ?                   
# 
_pdbx_audit_revision_history.ordinal             1 
_pdbx_audit_revision_history.data_content_type   'Structure model' 
_pdbx_audit_revision_history.major_revision      1 
_pdbx_audit_revision_history.minor_revision      0 
_pdbx_audit_revision_history.revision_date       2024-11-27 
# 
_pdbx_audit_revision_details.ordinal             1 
_pdbx_audit_revision_details.revision_ordinal    1 
_pdbx_audit_revision_details.data_content_type   'Structure model' 
_pdbx_audit_revision_details.provider            repository 
_pdbx_audit_revision_details.type                'Initial release' 
_pdbx_audit_revision_details.description         ? 
_pdbx_audit_revision_details.details             ? 
# 
_pdbx_database_status.entry_id                        7HO5 
_pdbx_database_status.status_code                     REL 
_pdbx_database_status.status_code_sf                  REL 
_pdbx_database_status.status_code_mr                  ? 
_pdbx_database_status.status_code_cs                  ? 
_pdbx_database_status.recvd_initial_deposition_date   2024-11-04 
_pdbx_database_status.status_code_nmr_data            ? 
_pdbx_database_status.deposit_site                    RCSB 
_pdbx_database_status.process_site                    RCSB 
_pdbx_database_status.SG_entry                        ? 
_pdbx_database_status.pdb_format_compatible           Y 
_pdbx_database_status.methods_development_category    ? 
# 
_pdbx_contact_author.id                 1 
_pdbx_contact_author.email              knapp@pharmchem.uni-frankfurt.de 
_pdbx_contact_author.name_first         Stefan 
_pdbx_contact_author.name_last          Knapp 
_pdbx_contact_author.role               'principal investigator/group leader' 
_pdbx_contact_author.identifier_ORCID   0000-0001-5995-6494 
_pdbx_contact_author.name_mi            ? 
# 
loop_
_audit_author.name 
_audit_author.pdbx_ordinal 
'Kim, Y.'                              1 
'Marples, P.'                          2 
'Fearon, D.'                           3 
'von Delft, F.'                        4 
'Knapp, S.'                            5 
'Kraemer, A.'                          6 
'Structural Genomics Consortium (SGC)' 7 
# 
_citation.id                        primary 
_citation.title                     'PanDDA analysis group deposition' 
_citation.journal_abbrev            'To Be Published' 
_citation.journal_volume            ? 
_citation.page_first                ? 
_citation.page_last                 ? 
_citation.year                      ? 
_citation.journal_id_ASTM           ? 
_citation.country                   ? 
_citation.journal_id_ISSN           ? 
_citation.journal_id_CSD            0353 
_citation.book_publisher            ? 
_citation.pdbx_database_id_PubMed   ? 
_citation.pdbx_database_id_DOI      ? 
# 
loop_
_citation_author.citation_id 
_citation_author.name 
_citation_author.identifier_ORCID 
_citation_author.ordinal 
primary 'Kim, Y.'                              ? 1 
primary 'Marples, P.'                          ? 2 
primary 'Fearon, D.'                           ? 3 
primary 'von Delft, F.'                        ? 4 
primary 'Knapp, S.'                            ? 5 
primary 'Kraemer, A.'                          ? 6 
primary 'Structural Genomics Consortium (SGC)' ? 7 
# 
loop_
_entity.id 
_entity.type 
_entity.src_method 
_entity.pdbx_description 
_entity.formula_weight 
_entity.pdbx_number_of_molecules 
_entity.pdbx_ec 
_entity.pdbx_mutation 
_entity.pdbx_fragment 
_entity.details 
1 polymer     man 'E3 ubiquitin-protein ligase TRIM21'          21596.361 1   2.3.2.27 ? ? ? 
2 non-polymer syn 1,2-ETHANEDIOL                                62.068    2   ?        ? ? ? 
3 non-polymer syn '(1H-pyrazol-4-yl)(pyrrolidin-1-yl)methanone' 165.192   1   ?        ? ? ? 
4 non-polymer syn 'SULFATE ION'                                 96.063    1   ?        ? ? ? 
5 water       nat water                                         18.015    142 ?        ? ? ? 
# 
_entity_name_com.entity_id   1 
_entity_name_com.name        
;52 kDa Ro protein,52 kDa ribonucleoprotein autoantigen Ro/SS-A,Ro(SS-A),Sjoegren syndrome type A antigen,SS-A,Tripartite motif-containing protein 21
;
# 
_entity_poly.entity_id                      1 
_entity_poly.type                           'polypeptide(L)' 
_entity_poly.nstd_linkage                   no 
_entity_poly.nstd_monomer                   no 
_entity_poly.pdbx_seq_one_letter_code       
;MHHHHHHMVHITLDRNTANSWLIISKDRRQVRMGDTHQNVSDNKERFSNYPMVLGAQRFSSGKMYWEVDVTQKEAWDLGV
CRDSVQRKGQFSLSPENGFWTIWLWQDSYEAGTSPQTTLHIQVPPCQIGIFVDYEAGVVSFYNITDHGSLIYTFSECVFA
GPLRPFFNVGFNYSGGNAAPLKLCPLKM
;
_entity_poly.pdbx_seq_one_letter_code_can   
;MHHHHHHMVHITLDRNTANSWLIISKDRRQVRMGDTHQNVSDNKERFSNYPMVLGAQRFSSGKMYWEVDVTQKEAWDLGV
CRDSVQRKGQFSLSPENGFWTIWLWQDSYEAGTSPQTTLHIQVPPCQIGIFVDYEAGVVSFYNITDHGSLIYTFSECVFA
GPLRPFFNVGFNYSGGNAAPLKLCPLKM
;
_entity_poly.pdbx_strand_id                 B 
_entity_poly.pdbx_target_identifier         ? 
# 
loop_
_pdbx_entity_nonpoly.entity_id 
_pdbx_entity_nonpoly.name 
_pdbx_entity_nonpoly.comp_id 
2 1,2-ETHANEDIOL                                EDO 
3 '(1H-pyrazol-4-yl)(pyrrolidin-1-yl)methanone' UXD 
4 'SULFATE ION'                                 SO4 
5 water                                         HOH 
# 
loop_
_entity_poly_seq.entity_id 
_entity_poly_seq.num 
_entity_poly_seq.mon_id 
_entity_poly_seq.hetero 
1 1   MET n 
1 2   HIS n 
1 3   HIS n 
1 4   HIS n 
1 5   HIS n 
1 6   HIS n 
1 7   HIS n 
1 8   MET n 
1 9   VAL n 
1 10  HIS n 
1 11  ILE n 
1 12  THR n 
1 13  LEU n 
1 14  ASP n 
1 15  ARG n 
1 16  ASN n 
1 17  THR n 
1 18  ALA n 
1 19  ASN n 
1 20  SER n 
1 21  TRP n 
1 22  LEU n 
1 23  ILE n 
1 24  ILE n 
1 25  SER n 
1 26  LYS n 
1 27  ASP n 
1 28  ARG n 
1 29  ARG n 
1 30  GLN n 
1 31  VAL n 
1 32  ARG n 
1 33  MET n 
1 34  GLY n 
1 35  ASP n 
1 36  THR n 
1 37  HIS n 
1 38  GLN n 
1 39  ASN n 
1 40  VAL n 
1 41  SER n 
1 42  ASP n 
1 43  ASN n 
1 44  LYS n 
1 45  GLU n 
1 46  ARG n 
1 47  PHE n 
1 48  SER n 
1 49  ASN n 
1 50  TYR n 
1 51  PRO n 
1 52  MET n 
1 53  VAL n 
1 54  LEU n 
1 55  GLY n 
1 56  ALA n 
1 57  GLN n 
1 58  ARG n 
1 59  PHE n 
1 60  SER n 
1 61  SER n 
1 62  GLY n 
1 63  LYS n 
1 64  MET n 
1 65  TYR n 
1 66  TRP n 
1 67  GLU n 
1 68  VAL n 
1 69  ASP n 
1 70  VAL n 
1 71  THR n 
1 72  GLN n 
1 73  LYS n 
1 74  GLU n 
1 75  ALA n 
1 76  TRP n 
1 77  ASP n 
1 78  LEU n 
1 79  GLY n 
1 80  VAL n 
1 81  CYS n 
1 82  ARG n 
1 83  ASP n 
1 84  SER n 
1 85  VAL n 
1 86  GLN n 
1 87  ARG n 
1 88  LYS n 
1 89  GLY n 
1 90  GLN n 
1 91  PHE n 
1 92  SER n 
1 93  LEU n 
1 94  SER n 
1 95  PRO n 
1 96  GLU n 
1 97  ASN n 
1 98  GLY n 
1 99  PHE n 
1 100 TRP n 
1 101 THR n 
1 102 ILE n 
1 103 TRP n 
1 104 LEU n 
1 105 TRP n 
1 106 GLN n 
1 107 ASP n 
1 108 SER n 
1 109 TYR n 
1 110 GLU n 
1 111 ALA n 
1 112 GLY n 
1 113 THR n 
1 114 SER n 
1 115 PRO n 
1 116 GLN n 
1 117 THR n 
1 118 THR n 
1 119 LEU n 
1 120 HIS n 
1 121 ILE n 
1 122 GLN n 
1 123 VAL n 
1 124 PRO n 
1 125 PRO n 
1 126 CYS n 
1 127 GLN n 
1 128 ILE n 
1 129 GLY n 
1 130 ILE n 
1 131 PHE n 
1 132 VAL n 
1 133 ASP n 
1 134 TYR n 
1 135 GLU n 
1 136 ALA n 
1 137 GLY n 
1 138 VAL n 
1 139 VAL n 
1 140 SER n 
1 141 PHE n 
1 142 TYR n 
1 143 ASN n 
1 144 ILE n 
1 145 THR n 
1 146 ASP n 
1 147 HIS n 
1 148 GLY n 
1 149 SER n 
1 150 LEU n 
1 151 ILE n 
1 152 TYR n 
1 153 THR n 
1 154 PHE n 
1 155 SER n 
1 156 GLU n 
1 157 CYS n 
1 158 VAL n 
1 159 PHE n 
1 160 ALA n 
1 161 GLY n 
1 162 PRO n 
1 163 LEU n 
1 164 ARG n 
1 165 PRO n 
1 166 PHE n 
1 167 PHE n 
1 168 ASN n 
1 169 VAL n 
1 170 GLY n 
1 171 PHE n 
1 172 ASN n 
1 173 TYR n 
1 174 SER n 
1 175 GLY n 
1 176 GLY n 
1 177 ASN n 
1 178 ALA n 
1 179 ALA n 
1 180 PRO n 
1 181 LEU n 
1 182 LYS n 
1 183 LEU n 
1 184 CYS n 
1 185 PRO n 
1 186 LEU n 
1 187 LYS n 
1 188 MET n 
# 
_entity_src_gen.entity_id                          1 
_entity_src_gen.pdbx_src_id                        1 
_entity_src_gen.pdbx_alt_source_flag               sample 
_entity_src_gen.pdbx_seq_type                      'Biological sequence' 
_entity_src_gen.pdbx_beg_seq_num                   1 
_entity_src_gen.pdbx_end_seq_num                   188 
_entity_src_gen.gene_src_common_name               'house mouse' 
_entity_src_gen.gene_src_genus                     ? 
_entity_src_gen.pdbx_gene_src_gene                 'Trim21, Ro52, Ssa1' 
_entity_src_gen.gene_src_species                   ? 
_entity_src_gen.gene_src_strain                    ? 
_entity_src_gen.gene_src_tissue                    ? 
_entity_src_gen.gene_src_tissue_fraction           ? 
_entity_src_gen.gene_src_details                   ? 
_entity_src_gen.pdbx_gene_src_fragment             ? 
_entity_src_gen.pdbx_gene_src_scientific_name      'Mus musculus' 
_entity_src_gen.pdbx_gene_src_ncbi_taxonomy_id     10090 
_entity_src_gen.pdbx_gene_src_variant              ? 
_entity_src_gen.pdbx_gene_src_cell_line            ? 
_entity_src_gen.pdbx_gene_src_atcc                 ? 
_entity_src_gen.pdbx_gene_src_organ                ? 
_entity_src_gen.pdbx_gene_src_organelle            ? 
_entity_src_gen.pdbx_gene_src_cell                 ? 
_entity_src_gen.pdbx_gene_src_cellular_location    ? 
_entity_src_gen.host_org_common_name               ? 
_entity_src_gen.pdbx_host_org_scientific_name      'Escherichia coli' 
_entity_src_gen.pdbx_host_org_ncbi_taxonomy_id     562 
_entity_src_gen.host_org_genus                     ? 
_entity_src_gen.pdbx_host_org_gene                 ? 
_entity_src_gen.pdbx_host_org_organ                ? 
_entity_src_gen.host_org_species                   ? 
_entity_src_gen.pdbx_host_org_tissue               ? 
_entity_src_gen.pdbx_host_org_tissue_fraction      ? 
_entity_src_gen.pdbx_host_org_strain               ? 
_entity_src_gen.pdbx_host_org_variant              ? 
_entity_src_gen.pdbx_host_org_cell_line            ? 
_entity_src_gen.pdbx_host_org_atcc                 ? 
_entity_src_gen.pdbx_host_org_culture_collection   ? 
_entity_src_gen.pdbx_host_org_cell                 ? 
_entity_src_gen.pdbx_host_org_organelle            ? 
_entity_src_gen.pdbx_host_org_cellular_location    ? 
_entity_src_gen.pdbx_host_org_vector_type          ? 
_entity_src_gen.pdbx_host_org_vector               ? 
_entity_src_gen.host_org_details                   ? 
_entity_src_gen.expression_system_id               ? 
_entity_src_gen.plasmid_name                       ? 
_entity_src_gen.plasmid_details                    ? 
_entity_src_gen.pdbx_description                   ? 
# 
loop_
_chem_comp.id 
_chem_comp.type 
_chem_comp.mon_nstd_flag 
_chem_comp.name 
_chem_comp.pdbx_synonyms 
_chem_comp.formula 
_chem_comp.formula_weight 
ALA 'L-peptide linking' y ALANINE                                       ?                 'C3 H7 N O2'     89.093  
ARG 'L-peptide linking' y ARGININE                                      ?                 'C6 H15 N4 O2 1' 175.209 
ASN 'L-peptide linking' y ASPARAGINE                                    ?                 'C4 H8 N2 O3'    132.118 
ASP 'L-peptide linking' y 'ASPARTIC ACID'                               ?                 'C4 H7 N O4'     133.103 
CYS 'L-peptide linking' y CYSTEINE                                      ?                 'C3 H7 N O2 S'   121.158 
EDO non-polymer         . 1,2-ETHANEDIOL                                'ETHYLENE GLYCOL' 'C2 H6 O2'       62.068  
GLN 'L-peptide linking' y GLUTAMINE                                     ?                 'C5 H10 N2 O3'   146.144 
GLU 'L-peptide linking' y 'GLUTAMIC ACID'                               ?                 'C5 H9 N O4'     147.129 
GLY 'peptide linking'   y GLYCINE                                       ?                 'C2 H5 N O2'     75.067  
HIS 'L-peptide linking' y HISTIDINE                                     ?                 'C6 H10 N3 O2 1' 156.162 
HOH non-polymer         . WATER                                         ?                 'H2 O'           18.015  
ILE 'L-peptide linking' y ISOLEUCINE                                    ?                 'C6 H13 N O2'    131.173 
LEU 'L-peptide linking' y LEUCINE                                       ?                 'C6 H13 N O2'    131.173 
LYS 'L-peptide linking' y LYSINE                                        ?                 'C6 H15 N2 O2 1' 147.195 
MET 'L-peptide linking' y METHIONINE                                    ?                 'C5 H11 N O2 S'  149.211 
PHE 'L-peptide linking' y PHENYLALANINE                                 ?                 'C9 H11 N O2'    165.189 
PRO 'L-peptide linking' y PROLINE                                       ?                 'C5 H9 N O2'     115.130 
SER 'L-peptide linking' y SERINE                                        ?                 'C3 H7 N O3'     105.093 
SO4 non-polymer         . 'SULFATE ION'                                 ?                 'O4 S -2'        96.063  
THR 'L-peptide linking' y THREONINE                                     ?                 'C4 H9 N O3'     119.119 
TRP 'L-peptide linking' y TRYPTOPHAN                                    ?                 'C11 H12 N2 O2'  204.225 
TYR 'L-peptide linking' y TYROSINE                                      ?                 'C9 H11 N O3'    181.189 
UXD non-polymer         . '(1H-pyrazol-4-yl)(pyrrolidin-1-yl)methanone' ?                 'C8 H11 N3 O'    165.192 
VAL 'L-peptide linking' y VALINE                                        ?                 'C5 H11 N O2'    117.146 
# 
loop_
_pdbx_poly_seq_scheme.asym_id 
_pdbx_poly_seq_scheme.entity_id 
_pdbx_poly_seq_scheme.seq_id 
_pdbx_poly_seq_scheme.mon_id 
_pdbx_poly_seq_scheme.ndb_seq_num 
_pdbx_poly_seq_scheme.pdb_seq_num 
_pdbx_poly_seq_scheme.auth_seq_num 
_pdbx_poly_seq_scheme.pdb_mon_id 
_pdbx_poly_seq_scheme.auth_mon_id 
_pdbx_poly_seq_scheme.pdb_strand_id 
_pdbx_poly_seq_scheme.pdb_ins_code 
_pdbx_poly_seq_scheme.hetero 
A 1 1   MET 1   7   ?   ?   ?   B . n 
A 1 2   HIS 2   8   8   HIS HIS B . n 
A 1 3   HIS 3   9   9   HIS HIS B . n 
A 1 4   HIS 4   10  10  HIS HIS B . n 
A 1 5   HIS 5   11  11  HIS HIS B . n 
A 1 6   HIS 6   12  12  HIS HIS B . n 
A 1 7   HIS 7   13  13  HIS HIS B . n 
A 1 8   MET 8   14  14  MET MET B . n 
A 1 9   VAL 9   15  15  VAL VAL B . n 
A 1 10  HIS 10  16  16  HIS HIS B . n 
A 1 11  ILE 11  17  17  ILE ILE B . n 
A 1 12  THR 12  18  18  THR THR B . n 
A 1 13  LEU 13  19  19  LEU LEU B . n 
A 1 14  ASP 14  20  20  ASP ASP B . n 
A 1 15  ARG 15  21  21  ARG ARG B . n 
A 1 16  ASN 16  22  22  ASN ASN B . n 
A 1 17  THR 17  23  23  THR THR B . n 
A 1 18  ALA 18  24  24  ALA ALA B . n 
A 1 19  ASN 19  25  25  ASN ASN B . n 
A 1 20  SER 20  26  26  SER SER B . n 
A 1 21  TRP 21  27  27  TRP TRP B . n 
A 1 22  LEU 22  28  28  LEU LEU B . n 
A 1 23  ILE 23  29  29  ILE ILE B . n 
A 1 24  ILE 24  30  30  ILE ILE B . n 
A 1 25  SER 25  31  31  SER SER B . n 
A 1 26  LYS 26  32  32  LYS LYS B . n 
A 1 27  ASP 27  33  33  ASP ASP B . n 
A 1 28  ARG 28  34  34  ARG ARG B . n 
A 1 29  ARG 29  35  35  ARG ARG B . n 
A 1 30  GLN 30  36  36  GLN GLN B . n 
A 1 31  VAL 31  37  37  VAL VAL B . n 
A 1 32  ARG 32  38  38  ARG ARG B . n 
A 1 33  MET 33  39  39  MET MET B . n 
A 1 34  GLY 34  40  40  GLY GLY B . n 
A 1 35  ASP 35  41  41  ASP ASP B . n 
A 1 36  THR 36  42  42  THR THR B . n 
A 1 37  HIS 37  43  43  HIS HIS B . n 
A 1 38  GLN 38  44  44  GLN GLN B . n 
A 1 39  ASN 39  45  45  ASN ASN B . n 
A 1 40  VAL 40  46  46  VAL VAL B . n 
A 1 41  SER 41  47  47  SER SER B . n 
A 1 42  ASP 42  48  48  ASP ASP B . n 
A 1 43  ASN 43  49  49  ASN ASN B . n 
A 1 44  LYS 44  50  50  LYS LYS B . n 
A 1 45  GLU 45  51  51  GLU GLU B . n 
A 1 46  ARG 46  52  52  ARG ARG B . n 
A 1 47  PHE 47  53  53  PHE PHE B . n 
A 1 48  SER 48  54  54  SER SER B . n 
A 1 49  ASN 49  55  55  ASN ASN B . n 
A 1 50  TYR 50  56  56  TYR TYR B . n 
A 1 51  PRO 51  57  57  PRO PRO B . n 
A 1 52  MET 52  58  58  MET MET B . n 
A 1 53  VAL 53  59  59  VAL VAL B . n 
A 1 54  LEU 54  60  60  LEU LEU B . n 
A 1 55  GLY 55  61  61  GLY GLY B . n 
A 1 56  ALA 56  62  62  ALA ALA B . n 
A 1 57  GLN 57  63  63  GLN GLN B . n 
A 1 58  ARG 58  64  64  ARG ARG B . n 
A 1 59  PHE 59  65  65  PHE PHE B . n 
A 1 60  SER 60  66  66  SER SER B . n 
A 1 61  SER 61  67  67  SER SER B . n 
A 1 62  GLY 62  68  68  GLY GLY B . n 
A 1 63  LYS 63  69  69  LYS LYS B . n 
A 1 64  MET 64  70  70  MET MET B . n 
A 1 65  TYR 65  71  71  TYR TYR B . n 
A 1 66  TRP 66  72  72  TRP TRP B . n 
A 1 67  GLU 67  73  73  GLU GLU B . n 
A 1 68  VAL 68  74  74  VAL VAL B . n 
A 1 69  ASP 69  75  75  ASP ASP B . n 
A 1 70  VAL 70  76  76  VAL VAL B . n 
A 1 71  THR 71  77  77  THR THR B . n 
A 1 72  GLN 72  78  78  GLN GLN B . n 
A 1 73  LYS 73  79  79  LYS LYS B . n 
A 1 74  GLU 74  80  80  GLU GLU B . n 
A 1 75  ALA 75  81  81  ALA ALA B . n 
A 1 76  TRP 76  82  82  TRP TRP B . n 
A 1 77  ASP 77  83  83  ASP ASP B . n 
A 1 78  LEU 78  84  84  LEU LEU B . n 
A 1 79  GLY 79  85  85  GLY GLY B . n 
A 1 80  VAL 80  86  86  VAL VAL B . n 
A 1 81  CYS 81  87  87  CYS CYS B . n 
A 1 82  ARG 82  88  88  ARG ARG B . n 
A 1 83  ASP 83  89  89  ASP ASP B . n 
A 1 84  SER 84  90  90  SER SER B . n 
A 1 85  VAL 85  91  91  VAL VAL B . n 
A 1 86  GLN 86  92  92  GLN GLN B . n 
A 1 87  ARG 87  93  93  ARG ARG B . n 
A 1 88  LYS 88  94  94  LYS LYS B . n 
A 1 89  GLY 89  95  95  GLY GLY B . n 
A 1 90  GLN 90  96  96  GLN GLN B . n 
A 1 91  PHE 91  97  97  PHE PHE B . n 
A 1 92  SER 92  98  98  SER SER B . n 
A 1 93  LEU 93  99  99  LEU LEU B . n 
A 1 94  SER 94  100 100 SER SER B . n 
A 1 95  PRO 95  101 101 PRO PRO B . n 
A 1 96  GLU 96  102 102 GLU GLU B . n 
A 1 97  ASN 97  103 103 ASN ASN B . n 
A 1 98  GLY 98  104 104 GLY GLY B . n 
A 1 99  PHE 99  105 105 PHE PHE B . n 
A 1 100 TRP 100 106 106 TRP TRP B . n 
A 1 101 THR 101 107 107 THR THR B . n 
A 1 102 ILE 102 108 108 ILE ILE B . n 
A 1 103 TRP 103 109 109 TRP TRP B . n 
A 1 104 LEU 104 110 110 LEU LEU B . n 
A 1 105 TRP 105 111 111 TRP TRP B . n 
A 1 106 GLN 106 112 112 GLN GLN B . n 
A 1 107 ASP 107 113 113 ASP ASP B . n 
A 1 108 SER 108 114 114 SER SER B . n 
A 1 109 TYR 109 115 115 TYR TYR B . n 
A 1 110 GLU 110 116 116 GLU GLU B . n 
A 1 111 ALA 111 117 117 ALA ALA B . n 
A 1 112 GLY 112 118 118 GLY GLY B . n 
A 1 113 THR 113 119 119 THR THR B . n 
A 1 114 SER 114 120 120 SER SER B . n 
A 1 115 PRO 115 121 121 PRO PRO B . n 
A 1 116 GLN 116 122 122 GLN GLN B . n 
A 1 117 THR 117 123 123 THR THR B . n 
A 1 118 THR 118 124 124 THR THR B . n 
A 1 119 LEU 119 125 125 LEU LEU B . n 
A 1 120 HIS 120 126 126 HIS HIS B . n 
A 1 121 ILE 121 127 127 ILE ILE B . n 
A 1 122 GLN 122 128 128 GLN GLN B . n 
A 1 123 VAL 123 129 129 VAL VAL B . n 
A 1 124 PRO 124 130 130 PRO PRO B . n 
A 1 125 PRO 125 131 131 PRO PRO B . n 
A 1 126 CYS 126 132 132 CYS CYS B . n 
A 1 127 GLN 127 133 133 GLN GLN B . n 
A 1 128 ILE 128 134 134 ILE ILE B . n 
A 1 129 GLY 129 135 135 GLY GLY B . n 
A 1 130 ILE 130 136 136 ILE ILE B . n 
A 1 131 PHE 131 137 137 PHE PHE B . n 
A 1 132 VAL 132 138 138 VAL VAL B . n 
A 1 133 ASP 133 139 139 ASP ASP B . n 
A 1 134 TYR 134 140 140 TYR TYR B . n 
A 1 135 GLU 135 141 141 GLU GLU B . n 
A 1 136 ALA 136 142 142 ALA ALA B . n 
A 1 137 GLY 137 143 143 GLY GLY B . n 
A 1 138 VAL 138 144 144 VAL VAL B . n 
A 1 139 VAL 139 145 145 VAL VAL B . n 
A 1 140 SER 140 146 146 SER SER B . n 
A 1 141 PHE 141 147 147 PHE PHE B . n 
A 1 142 TYR 142 148 148 TYR TYR B . n 
A 1 143 ASN 143 149 149 ASN ASN B . n 
A 1 144 ILE 144 150 150 ILE ILE B . n 
A 1 145 THR 145 151 151 THR THR B . n 
A 1 146 ASP 146 152 152 ASP ASP B . n 
A 1 147 HIS 147 153 153 HIS HIS B . n 
A 1 148 GLY 148 154 154 GLY GLY B . n 
A 1 149 SER 149 155 155 SER SER B . n 
A 1 150 LEU 150 156 156 LEU LEU B . n 
A 1 151 ILE 151 157 157 ILE ILE B . n 
A 1 152 TYR 152 158 158 TYR TYR B . n 
A 1 153 THR 153 159 159 THR THR B . n 
A 1 154 PHE 154 160 160 PHE PHE B . n 
A 1 155 SER 155 161 161 SER SER B . n 
A 1 156 GLU 156 162 162 GLU GLU B . n 
A 1 157 CYS 157 163 163 CYS CYS B . n 
A 1 158 VAL 158 164 164 VAL VAL B . n 
A 1 159 PHE 159 165 165 PHE PHE B . n 
A 1 160 ALA 160 166 166 ALA ALA B . n 
A 1 161 GLY 161 167 167 GLY GLY B . n 
A 1 162 PRO 162 168 168 PRO PRO B . n 
A 1 163 LEU 163 169 169 LEU LEU B . n 
A 1 164 ARG 164 170 170 ARG ARG B . n 
A 1 165 PRO 165 171 171 PRO PRO B . n 
A 1 166 PHE 166 172 172 PHE PHE B . n 
A 1 167 PHE 167 173 173 PHE PHE B . n 
A 1 168 ASN 168 174 174 ASN ASN B . n 
A 1 169 VAL 169 175 175 VAL VAL B . n 
A 1 170 GLY 170 176 176 GLY GLY B . n 
A 1 171 PHE 171 177 177 PHE PHE B . n 
A 1 172 ASN 172 178 178 ASN ASN B . n 
A 1 173 TYR 173 179 179 TYR TYR B . n 
A 1 174 SER 174 180 180 SER SER B . n 
A 1 175 GLY 175 181 181 GLY GLY B . n 
A 1 176 GLY 176 182 182 GLY GLY B . n 
A 1 177 ASN 177 183 183 ASN ASN B . n 
A 1 178 ALA 178 184 184 ALA ALA B . n 
A 1 179 ALA 179 185 185 ALA ALA B . n 
A 1 180 PRO 180 186 186 PRO PRO B . n 
A 1 181 LEU 181 187 187 LEU LEU B . n 
A 1 182 LYS 182 188 188 LYS LYS B . n 
A 1 183 LEU 183 189 189 LEU LEU B . n 
A 1 184 CYS 184 190 190 CYS CYS B . n 
A 1 185 PRO 185 191 191 PRO PRO B . n 
A 1 186 LEU 186 192 192 LEU LEU B . n 
A 1 187 LYS 187 193 ?   ?   ?   B . n 
A 1 188 MET 188 194 ?   ?   ?   B . n 
# 
_pdbx_entity_instance_feature.ordinal        1 
_pdbx_entity_instance_feature.comp_id        UXD 
_pdbx_entity_instance_feature.asym_id        ? 
_pdbx_entity_instance_feature.seq_num        ? 
_pdbx_entity_instance_feature.auth_comp_id   UXD 
_pdbx_entity_instance_feature.auth_asym_id   ? 
_pdbx_entity_instance_feature.auth_seq_num   ? 
_pdbx_entity_instance_feature.feature_type   'SUBJECT OF INVESTIGATION' 
_pdbx_entity_instance_feature.details        ? 
# 
loop_
_pdbx_nonpoly_scheme.asym_id 
_pdbx_nonpoly_scheme.entity_id 
_pdbx_nonpoly_scheme.mon_id 
_pdbx_nonpoly_scheme.ndb_seq_num 
_pdbx_nonpoly_scheme.pdb_seq_num 
_pdbx_nonpoly_scheme.auth_seq_num 
_pdbx_nonpoly_scheme.pdb_mon_id 
_pdbx_nonpoly_scheme.auth_mon_id 
_pdbx_nonpoly_scheme.pdb_strand_id 
_pdbx_nonpoly_scheme.pdb_ins_code 
B 2 EDO 1   201 202 EDO EDO B . 
C 3 UXD 1   202 302 UXD LIG B . 
D 2 EDO 1   203 305 EDO EDO B . 
E 4 SO4 1   204 1   SO4 SO4 B . 
F 5 HOH 1   301 11  HOH HOH B . 
F 5 HOH 2   302 4   HOH HOH B . 
F 5 HOH 3   303 2   HOH HOH B . 
F 5 HOH 4   304 29  HOH HOH B . 
F 5 HOH 5   305 12  HOH HOH B . 
F 5 HOH 6   306 21  HOH HOH B . 
F 5 HOH 7   307 26  HOH HOH B . 
F 5 HOH 8   308 27  HOH HOH B . 
F 5 HOH 9   309 1   HOH HOH B . 
F 5 HOH 10  310 33  HOH HOH B . 
F 5 HOH 11  311 99  HOH HOH B . 
F 5 HOH 12  312 40  HOH HOH B . 
F 5 HOH 13  313 63  HOH HOH B . 
F 5 HOH 14  314 34  HOH HOH B . 
F 5 HOH 15  315 5   HOH HOH B . 
F 5 HOH 16  316 95  HOH HOH B . 
F 5 HOH 17  317 16  HOH HOH B . 
F 5 HOH 18  318 25  HOH HOH B . 
F 5 HOH 19  319 90  HOH HOH B . 
F 5 HOH 20  320 129 HOH HOH B . 
F 5 HOH 21  321 51  HOH HOH B . 
F 5 HOH 22  322 102 HOH HOH B . 
F 5 HOH 23  323 100 HOH HOH B . 
F 5 HOH 24  324 86  HOH HOH B . 
F 5 HOH 25  325 11  HOH HOH B . 
F 5 HOH 26  326 31  HOH HOH B . 
F 5 HOH 27  327 9   HOH HOH B . 
F 5 HOH 28  328 70  HOH HOH B . 
F 5 HOH 29  329 157 HOH HOH B . 
F 5 HOH 30  330 10  HOH HOH B . 
F 5 HOH 31  331 16  HOH HOH B . 
F 5 HOH 32  332 39  HOH HOH B . 
F 5 HOH 33  333 72  HOH HOH B . 
F 5 HOH 34  334 80  HOH HOH B . 
F 5 HOH 35  335 58  HOH HOH B . 
F 5 HOH 36  336 68  HOH HOH B . 
F 5 HOH 37  337 89  HOH HOH B . 
F 5 HOH 38  338 18  HOH HOH B . 
F 5 HOH 39  339 81  HOH HOH B . 
F 5 HOH 40  340 62  HOH HOH B . 
F 5 HOH 41  341 36  HOH HOH B . 
F 5 HOH 42  342 2   HOH HOH B . 
F 5 HOH 43  343 20  HOH HOH B . 
F 5 HOH 44  344 26  HOH HOH B . 
F 5 HOH 45  345 22  HOH HOH B . 
F 5 HOH 46  346 7   HOH HOH B . 
F 5 HOH 47  347 85  HOH HOH B . 
F 5 HOH 48  348 126 HOH HOH B . 
F 5 HOH 49  349 267 HOH HOH B . 
F 5 HOH 50  350 55  HOH HOH B . 
F 5 HOH 51  351 29  HOH HOH B . 
F 5 HOH 52  352 27  HOH HOH B . 
F 5 HOH 53  353 28  HOH HOH B . 
F 5 HOH 54  354 50  HOH HOH B . 
F 5 HOH 55  355 19  HOH HOH B . 
F 5 HOH 56  356 10  HOH HOH B . 
F 5 HOH 57  357 66  HOH HOH B . 
F 5 HOH 58  358 15  HOH HOH B . 
F 5 HOH 59  359 211 HOH HOH B . 
F 5 HOH 60  360 4   HOH HOH B . 
F 5 HOH 61  361 1   HOH HOH B . 
F 5 HOH 62  362 47  HOH HOH B . 
F 5 HOH 63  363 93  HOH HOH B . 
F 5 HOH 64  364 6   HOH HOH B . 
F 5 HOH 65  365 61  HOH HOH B . 
F 5 HOH 66  366 184 HOH HOH B . 
F 5 HOH 67  367 25  HOH HOH B . 
F 5 HOH 68  368 8   HOH HOH B . 
F 5 HOH 69  369 17  HOH HOH B . 
F 5 HOH 70  370 43  HOH HOH B . 
F 5 HOH 71  371 304 HOH HOH B . 
F 5 HOH 72  372 13  HOH HOH B . 
F 5 HOH 73  373 59  HOH HOH B . 
F 5 HOH 74  374 3   HOH HOH B . 
F 5 HOH 75  375 3   HOH HOH B . 
F 5 HOH 76  376 116 HOH HOH B . 
F 5 HOH 77  377 71  HOH HOH B . 
F 5 HOH 78  378 214 HOH HOH B . 
F 5 HOH 79  379 14  HOH HOH B . 
F 5 HOH 80  380 264 HOH HOH B . 
F 5 HOH 81  381 76  HOH HOH B . 
F 5 HOH 82  382 82  HOH HOH B . 
F 5 HOH 83  383 24  HOH HOH B . 
F 5 HOH 84  384 32  HOH HOH B . 
F 5 HOH 85  385 45  HOH HOH B . 
F 5 HOH 86  386 172 HOH HOH B . 
F 5 HOH 87  387 32  HOH HOH B . 
F 5 HOH 88  388 281 HOH HOH B . 
F 5 HOH 89  389 46  HOH HOH B . 
F 5 HOH 90  390 137 HOH HOH B . 
F 5 HOH 91  391 64  HOH HOH B . 
F 5 HOH 92  392 303 HOH HOH B . 
F 5 HOH 93  393 48  HOH HOH B . 
F 5 HOH 94  394 156 HOH HOH B . 
F 5 HOH 95  395 56  HOH HOH B . 
F 5 HOH 96  396 125 HOH HOH B . 
F 5 HOH 97  397 60  HOH HOH B . 
F 5 HOH 98  398 97  HOH HOH B . 
F 5 HOH 99  399 23  HOH HOH B . 
F 5 HOH 100 400 18  HOH HOH B . 
F 5 HOH 101 401 33  HOH HOH B . 
F 5 HOH 102 402 8   HOH HOH B . 
F 5 HOH 103 403 49  HOH HOH B . 
F 5 HOH 104 404 20  HOH HOH B . 
F 5 HOH 105 405 54  HOH HOH B . 
F 5 HOH 106 406 112 HOH HOH B . 
F 5 HOH 107 407 30  HOH HOH B . 
F 5 HOH 108 408 42  HOH HOH B . 
F 5 HOH 109 409 7   HOH HOH B . 
F 5 HOH 110 410 57  HOH HOH B . 
F 5 HOH 111 411 120 HOH HOH B . 
F 5 HOH 112 412 257 HOH HOH B . 
F 5 HOH 113 413 154 HOH HOH B . 
F 5 HOH 114 414 38  HOH HOH B . 
F 5 HOH 115 415 22  HOH HOH B . 
F 5 HOH 116 416 15  HOH HOH B . 
F 5 HOH 117 417 103 HOH HOH B . 
F 5 HOH 118 418 140 HOH HOH B . 
F 5 HOH 119 419 263 HOH HOH B . 
F 5 HOH 120 420 41  HOH HOH B . 
F 5 HOH 121 421 69  HOH HOH B . 
F 5 HOH 122 422 5   HOH HOH B . 
F 5 HOH 123 423 44  HOH HOH B . 
F 5 HOH 124 424 53  HOH HOH B . 
F 5 HOH 125 425 19  HOH HOH B . 
F 5 HOH 126 426 197 HOH HOH B . 
F 5 HOH 127 427 30  HOH HOH B . 
F 5 HOH 128 428 133 HOH HOH B . 
F 5 HOH 129 429 114 HOH HOH B . 
F 5 HOH 130 430 266 HOH HOH B . 
F 5 HOH 131 431 107 HOH HOH B . 
F 5 HOH 132 432 23  HOH HOH B . 
F 5 HOH 133 433 115 HOH HOH B . 
F 5 HOH 134 434 21  HOH HOH B . 
F 5 HOH 135 435 98  HOH HOH B . 
F 5 HOH 136 436 104 HOH HOH B . 
F 5 HOH 137 437 166 HOH HOH B . 
F 5 HOH 138 438 205 HOH HOH B . 
F 5 HOH 139 439 127 HOH HOH B . 
F 5 HOH 140 440 14  HOH HOH B . 
F 5 HOH 141 441 131 HOH HOH B . 
F 5 HOH 142 442 259 HOH HOH B . 
# 
loop_
_pdbx_unobs_or_zero_occ_atoms.id 
_pdbx_unobs_or_zero_occ_atoms.PDB_model_num 
_pdbx_unobs_or_zero_occ_atoms.polymer_flag 
_pdbx_unobs_or_zero_occ_atoms.occupancy_flag 
_pdbx_unobs_or_zero_occ_atoms.auth_asym_id 
_pdbx_unobs_or_zero_occ_atoms.auth_comp_id 
_pdbx_unobs_or_zero_occ_atoms.auth_seq_id 
_pdbx_unobs_or_zero_occ_atoms.PDB_ins_code 
_pdbx_unobs_or_zero_occ_atoms.auth_atom_id 
_pdbx_unobs_or_zero_occ_atoms.label_alt_id 
_pdbx_unobs_or_zero_occ_atoms.label_asym_id 
_pdbx_unobs_or_zero_occ_atoms.label_comp_id 
_pdbx_unobs_or_zero_occ_atoms.label_seq_id 
_pdbx_unobs_or_zero_occ_atoms.label_atom_id 
1 1 Y 1 B LEU 192 ? CG  ? A LEU 186 CG  
2 1 Y 1 B LEU 192 ? CD1 ? A LEU 186 CD1 
3 1 Y 1 B LEU 192 ? CD2 ? A LEU 186 CD2 
# 
loop_
_software.pdbx_ordinal 
_software.name 
_software.version 
_software.date 
_software.type 
_software.contact_author 
_software.contact_author_email 
_software.classification 
_software.location 
_software.language 
_software.citation_id 
1 REFMAC      5.8.0267 ?               program 'Garib N. Murshudov' garib@ysbl.york.ac.uk    refinement        
http://www.ccp4.ac.uk/dist/html/refmac5.html        Fortran_77 ? 
2 Aimless     0.7.7    23/04/21        program 'Phil Evans'         ?                        'data scaling'    
http://www.mrc-lmb.cam.ac.uk/harry/pre/aimless.html ?          ? 
3 PDB_EXTRACT 3.23     'SEP. 23, 2016' package PDB                  deposit@deposit.rcsb.org 'data extraction' 
http://sw-tools.pdb.org/apps/PDB_EXTRACT/           C++        ? 
4 XDS         .        ?               program ?                    ?                        'data reduction'  ? ?          ? 
5 REFMAC      .        ?               program ?                    ?                        phasing           ? ?          ? 
# 
_cell.entry_id           7HO5 
_cell.length_a           95.394 
_cell.length_b           95.394 
_cell.length_c           45.715 
_cell.angle_alpha        90.000 
_cell.angle_beta         90.000 
_cell.angle_gamma        90.000 
_cell.Z_PDB              8 
_cell.pdbx_unique_axis   ? 
# 
_symmetry.entry_id                         7HO5 
_symmetry.space_group_name_H-M             'I 4' 
_symmetry.pdbx_full_space_group_name_H-M   ? 
_symmetry.cell_setting                     ? 
_symmetry.Int_Tables_number                79 
# 
_exptl.crystals_number   1 
_exptl.entry_id          7HO5 
_exptl.method            'X-RAY DIFFRACTION' 
# 
_exptl_crystal.id                    1 
_exptl_crystal.pdbx_mosaicity        0.000 
_exptl_crystal.pdbx_mosaicity_esd    ? 
_exptl_crystal.density_Matthews      2.41 
_exptl_crystal.density_diffrn        ? 
_exptl_crystal.density_meas          ? 
_exptl_crystal.density_meas_temp     ? 
_exptl_crystal.density_percent_sol   48.92 
_exptl_crystal.size_max              ? 
_exptl_crystal.size_mid              ? 
_exptl_crystal.size_min              ? 
_exptl_crystal.size_rad              ? 
_exptl_crystal.description           ? 
# 
_exptl_crystal_grow.crystal_id      1 
_exptl_crystal_grow.method          'VAPOR DIFFUSION, SITTING DROP' 
_exptl_crystal_grow.pH              8 
_exptl_crystal_grow.temp            293 
_exptl_crystal_grow.pdbx_details    '4 % PEG 400, 2 M AmmSO4, 0.1 M HEPES pH 8' 
_exptl_crystal_grow.temp_details    ? 
_exptl_crystal_grow.pdbx_pH_range   ? 
# 
_diffrn.id                     1 
_diffrn.ambient_temp           100 
_diffrn.crystal_id             1 
_diffrn.ambient_temp_details   ? 
# 
_diffrn_detector.detector               PIXEL 
_diffrn_detector.type                   'DECTRIS EIGER2 XE 9M' 
_diffrn_detector.pdbx_collection_date   2024-07-04 
_diffrn_detector.diffrn_id              1 
_diffrn_detector.details                ? 
# 
_diffrn_radiation.diffrn_id                        1 
_diffrn_radiation.wavelength_id                    1 
_diffrn_radiation.pdbx_diffrn_protocol             'SINGLE WAVELENGTH' 
_diffrn_radiation.pdbx_monochromatic_or_laue_m_l   ? 
_diffrn_radiation.monochromator                    ? 
_diffrn_radiation.pdbx_scattering_type             x-ray 
# 
_diffrn_radiation_wavelength.id           1 
_diffrn_radiation_wavelength.wavelength   0.92134 
_diffrn_radiation_wavelength.wt           1.0 
# 
_diffrn_source.diffrn_id                   1 
_diffrn_source.source                      SYNCHROTRON 
_diffrn_source.type                        'DIAMOND BEAMLINE I04-1' 
_diffrn_source.pdbx_wavelength_list        0.92134 
_diffrn_source.pdbx_synchrotron_site       Diamond 
_diffrn_source.pdbx_synchrotron_beamline   I04-1 
_diffrn_source.pdbx_wavelength             ? 
# 
_reflns.entry_id                     7HO5 
_reflns.pdbx_diffrn_id               1 
_reflns.pdbx_ordinal                 1 
_reflns.observed_criterion_sigma_I   ? 
_reflns.observed_criterion_sigma_F   ? 
_reflns.d_resolution_low             67.450 
_reflns.d_resolution_high            1.180 
_reflns.number_obs                   61408 
_reflns.number_all                   ? 
_reflns.percent_possible_obs         90.900 
_reflns.pdbx_Rmerge_I_obs            0.048 
_reflns.pdbx_Rsym_value              ? 
_reflns.pdbx_netI_over_sigmaI        22.700 
_reflns.B_iso_Wilson_estimate        ? 
_reflns.pdbx_redundancy              9.500 
_reflns.pdbx_Rrim_I_all              0.050 
_reflns.pdbx_Rpim_I_all              0.014 
_reflns.pdbx_CC_half                 1.000 
_reflns.pdbx_netI_over_av_sigmaI     ? 
_reflns.pdbx_number_measured_all     585934 
_reflns.pdbx_scaling_rejects         0 
_reflns.pdbx_chi_squared             ? 
_reflns.Rmerge_F_all                 ? 
_reflns.Rmerge_F_obs                 ? 
_reflns.observed_criterion_F_max     ? 
_reflns.observed_criterion_F_min     ? 
_reflns.observed_criterion_I_max     ? 
_reflns.observed_criterion_I_min     ? 
_reflns.pdbx_d_res_high_opt          ? 
_reflns.pdbx_d_res_low_opt           ? 
_reflns.details                      ? 
# 
loop_
_reflns_shell.pdbx_diffrn_id 
_reflns_shell.pdbx_ordinal 
_reflns_shell.d_res_high 
_reflns_shell.d_res_low 
_reflns_shell.number_measured_obs 
_reflns_shell.number_measured_all 
_reflns_shell.number_unique_obs 
_reflns_shell.pdbx_rejects 
_reflns_shell.Rmerge_I_obs 
_reflns_shell.meanI_over_sigI_obs 
_reflns_shell.pdbx_Rsym_value 
_reflns_shell.pdbx_chi_squared 
_reflns_shell.pdbx_redundancy 
_reflns_shell.percent_possible_obs 
_reflns_shell.pdbx_netI_over_sigmaI_obs 
_reflns_shell.number_possible 
_reflns_shell.number_unique_all 
_reflns_shell.Rmerge_F_all 
_reflns_shell.Rmerge_F_obs 
_reflns_shell.Rmerge_I_all 
_reflns_shell.meanI_over_sigI_all 
_reflns_shell.percent_possible_all 
_reflns_shell.pdbx_Rrim_I_all 
_reflns_shell.pdbx_Rpim_I_all 
_reflns_shell.pdbx_CC_half 
1 1 1.180 1.200  ? 1471 1189 ? 0.608 ? ? ? 1.200  ? 0.500   ? ? ? ? ? ? 35.800 0.836 0.570 0.511 
1 2 6.460 67.450 ? 5601 445  ? 0.032 ? ? ? 12.600 ? 125.300 ? ? ? ? ? ? 99.900 0.033 0.010 0.998 
# 
_refine.entry_id                                 7HO5 
_refine.pdbx_refine_id                           'X-RAY DIFFRACTION' 
_refine.ls_d_res_high                            1.1800 
_refine.ls_d_res_low                             67.4500 
_refine.pdbx_ls_sigma_F                          0.000 
_refine.pdbx_data_cutoff_high_absF               ? 
_refine.pdbx_data_cutoff_low_absF                ? 
_refine.ls_percent_reflns_obs                    90.8000 
_refine.ls_number_reflns_obs                     58429 
_refine.ls_number_reflns_all                     ? 
_refine.pdbx_ls_cross_valid_method               THROUGHOUT 
_refine.ls_matrix_type                           ? 
_refine.pdbx_R_Free_selection_details            RANDOM 
_refine.details                                  
'HYDROGENS HAVE BEEN ADDED IN THE RIDING POSITIONS U VALUES      : REFINED INDIVIDUALLY' 
_refine.ls_R_factor_all                          ? 
_refine.ls_R_factor_obs                          0.1802 
_refine.ls_R_factor_R_work                       0.1793 
_refine.ls_wR_factor_R_work                      ? 
_refine.ls_R_factor_R_free                       0.1959 
_refine.ls_wR_factor_R_free                      ? 
_refine.ls_percent_reflns_R_free                 4.8000 
_refine.ls_number_reflns_R_free                  2978 
_refine.ls_number_reflns_R_work                  ? 
_refine.ls_R_factor_R_free_error                 ? 
_refine.B_iso_mean                               15.0350 
_refine.solvent_model_param_bsol                 ? 
_refine.solvent_model_param_ksol                 ? 
_refine.pdbx_isotropic_thermal_model             ? 
_refine.aniso_B[1][1]                            0.0400 
_refine.aniso_B[2][2]                            0.0400 
_refine.aniso_B[3][3]                            -0.0800 
_refine.aniso_B[1][2]                            -0.0000 
_refine.aniso_B[1][3]                            -0.0000 
_refine.aniso_B[2][3]                            -0.0000 
_refine.correlation_coeff_Fo_to_Fc               0.9700 
_refine.correlation_coeff_Fo_to_Fc_free          0.9650 
_refine.overall_SU_R_Cruickshank_DPI             ? 
_refine.pdbx_overall_SU_R_free_Cruickshank_DPI   ? 
_refine.pdbx_overall_SU_R_Blow_DPI               ? 
_refine.pdbx_overall_SU_R_free_Blow_DPI          ? 
_refine.overall_SU_R_free                        ? 
_refine.pdbx_overall_ESU_R                       0.0430 
_refine.pdbx_overall_ESU_R_Free                  0.0440 
_refine.overall_SU_ML                            0.0340 
_refine.overall_SU_B                             0.8150 
_refine.solvent_model_details                    MASK 
_refine.pdbx_solvent_vdw_probe_radii             1.2000 
_refine.pdbx_solvent_ion_probe_radii             0.8000 
_refine.pdbx_solvent_shrinkage_radii             0.8000 
_refine.ls_number_parameters                     ? 
_refine.ls_number_restraints                     ? 
_refine.pdbx_starting_model                      ? 
_refine.pdbx_method_to_determine_struct          'FOURIER SYNTHESIS' 
_refine.pdbx_stereochemistry_target_values       'MAXIMUM LIKELIHOOD' 
_refine.pdbx_stereochem_target_val_spec_case     ? 
_refine.overall_FOM_work_R_set                   ? 
_refine.B_iso_max                                69.340 
_refine.B_iso_min                                7.540 
_refine.pdbx_overall_phase_error                 ? 
_refine.occupancy_max                            ? 
_refine.occupancy_min                            ? 
_refine.pdbx_diffrn_id                           1 
_refine.pdbx_TLS_residual_ADP_flag               ? 
_refine.pdbx_ls_sigma_I                          ? 
_refine.pdbx_data_cutoff_high_rms_absF           ? 
_refine.ls_R_factor_R_free_error_details         ? 
# 
_refine_hist.cycle_id                         final 
_refine_hist.pdbx_refine_id                   'X-RAY DIFFRACTION' 
_refine_hist.d_res_high                       1.1800 
_refine_hist.d_res_low                        67.4500 
_refine_hist.pdbx_number_atoms_ligand         25 
_refine_hist.number_atoms_solvent             142 
_refine_hist.number_atoms_total               1660 
_refine_hist.pdbx_number_residues_total       185 
_refine_hist.pdbx_B_iso_mean_ligand           31.93 
_refine_hist.pdbx_B_iso_mean_solvent          25.50 
_refine_hist.pdbx_number_atoms_protein        1493 
_refine_hist.pdbx_number_atoms_nucleic_acid   0 
# 
loop_
_refine_ls_restr.pdbx_refine_id 
_refine_ls_restr.type 
_refine_ls_restr.number 
_refine_ls_restr.dev_ideal 
_refine_ls_restr.dev_ideal_target 
_refine_ls_restr.weight 
_refine_ls_restr.pdbx_restraint_function 
'X-RAY DIFFRACTION' r_bond_refined_d       1985 0.013  0.013  ? ? 
'X-RAY DIFFRACTION' r_bond_other_d         1602 0.001  0.015  ? ? 
'X-RAY DIFFRACTION' r_angle_refined_deg    2500 1.832  1.640  ? ? 
'X-RAY DIFFRACTION' r_angle_other_deg      3701 1.446  1.580  ? ? 
'X-RAY DIFFRACTION' r_dihedral_angle_1_deg 235  7.192  5.000  ? ? 
'X-RAY DIFFRACTION' r_dihedral_angle_2_deg 109  27.649 21.009 ? ? 
'X-RAY DIFFRACTION' r_dihedral_angle_3_deg 285  11.235 15.000 ? ? 
'X-RAY DIFFRACTION' r_dihedral_angle_4_deg 15   21.362 15.000 ? ? 
'X-RAY DIFFRACTION' r_chiral_restr         217  0.083  0.200  ? ? 
'X-RAY DIFFRACTION' r_gen_planes_refined   2228 0.011  0.020  ? ? 
'X-RAY DIFFRACTION' r_gen_planes_other     492  0.002  0.020  ? ? 
'X-RAY DIFFRACTION' r_mcbond_it            950  1.296  1.331  ? ? 
'X-RAY DIFFRACTION' r_mcbond_other         942  1.267  1.319  ? ? 
'X-RAY DIFFRACTION' r_mcangle_it           1129 2.055  1.990  ? ? 
# 
_refine_ls_shell.d_res_high                       1.1800 
_refine_ls_shell.d_res_low                        1.2110 
_refine_ls_shell.pdbx_total_number_of_bins_used   20 
_refine_ls_shell.percent_reflns_obs               38.6000 
_refine_ls_shell.number_reflns_R_work             1841 
_refine_ls_shell.R_factor_all                     ? 
_refine_ls_shell.R_factor_R_work                  0.3440 
_refine_ls_shell.R_factor_R_free                  0.3510 
_refine_ls_shell.percent_reflns_R_free            ? 
_refine_ls_shell.number_reflns_R_free             88 
_refine_ls_shell.R_factor_R_free_error            ? 
_refine_ls_shell.number_reflns_all                1929 
_refine_ls_shell.number_reflns_obs                ? 
_refine_ls_shell.pdbx_refine_id                   'X-RAY DIFFRACTION' 
# 
_struct.entry_id                  7HO5 
_struct.title                     'PanDDA analysis group deposition -- Crystal Structure of TRIM21 in complex with Z1266933824' 
_struct.pdbx_model_details        ? 
_struct.pdbx_CASP_flag            ? 
_struct.pdbx_model_type_details   ? 
# 
_struct_keywords.entry_id        7HO5 
_struct_keywords.text            'SGC - Diamond I04-1 fragment screening, PanDDA, XChemExplorer, TRIM21, LIGASE' 
_struct_keywords.pdbx_keywords   LIGASE 
# 
loop_
_struct_asym.id 
_struct_asym.pdbx_blank_PDB_chainid_flag 
_struct_asym.pdbx_modified 
_struct_asym.entity_id 
_struct_asym.details 
A N N 1 ? 
B N N 2 ? 
C N N 3 ? 
D N N 2 ? 
E N N 4 ? 
F N N 5 ? 
# 
_struct_ref.id                         1 
_struct_ref.db_name                    UNP 
_struct_ref.db_code                    RO52_MOUSE 
_struct_ref.pdbx_db_accession          Q62191 
_struct_ref.pdbx_db_isoform            ? 
_struct_ref.entity_id                  1 
_struct_ref.pdbx_seq_one_letter_code   
;VHITLDRNTANSWLIISKDRRQVRMGDTHQNVSDNKERFSNYPMVLGAQRFSSGKMYWEVDVTQKEAWDLGVCRDSVQRK
GQFSLSPENGFWTIWLWQDSYEAGTSPQTTLHIQVPPCQIGIFVDYEAGVVSFYNITDHGSLIYTFSECVFAGPLRPFFN
VGFNYSGGNAAPLKLCPLKM
;
_struct_ref.pdbx_align_begin           291 
# 
_struct_ref_seq.align_id                      1 
_struct_ref_seq.ref_id                        1 
_struct_ref_seq.pdbx_PDB_id_code              7HO5 
_struct_ref_seq.pdbx_strand_id                B 
_struct_ref_seq.seq_align_beg                 9 
_struct_ref_seq.pdbx_seq_align_beg_ins_code   ? 
_struct_ref_seq.seq_align_end                 188 
_struct_ref_seq.pdbx_seq_align_end_ins_code   ? 
_struct_ref_seq.pdbx_db_accession             Q62191 
_struct_ref_seq.db_align_beg                  291 
_struct_ref_seq.pdbx_db_align_beg_ins_code    ? 
_struct_ref_seq.db_align_end                  470 
_struct_ref_seq.pdbx_db_align_end_ins_code    ? 
_struct_ref_seq.pdbx_auth_seq_align_beg       15 
_struct_ref_seq.pdbx_auth_seq_align_end       194 
# 
loop_
_struct_ref_seq_dif.align_id 
_struct_ref_seq_dif.pdbx_pdb_id_code 
_struct_ref_seq_dif.mon_id 
_struct_ref_seq_dif.pdbx_pdb_strand_id 
_struct_ref_seq_dif.seq_num 
_struct_ref_seq_dif.pdbx_pdb_ins_code 
_struct_ref_seq_dif.pdbx_seq_db_name 
_struct_ref_seq_dif.pdbx_seq_db_accession_code 
_struct_ref_seq_dif.db_mon_id 
_struct_ref_seq_dif.pdbx_seq_db_seq_num 
_struct_ref_seq_dif.details 
_struct_ref_seq_dif.pdbx_auth_seq_num 
_struct_ref_seq_dif.pdbx_ordinal 
1 7HO5 MET B 1 ? UNP Q62191 ? ? 'initiating methionine' 7  1 
1 7HO5 HIS B 2 ? UNP Q62191 ? ? 'expression tag'        8  2 
1 7HO5 HIS B 3 ? UNP Q62191 ? ? 'expression tag'        9  3 
1 7HO5 HIS B 4 ? UNP Q62191 ? ? 'expression tag'        10 4 
1 7HO5 HIS B 5 ? UNP Q62191 ? ? 'expression tag'        11 5 
1 7HO5 HIS B 6 ? UNP Q62191 ? ? 'expression tag'        12 6 
1 7HO5 HIS B 7 ? UNP Q62191 ? ? 'expression tag'        13 7 
1 7HO5 MET B 8 ? UNP Q62191 ? ? 'expression tag'        14 8 
# 
_pdbx_struct_assembly.id                   1 
_pdbx_struct_assembly.details              author_defined_assembly 
_pdbx_struct_assembly.method_details       ? 
_pdbx_struct_assembly.oligomeric_details   monomeric 
_pdbx_struct_assembly.oligomeric_count     1 
# 
_pdbx_struct_assembly_gen.assembly_id       1 
_pdbx_struct_assembly_gen.oper_expression   1 
_pdbx_struct_assembly_gen.asym_id_list      A,B,C,D,E,F 
# 
_pdbx_struct_oper_list.id                   1 
_pdbx_struct_oper_list.type                 'identity operation' 
_pdbx_struct_oper_list.name                 1_555 
_pdbx_struct_oper_list.symmetry_operation   x,y,z 
_pdbx_struct_oper_list.matrix[1][1]         1.0000000000 
_pdbx_struct_oper_list.matrix[1][2]         0.0000000000 
_pdbx_struct_oper_list.matrix[1][3]         0.0000000000 
_pdbx_struct_oper_list.vector[1]            0.0000000000 
_pdbx_struct_oper_list.matrix[2][1]         0.0000000000 
_pdbx_struct_oper_list.matrix[2][2]         1.0000000000 
_pdbx_struct_oper_list.matrix[2][3]         0.0000000000 
_pdbx_struct_oper_list.vector[2]            0.0000000000 
_pdbx_struct_oper_list.matrix[3][1]         0.0000000000 
_pdbx_struct_oper_list.matrix[3][2]         0.0000000000 
_pdbx_struct_oper_list.matrix[3][3]         1.0000000000 
_pdbx_struct_oper_list.vector[3]            0.0000000000 
# 
loop_
_struct_conf.conf_type_id 
_struct_conf.id 
_struct_conf.pdbx_PDB_helix_id 
_struct_conf.beg_label_comp_id 
_struct_conf.beg_label_asym_id 
_struct_conf.beg_label_seq_id 
_struct_conf.pdbx_beg_PDB_ins_code 
_struct_conf.end_label_comp_id 
_struct_conf.end_label_asym_id 
_struct_conf.end_label_seq_id 
_struct_conf.pdbx_end_PDB_ins_code 
_struct_conf.beg_auth_comp_id 
_struct_conf.beg_auth_asym_id 
_struct_conf.beg_auth_seq_id 
_struct_conf.end_auth_comp_id 
_struct_conf.end_auth_asym_id 
_struct_conf.end_auth_seq_id 
_struct_conf.pdbx_PDB_helix_class 
_struct_conf.details 
_struct_conf.pdbx_PDB_helix_length 
HELX_P HELX_P1 AA1 HIS A 4  ? MET A 8  ? HIS B 10  MET B 14  5 ? 5 
HELX_P HELX_P2 AA2 ASP A 14 ? ALA A 18 ? ASP B 20  ALA B 24  5 ? 5 
HELX_P HELX_P3 AA3 SER A 94 ? ASN A 97 ? SER B 100 ASN B 103 5 ? 4 
# 
_struct_conf_type.id          HELX_P 
_struct_conf_type.criteria    ? 
_struct_conf_type.reference   ? 
# 
_struct_mon_prot_cis.pdbx_id                1 
_struct_mon_prot_cis.label_comp_id          SER 
_struct_mon_prot_cis.label_seq_id           114 
_struct_mon_prot_cis.label_asym_id          A 
_struct_mon_prot_cis.label_alt_id           . 
_struct_mon_prot_cis.pdbx_PDB_ins_code      ? 
_struct_mon_prot_cis.auth_comp_id           SER 
_struct_mon_prot_cis.auth_seq_id            120 
_struct_mon_prot_cis.auth_asym_id           B 
_struct_mon_prot_cis.pdbx_label_comp_id_2   PRO 
_struct_mon_prot_cis.pdbx_label_seq_id_2    115 
_struct_mon_prot_cis.pdbx_label_asym_id_2   A 
_struct_mon_prot_cis.pdbx_PDB_ins_code_2    ? 
_struct_mon_prot_cis.pdbx_auth_comp_id_2    PRO 
_struct_mon_prot_cis.pdbx_auth_seq_id_2     121 
_struct_mon_prot_cis.pdbx_auth_asym_id_2    B 
_struct_mon_prot_cis.pdbx_PDB_model_num     1 
_struct_mon_prot_cis.pdbx_omega_angle       -1.75 
# 
loop_
_struct_sheet.id 
_struct_sheet.type 
_struct_sheet.number_strands 
_struct_sheet.details 
AA1 ? 7 ? 
AA2 ? 6 ? 
# 
loop_
_struct_sheet_order.sheet_id 
_struct_sheet_order.range_id_1 
_struct_sheet_order.range_id_2 
_struct_sheet_order.offset 
_struct_sheet_order.sense 
AA1 1 2 ? anti-parallel 
AA1 2 3 ? anti-parallel 
AA1 3 4 ? anti-parallel 
AA1 4 5 ? anti-parallel 
AA1 5 6 ? anti-parallel 
AA1 6 7 ? anti-parallel 
AA2 1 2 ? anti-parallel 
AA2 2 3 ? anti-parallel 
AA2 3 4 ? anti-parallel 
AA2 4 5 ? anti-parallel 
AA2 5 6 ? anti-parallel 
# 
loop_
_struct_sheet_range.sheet_id 
_struct_sheet_range.id 
_struct_sheet_range.beg_label_comp_id 
_struct_sheet_range.beg_label_asym_id 
_struct_sheet_range.beg_label_seq_id 
_struct_sheet_range.pdbx_beg_PDB_ins_code 
_struct_sheet_range.end_label_comp_id 
_struct_sheet_range.end_label_asym_id 
_struct_sheet_range.end_label_seq_id 
_struct_sheet_range.pdbx_end_PDB_ins_code 
_struct_sheet_range.beg_auth_comp_id 
_struct_sheet_range.beg_auth_asym_id 
_struct_sheet_range.beg_auth_seq_id 
_struct_sheet_range.end_auth_comp_id 
_struct_sheet_range.end_auth_asym_id 
_struct_sheet_range.end_auth_seq_id 
AA1 1 LEU A 22  ? ILE A 24  ? LEU B 28  ILE B 30  
AA1 2 GLN A 30  ? MET A 33  ? GLN B 36  MET B 39  
AA1 3 LEU A 181 ? LEU A 183 ? LEU B 187 LEU B 189 
AA1 4 LYS A 63  ? ASP A 69  ? LYS B 69  ASP B 75  
AA1 5 GLN A 127 ? ASP A 133 ? GLN B 133 ASP B 139 
AA1 6 VAL A 138 ? ASN A 143 ? VAL B 144 ASN B 149 
AA1 7 SER A 149 ? PHE A 154 ? SER B 155 PHE B 160 
AA2 1 MET A 52  ? LEU A 54  ? MET B 58  LEU B 60  
AA2 2 LEU A 163 ? ASN A 168 ? LEU B 169 ASN B 174 
AA2 3 TRP A 76  ? ARG A 82  ? TRP B 82  ARG B 88  
AA2 4 PHE A 99  ? TRP A 105 ? PHE B 105 TRP B 111 
AA2 5 SER A 108 ? ALA A 111 ? SER B 114 ALA B 117 
AA2 6 THR A 117 ? THR A 118 ? THR B 123 THR B 124 
# 
loop_
_pdbx_struct_sheet_hbond.sheet_id 
_pdbx_struct_sheet_hbond.range_id_1 
_pdbx_struct_sheet_hbond.range_id_2 
_pdbx_struct_sheet_hbond.range_1_label_atom_id 
_pdbx_struct_sheet_hbond.range_1_label_comp_id 
_pdbx_struct_sheet_hbond.range_1_label_asym_id 
_pdbx_struct_sheet_hbond.range_1_label_seq_id 
_pdbx_struct_sheet_hbond.range_1_PDB_ins_code 
_pdbx_struct_sheet_hbond.range_1_auth_atom_id 
_pdbx_struct_sheet_hbond.range_1_auth_comp_id 
_pdbx_struct_sheet_hbond.range_1_auth_asym_id 
_pdbx_struct_sheet_hbond.range_1_auth_seq_id 
_pdbx_struct_sheet_hbond.range_2_label_atom_id 
_pdbx_struct_sheet_hbond.range_2_label_comp_id 
_pdbx_struct_sheet_hbond.range_2_label_asym_id 
_pdbx_struct_sheet_hbond.range_2_label_seq_id 
_pdbx_struct_sheet_hbond.range_2_PDB_ins_code 
_pdbx_struct_sheet_hbond.range_2_auth_atom_id 
_pdbx_struct_sheet_hbond.range_2_auth_comp_id 
_pdbx_struct_sheet_hbond.range_2_auth_asym_id 
_pdbx_struct_sheet_hbond.range_2_auth_seq_id 
AA1 1 2 N ILE A 23  ? N ILE B 29  O ARG A 32  ? O ARG B 38  
AA1 2 3 N VAL A 31  ? N VAL B 37  O LEU A 181 ? O LEU B 187 
AA1 3 4 O LYS A 182 ? O LYS B 188 N ASP A 69  ? N ASP B 75  
AA1 4 5 N TRP A 66  ? N TRP B 72  O ILE A 130 ? O ILE B 136 
AA1 5 6 N PHE A 131 ? N PHE B 137 O SER A 140 ? O SER B 146 
AA1 6 7 N PHE A 141 ? N PHE B 147 O ILE A 151 ? O ILE B 157 
AA2 1 2 N VAL A 53  ? N VAL B 59  O PHE A 167 ? O PHE B 173 
AA2 2 3 O ARG A 164 ? O ARG B 170 N CYS A 81  ? N CYS B 87  
AA2 3 4 N VAL A 80  ? N VAL B 86  O TRP A 100 ? O TRP B 106 
AA2 4 5 N TRP A 105 ? N TRP B 111 O SER A 108 ? O SER B 114 
AA2 5 6 N ALA A 111 ? N ALA B 117 O THR A 117 ? O THR B 123 
# 
_pdbx_entry_details.entry_id                   7HO5 
_pdbx_entry_details.compound_details           ? 
_pdbx_entry_details.source_details             ? 
_pdbx_entry_details.nonpolymer_details         ? 
_pdbx_entry_details.sequence_details           ? 
_pdbx_entry_details.has_ligand_of_interest     Y 
_pdbx_entry_details.has_protein_modification   N 
# 
_pdbx_validate_rmsd_angle.id                         1 
_pdbx_validate_rmsd_angle.PDB_model_num              1 
_pdbx_validate_rmsd_angle.auth_atom_id_1             CG 
_pdbx_validate_rmsd_angle.auth_asym_id_1             B 
_pdbx_validate_rmsd_angle.auth_comp_id_1             ARG 
_pdbx_validate_rmsd_angle.auth_seq_id_1              64 
_pdbx_validate_rmsd_angle.PDB_ins_code_1             ? 
_pdbx_validate_rmsd_angle.label_alt_id_1             ? 
_pdbx_validate_rmsd_angle.auth_atom_id_2             CD 
_pdbx_validate_rmsd_angle.auth_asym_id_2             B 
_pdbx_validate_rmsd_angle.auth_comp_id_2             ARG 
_pdbx_validate_rmsd_angle.auth_seq_id_2              64 
_pdbx_validate_rmsd_angle.PDB_ins_code_2             ? 
_pdbx_validate_rmsd_angle.label_alt_id_2             ? 
_pdbx_validate_rmsd_angle.auth_atom_id_3             NE 
_pdbx_validate_rmsd_angle.auth_asym_id_3             B 
_pdbx_validate_rmsd_angle.auth_comp_id_3             ARG 
_pdbx_validate_rmsd_angle.auth_seq_id_3              64 
_pdbx_validate_rmsd_angle.PDB_ins_code_3             ? 
_pdbx_validate_rmsd_angle.label_alt_id_3             ? 
_pdbx_validate_rmsd_angle.angle_value                127.96 
_pdbx_validate_rmsd_angle.angle_target_value         111.80 
_pdbx_validate_rmsd_angle.angle_deviation            16.16 
_pdbx_validate_rmsd_angle.angle_standard_deviation   2.10 
_pdbx_validate_rmsd_angle.linker_flag                N 
# 
loop_
_pdbx_validate_torsion.id 
_pdbx_validate_torsion.PDB_model_num 
_pdbx_validate_torsion.auth_comp_id 
_pdbx_validate_torsion.auth_asym_id 
_pdbx_validate_torsion.auth_seq_id 
_pdbx_validate_torsion.PDB_ins_code 
_pdbx_validate_torsion.label_alt_id 
_pdbx_validate_torsion.phi 
_pdbx_validate_torsion.psi 
1 1 ASN B 45  ? ? 70.87   35.65 
2 1 GLN B 78  ? ? 59.41   14.50 
3 1 ASP B 152 ? ? -103.41 53.10 
# 
_pdbx_struct_special_symmetry.id              1 
_pdbx_struct_special_symmetry.PDB_model_num   1 
_pdbx_struct_special_symmetry.auth_asym_id    B 
_pdbx_struct_special_symmetry.auth_comp_id    HOH 
_pdbx_struct_special_symmetry.auth_seq_id     429 
_pdbx_struct_special_symmetry.PDB_ins_code    ? 
_pdbx_struct_special_symmetry.label_asym_id   F 
_pdbx_struct_special_symmetry.label_comp_id   HOH 
_pdbx_struct_special_symmetry.label_seq_id    . 
# 
_phasing.method   MR 
# 
loop_
_pdbx_unobs_or_zero_occ_residues.id 
_pdbx_unobs_or_zero_occ_residues.PDB_model_num 
_pdbx_unobs_or_zero_occ_residues.polymer_flag 
_pdbx_unobs_or_zero_occ_residues.occupancy_flag 
_pdbx_unobs_or_zero_occ_residues.auth_asym_id 
_pdbx_unobs_or_zero_occ_residues.auth_comp_id 
_pdbx_unobs_or_zero_occ_residues.auth_seq_id 
_pdbx_unobs_or_zero_occ_residues.PDB_ins_code 
_pdbx_unobs_or_zero_occ_residues.label_asym_id 
_pdbx_unobs_or_zero_occ_residues.label_comp_id 
_pdbx_unobs_or_zero_occ_residues.label_seq_id 
1 1 Y 1 B MET 7   ? A MET 1   
2 1 Y 1 B LYS 193 ? A LYS 187 
3 1 Y 1 B MET 194 ? A MET 188 
# 
loop_
_chem_comp_atom.comp_id 
_chem_comp_atom.atom_id 
_chem_comp_atom.type_symbol 
_chem_comp_atom.pdbx_aromatic_flag 
_chem_comp_atom.pdbx_stereo_config 
_chem_comp_atom.pdbx_ordinal 
ALA N    N N N 1   
ALA CA   C N S 2   
ALA C    C N N 3   
ALA O    O N N 4   
ALA CB   C N N 5   
ALA OXT  O N N 6   
ALA H    H N N 7   
ALA H2   H N N 8   
ALA HA   H N N 9   
ALA HB1  H N N 10  
ALA HB2  H N N 11  
ALA HB3  H N N 12  
ALA HXT  H N N 13  
ARG N    N N N 14  
ARG CA   C N S 15  
ARG C    C N N 16  
ARG O    O N N 17  
ARG CB   C N N 18  
ARG CG   C N N 19  
ARG CD   C N N 20  
ARG NE   N N N 21  
ARG CZ   C N N 22  
ARG NH1  N N N 23  
ARG NH2  N N N 24  
ARG OXT  O N N 25  
ARG H    H N N 26  
ARG H2   H N N 27  
ARG HA   H N N 28  
ARG HB2  H N N 29  
ARG HB3  H N N 30  
ARG HG2  H N N 31  
ARG HG3  H N N 32  
ARG HD2  H N N 33  
ARG HD3  H N N 34  
ARG HE   H N N 35  
ARG HH11 H N N 36  
ARG HH12 H N N 37  
ARG HH21 H N N 38  
ARG HH22 H N N 39  
ARG HXT  H N N 40  
ASN N    N N N 41  
ASN CA   C N S 42  
ASN C    C N N 43  
ASN O    O N N 44  
ASN CB   C N N 45  
ASN CG   C N N 46  
ASN OD1  O N N 47  
ASN ND2  N N N 48  
ASN OXT  O N N 49  
ASN H    H N N 50  
ASN H2   H N N 51  
ASN HA   H N N 52  
ASN HB2  H N N 53  
ASN HB3  H N N 54  
ASN HD21 H N N 55  
ASN HD22 H N N 56  
ASN HXT  H N N 57  
ASP N    N N N 58  
ASP CA   C N S 59  
ASP C    C N N 60  
ASP O    O N N 61  
ASP CB   C N N 62  
ASP CG   C N N 63  
ASP OD1  O N N 64  
ASP OD2  O N N 65  
ASP OXT  O N N 66  
ASP H    H N N 67  
ASP H2   H N N 68  
ASP HA   H N N 69  
ASP HB2  H N N 70  
ASP HB3  H N N 71  
ASP HD2  H N N 72  
ASP HXT  H N N 73  
CYS N    N N N 74  
CYS CA   C N R 75  
CYS C    C N N 76  
CYS O    O N N 77  
CYS CB   C N N 78  
CYS SG   S N N 79  
CYS OXT  O N N 80  
CYS H    H N N 81  
CYS H2   H N N 82  
CYS HA   H N N 83  
CYS HB2  H N N 84  
CYS HB3  H N N 85  
CYS HG   H N N 86  
CYS HXT  H N N 87  
EDO C1   C N N 88  
EDO O1   O N N 89  
EDO C2   C N N 90  
EDO O2   O N N 91  
EDO H11  H N N 92  
EDO H12  H N N 93  
EDO HO1  H N N 94  
EDO H21  H N N 95  
EDO H22  H N N 96  
EDO HO2  H N N 97  
GLN N    N N N 98  
GLN CA   C N S 99  
GLN C    C N N 100 
GLN O    O N N 101 
GLN CB   C N N 102 
GLN CG   C N N 103 
GLN CD   C N N 104 
GLN OE1  O N N 105 
GLN NE2  N N N 106 
GLN OXT  O N N 107 
GLN H    H N N 108 
GLN H2   H N N 109 
GLN HA   H N N 110 
GLN HB2  H N N 111 
GLN HB3  H N N 112 
GLN HG2  H N N 113 
GLN HG3  H N N 114 
GLN HE21 H N N 115 
GLN HE22 H N N 116 
GLN HXT  H N N 117 
GLU N    N N N 118 
GLU CA   C N S 119 
GLU C    C N N 120 
GLU O    O N N 121 
GLU CB   C N N 122 
GLU CG   C N N 123 
GLU CD   C N N 124 
GLU OE1  O N N 125 
GLU OE2  O N N 126 
GLU OXT  O N N 127 
GLU H    H N N 128 
GLU H2   H N N 129 
GLU HA   H N N 130 
GLU HB2  H N N 131 
GLU HB3  H N N 132 
GLU HG2  H N N 133 
GLU HG3  H N N 134 
GLU HE2  H N N 135 
GLU HXT  H N N 136 
GLY N    N N N 137 
GLY CA   C N N 138 
GLY C    C N N 139 
GLY O    O N N 140 
GLY OXT  O N N 141 
GLY H    H N N 142 
GLY H2   H N N 143 
GLY HA2  H N N 144 
GLY HA3  H N N 145 
GLY HXT  H N N 146 
HIS N    N N N 147 
HIS CA   C N S 148 
HIS C    C N N 149 
HIS O    O N N 150 
HIS CB   C N N 151 
HIS CG   C Y N 152 
HIS ND1  N Y N 153 
HIS CD2  C Y N 154 
HIS CE1  C Y N 155 
HIS NE2  N Y N 156 
HIS OXT  O N N 157 
HIS H    H N N 158 
HIS H2   H N N 159 
HIS HA   H N N 160 
HIS HB2  H N N 161 
HIS HB3  H N N 162 
HIS HD1  H N N 163 
HIS HD2  H N N 164 
HIS HE1  H N N 165 
HIS HE2  H N N 166 
HIS HXT  H N N 167 
HOH O    O N N 168 
HOH H1   H N N 169 
HOH H2   H N N 170 
ILE N    N N N 171 
ILE CA   C N S 172 
ILE C    C N N 173 
ILE O    O N N 174 
ILE CB   C N S 175 
ILE CG1  C N N 176 
ILE CG2  C N N 177 
ILE CD1  C N N 178 
ILE OXT  O N N 179 
ILE H    H N N 180 
ILE H2   H N N 181 
ILE HA   H N N 182 
ILE HB   H N N 183 
ILE HG12 H N N 184 
ILE HG13 H N N 185 
ILE HG21 H N N 186 
ILE HG22 H N N 187 
ILE HG23 H N N 188 
ILE HD11 H N N 189 
ILE HD12 H N N 190 
ILE HD13 H N N 191 
ILE HXT  H N N 192 
LEU N    N N N 193 
LEU CA   C N S 194 
LEU C    C N N 195 
LEU O    O N N 196 
LEU CB   C N N 197 
LEU CG   C N N 198 
LEU CD1  C N N 199 
LEU CD2  C N N 200 
LEU OXT  O N N 201 
LEU H    H N N 202 
LEU H2   H N N 203 
LEU HA   H N N 204 
LEU HB2  H N N 205 
LEU HB3  H N N 206 
LEU HG   H N N 207 
LEU HD11 H N N 208 
LEU HD12 H N N 209 
LEU HD13 H N N 210 
LEU HD21 H N N 211 
LEU HD22 H N N 212 
LEU HD23 H N N 213 
LEU HXT  H N N 214 
LYS N    N N N 215 
LYS CA   C N S 216 
LYS C    C N N 217 
LYS O    O N N 218 
LYS CB   C N N 219 
LYS CG   C N N 220 
LYS CD   C N N 221 
LYS CE   C N N 222 
LYS NZ   N N N 223 
LYS OXT  O N N 224 
LYS H    H N N 225 
LYS H2   H N N 226 
LYS HA   H N N 227 
LYS HB2  H N N 228 
LYS HB3  H N N 229 
LYS HG2  H N N 230 
LYS HG3  H N N 231 
LYS HD2  H N N 232 
LYS HD3  H N N 233 
LYS HE2  H N N 234 
LYS HE3  H N N 235 
LYS HZ1  H N N 236 
LYS HZ2  H N N 237 
LYS HZ3  H N N 238 
LYS HXT  H N N 239 
MET N    N N N 240 
MET CA   C N S 241 
MET C    C N N 242 
MET O    O N N 243 
MET CB   C N N 244 
MET CG   C N N 245 
MET SD   S N N 246 
MET CE   C N N 247 
MET OXT  O N N 248 
MET H    H N N 249 
MET H2   H N N 250 
MET HA   H N N 251 
MET HB2  H N N 252 
MET HB3  H N N 253 
MET HG2  H N N 254 
MET HG3  H N N 255 
MET HE1  H N N 256 
MET HE2  H N N 257 
MET HE3  H N N 258 
MET HXT  H N N 259 
PHE N    N N N 260 
PHE CA   C N S 261 
PHE C    C N N 262 
PHE O    O N N 263 
PHE CB   C N N 264 
PHE CG   C Y N 265 
PHE CD1  C Y N 266 
PHE CD2  C Y N 267 
PHE CE1  C Y N 268 
PHE CE2  C Y N 269 
PHE CZ   C Y N 270 
PHE OXT  O N N 271 
PHE H    H N N 272 
PHE H2   H N N 273 
PHE HA   H N N 274 
PHE HB2  H N N 275 
PHE HB3  H N N 276 
PHE HD1  H N N 277 
PHE HD2  H N N 278 
PHE HE1  H N N 279 
PHE HE2  H N N 280 
PHE HZ   H N N 281 
PHE HXT  H N N 282 
PRO N    N N N 283 
PRO CA   C N S 284 
PRO C    C N N 285 
PRO O    O N N 286 
PRO CB   C N N 287 
PRO CG   C N N 288 
PRO CD   C N N 289 
PRO OXT  O N N 290 
PRO H    H N N 291 
PRO HA   H N N 292 
PRO HB2  H N N 293 
PRO HB3  H N N 294 
PRO HG2  H N N 295 
PRO HG3  H N N 296 
PRO HD2  H N N 297 
PRO HD3  H N N 298 
PRO HXT  H N N 299 
SER N    N N N 300 
SER CA   C N S 301 
SER C    C N N 302 
SER O    O N N 303 
SER CB   C N N 304 
SER OG   O N N 305 
SER OXT  O N N 306 
SER H    H N N 307 
SER H2   H N N 308 
SER HA   H N N 309 
SER HB2  H N N 310 
SER HB3  H N N 311 
SER HG   H N N 312 
SER HXT  H N N 313 
SO4 S    S N N 314 
SO4 O1   O N N 315 
SO4 O2   O N N 316 
SO4 O3   O N N 317 
SO4 O4   O N N 318 
THR N    N N N 319 
THR CA   C N S 320 
THR C    C N N 321 
THR O    O N N 322 
THR CB   C N R 323 
THR OG1  O N N 324 
THR CG2  C N N 325 
THR OXT  O N N 326 
THR H    H N N 327 
THR H2   H N N 328 
THR HA   H N N 329 
THR HB   H N N 330 
THR HG1  H N N 331 
THR HG21 H N N 332 
THR HG22 H N N 333 
THR HG23 H N N 334 
THR HXT  H N N 335 
TRP N    N N N 336 
TRP CA   C N S 337 
TRP C    C N N 338 
TRP O    O N N 339 
TRP CB   C N N 340 
TRP CG   C Y N 341 
TRP CD1  C Y N 342 
TRP CD2  C Y N 343 
TRP NE1  N Y N 344 
TRP CE2  C Y N 345 
TRP CE3  C Y N 346 
TRP CZ2  C Y N 347 
TRP CZ3  C Y N 348 
TRP CH2  C Y N 349 
TRP OXT  O N N 350 
TRP H    H N N 351 
TRP H2   H N N 352 
TRP HA   H N N 353 
TRP HB2  H N N 354 
TRP HB3  H N N 355 
TRP HD1  H N N 356 
TRP HE1  H N N 357 
TRP HE3  H N N 358 
TRP HZ2  H N N 359 
TRP HZ3  H N N 360 
TRP HH2  H N N 361 
TRP HXT  H N N 362 
TYR N    N N N 363 
TYR CA   C N S 364 
TYR C    C N N 365 
TYR O    O N N 366 
TYR CB   C N N 367 
TYR CG   C Y N 368 
TYR CD1  C Y N 369 
TYR CD2  C Y N 370 
TYR CE1  C Y N 371 
TYR CE2  C Y N 372 
TYR CZ   C Y N 373 
TYR OH   O N N 374 
TYR OXT  O N N 375 
TYR H    H N N 376 
TYR H2   H N N 377 
TYR HA   H N N 378 
TYR HB2  H N N 379 
TYR HB3  H N N 380 
TYR HD1  H N N 381 
TYR HD2  H N N 382 
TYR HE1  H N N 383 
TYR HE2  H N N 384 
TYR HH   H N N 385 
TYR HXT  H N N 386 
UXD N1   N Y N 387 
UXD C4   C N N 388 
UXD C5   C Y N 389 
UXD C6   C Y N 390 
UXD C7   C Y N 391 
UXD N    N N N 392 
UXD C    C N N 393 
UXD O    O N N 394 
UXD C1   C N N 395 
UXD C2   C N N 396 
UXD C3   C N N 397 
UXD N2   N Y N 398 
UXD H1   H N N 399 
UXD H2   H N N 400 
UXD H3   H N N 401 
UXD H4   H N N 402 
UXD H5   H N N 403 
UXD H6   H N N 404 
UXD H7   H N N 405 
UXD H8   H N N 406 
UXD H9   H N N 407 
UXD H10  H N N 408 
UXD H11  H N N 409 
VAL N    N N N 410 
VAL CA   C N S 411 
VAL C    C N N 412 
VAL O    O N N 413 
VAL CB   C N N 414 
VAL CG1  C N N 415 
VAL CG2  C N N 416 
VAL OXT  O N N 417 
VAL H    H N N 418 
VAL H2   H N N 419 
VAL HA   H N N 420 
VAL HB   H N N 421 
VAL HG11 H N N 422 
VAL HG12 H N N 423 
VAL HG13 H N N 424 
VAL HG21 H N N 425 
VAL HG22 H N N 426 
VAL HG23 H N N 427 
VAL HXT  H N N 428 
# 
loop_
_chem_comp_bond.comp_id 
_chem_comp_bond.atom_id_1 
_chem_comp_bond.atom_id_2 
_chem_comp_bond.value_order 
_chem_comp_bond.pdbx_aromatic_flag 
_chem_comp_bond.pdbx_stereo_config 
_chem_comp_bond.pdbx_ordinal 
ALA N   CA   sing N N 1   
ALA N   H    sing N N 2   
ALA N   H2   sing N N 3   
ALA CA  C    sing N N 4   
ALA CA  CB   sing N N 5   
ALA CA  HA   sing N N 6   
ALA C   O    doub N N 7   
ALA C   OXT  sing N N 8   
ALA CB  HB1  sing N N 9   
ALA CB  HB2  sing N N 10  
ALA CB  HB3  sing N N 11  
ALA OXT HXT  sing N N 12  
ARG N   CA   sing N N 13  
ARG N   H    sing N N 14  
ARG N   H2   sing N N 15  
ARG CA  C    sing N N 16  
ARG CA  CB   sing N N 17  
ARG CA  HA   sing N N 18  
ARG C   O    doub N N 19  
ARG C   OXT  sing N N 20  
ARG CB  CG   sing N N 21  
ARG CB  HB2  sing N N 22  
ARG CB  HB3  sing N N 23  
ARG CG  CD   sing N N 24  
ARG CG  HG2  sing N N 25  
ARG CG  HG3  sing N N 26  
ARG CD  NE   sing N N 27  
ARG CD  HD2  sing N N 28  
ARG CD  HD3  sing N N 29  
ARG NE  CZ   sing N N 30  
ARG NE  HE   sing N N 31  
ARG CZ  NH1  sing N N 32  
ARG CZ  NH2  doub N N 33  
ARG NH1 HH11 sing N N 34  
ARG NH1 HH12 sing N N 35  
ARG NH2 HH21 sing N N 36  
ARG NH2 HH22 sing N N 37  
ARG OXT HXT  sing N N 38  
ASN N   CA   sing N N 39  
ASN N   H    sing N N 40  
ASN N   H2   sing N N 41  
ASN CA  C    sing N N 42  
ASN CA  CB   sing N N 43  
ASN CA  HA   sing N N 44  
ASN C   O    doub N N 45  
ASN C   OXT  sing N N 46  
ASN CB  CG   sing N N 47  
ASN CB  HB2  sing N N 48  
ASN CB  HB3  sing N N 49  
ASN CG  OD1  doub N N 50  
ASN CG  ND2  sing N N 51  
ASN ND2 HD21 sing N N 52  
ASN ND2 HD22 sing N N 53  
ASN OXT HXT  sing N N 54  
ASP N   CA   sing N N 55  
ASP N   H    sing N N 56  
ASP N   H2   sing N N 57  
ASP CA  C    sing N N 58  
ASP CA  CB   sing N N 59  
ASP CA  HA   sing N N 60  
ASP C   O    doub N N 61  
ASP C   OXT  sing N N 62  
ASP CB  CG   sing N N 63  
ASP CB  HB2  sing N N 64  
ASP CB  HB3  sing N N 65  
ASP CG  OD1  doub N N 66  
ASP CG  OD2  sing N N 67  
ASP OD2 HD2  sing N N 68  
ASP OXT HXT  sing N N 69  
CYS N   CA   sing N N 70  
CYS N   H    sing N N 71  
CYS N   H2   sing N N 72  
CYS CA  C    sing N N 73  
CYS CA  CB   sing N N 74  
CYS CA  HA   sing N N 75  
CYS C   O    doub N N 76  
CYS C   OXT  sing N N 77  
CYS CB  SG   sing N N 78  
CYS CB  HB2  sing N N 79  
CYS CB  HB3  sing N N 80  
CYS SG  HG   sing N N 81  
CYS OXT HXT  sing N N 82  
EDO C1  O1   sing N N 83  
EDO C1  C2   sing N N 84  
EDO C1  H11  sing N N 85  
EDO C1  H12  sing N N 86  
EDO O1  HO1  sing N N 87  
EDO C2  O2   sing N N 88  
EDO C2  H21  sing N N 89  
EDO C2  H22  sing N N 90  
EDO O2  HO2  sing N N 91  
GLN N   CA   sing N N 92  
GLN N   H    sing N N 93  
GLN N   H2   sing N N 94  
GLN CA  C    sing N N 95  
GLN CA  CB   sing N N 96  
GLN CA  HA   sing N N 97  
GLN C   O    doub N N 98  
GLN C   OXT  sing N N 99  
GLN CB  CG   sing N N 100 
GLN CB  HB2  sing N N 101 
GLN CB  HB3  sing N N 102 
GLN CG  CD   sing N N 103 
GLN CG  HG2  sing N N 104 
GLN CG  HG3  sing N N 105 
GLN CD  OE1  doub N N 106 
GLN CD  NE2  sing N N 107 
GLN NE2 HE21 sing N N 108 
GLN NE2 HE22 sing N N 109 
GLN OXT HXT  sing N N 110 
GLU N   CA   sing N N 111 
GLU N   H    sing N N 112 
GLU N   H2   sing N N 113 
GLU CA  C    sing N N 114 
GLU CA  CB   sing N N 115 
GLU CA  HA   sing N N 116 
GLU C   O    doub N N 117 
GLU C   OXT  sing N N 118 
GLU CB  CG   sing N N 119 
GLU CB  HB2  sing N N 120 
GLU CB  HB3  sing N N 121 
GLU CG  CD   sing N N 122 
GLU CG  HG2  sing N N 123 
GLU CG  HG3  sing N N 124 
GLU CD  OE1  doub N N 125 
GLU CD  OE2  sing N N 126 
GLU OE2 HE2  sing N N 127 
GLU OXT HXT  sing N N 128 
GLY N   CA   sing N N 129 
GLY N   H    sing N N 130 
GLY N   H2   sing N N 131 
GLY CA  C    sing N N 132 
GLY CA  HA2  sing N N 133 
GLY CA  HA3  sing N N 134 
GLY C   O    doub N N 135 
GLY C   OXT  sing N N 136 
GLY OXT HXT  sing N N 137 
HIS N   CA   sing N N 138 
HIS N   H    sing N N 139 
HIS N   H2   sing N N 140 
HIS CA  C    sing N N 141 
HIS CA  CB   sing N N 142 
HIS CA  HA   sing N N 143 
HIS C   O    doub N N 144 
HIS C   OXT  sing N N 145 
HIS CB  CG   sing N N 146 
HIS CB  HB2  sing N N 147 
HIS CB  HB3  sing N N 148 
HIS CG  ND1  sing Y N 149 
HIS CG  CD2  doub Y N 150 
HIS ND1 CE1  doub Y N 151 
HIS ND1 HD1  sing N N 152 
HIS CD2 NE2  sing Y N 153 
HIS CD2 HD2  sing N N 154 
HIS CE1 NE2  sing Y N 155 
HIS CE1 HE1  sing N N 156 
HIS NE2 HE2  sing N N 157 
HIS OXT HXT  sing N N 158 
HOH O   H1   sing N N 159 
HOH O   H2   sing N N 160 
ILE N   CA   sing N N 161 
ILE N   H    sing N N 162 
ILE N   H2   sing N N 163 
ILE CA  C    sing N N 164 
ILE CA  CB   sing N N 165 
ILE CA  HA   sing N N 166 
ILE C   O    doub N N 167 
ILE C   OXT  sing N N 168 
ILE CB  CG1  sing N N 169 
ILE CB  CG2  sing N N 170 
ILE CB  HB   sing N N 171 
ILE CG1 CD1  sing N N 172 
ILE CG1 HG12 sing N N 173 
ILE CG1 HG13 sing N N 174 
ILE CG2 HG21 sing N N 175 
ILE CG2 HG22 sing N N 176 
ILE CG2 HG23 sing N N 177 
ILE CD1 HD11 sing N N 178 
ILE CD1 HD12 sing N N 179 
ILE CD1 HD13 sing N N 180 
ILE OXT HXT  sing N N 181 
LEU N   CA   sing N N 182 
LEU N   H    sing N N 183 
LEU N   H2   sing N N 184 
LEU CA  C    sing N N 185 
LEU CA  CB   sing N N 186 
LEU CA  HA   sing N N 187 
LEU C   O    doub N N 188 
LEU C   OXT  sing N N 189 
LEU CB  CG   sing N N 190 
LEU CB  HB2  sing N N 191 
LEU CB  HB3  sing N N 192 
LEU CG  CD1  sing N N 193 
LEU CG  CD2  sing N N 194 
LEU CG  HG   sing N N 195 
LEU CD1 HD11 sing N N 196 
LEU CD1 HD12 sing N N 197 
LEU CD1 HD13 sing N N 198 
LEU CD2 HD21 sing N N 199 
LEU CD2 HD22 sing N N 200 
LEU CD2 HD23 sing N N 201 
LEU OXT HXT  sing N N 202 
LYS N   CA   sing N N 203 
LYS N   H    sing N N 204 
LYS N   H2   sing N N 205 
LYS CA  C    sing N N 206 
LYS CA  CB   sing N N 207 
LYS CA  HA   sing N N 208 
LYS C   O    doub N N 209 
LYS C   OXT  sing N N 210 
LYS CB  CG   sing N N 211 
LYS CB  HB2  sing N N 212 
LYS CB  HB3  sing N N 213 
LYS CG  CD   sing N N 214 
LYS CG  HG2  sing N N 215 
LYS CG  HG3  sing N N 216 
LYS CD  CE   sing N N 217 
LYS CD  HD2  sing N N 218 
LYS CD  HD3  sing N N 219 
LYS CE  NZ   sing N N 220 
LYS CE  HE2  sing N N 221 
LYS CE  HE3  sing N N 222 
LYS NZ  HZ1  sing N N 223 
LYS NZ  HZ2  sing N N 224 
LYS NZ  HZ3  sing N N 225 
LYS OXT HXT  sing N N 226 
MET N   CA   sing N N 227 
MET N   H    sing N N 228 
MET N   H2   sing N N 229 
MET CA  C    sing N N 230 
MET CA  CB   sing N N 231 
MET CA  HA   sing N N 232 
MET C   O    doub N N 233 
MET C   OXT  sing N N 234 
MET CB  CG   sing N N 235 
MET CB  HB2  sing N N 236 
MET CB  HB3  sing N N 237 
MET CG  SD   sing N N 238 
MET CG  HG2  sing N N 239 
MET CG  HG3  sing N N 240 
MET SD  CE   sing N N 241 
MET CE  HE1  sing N N 242 
MET CE  HE2  sing N N 243 
MET CE  HE3  sing N N 244 
MET OXT HXT  sing N N 245 
PHE N   CA   sing N N 246 
PHE N   H    sing N N 247 
PHE N   H2   sing N N 248 
PHE CA  C    sing N N 249 
PHE CA  CB   sing N N 250 
PHE CA  HA   sing N N 251 
PHE C   O    doub N N 252 
PHE C   OXT  sing N N 253 
PHE CB  CG   sing N N 254 
PHE CB  HB2  sing N N 255 
PHE CB  HB3  sing N N 256 
PHE CG  CD1  doub Y N 257 
PHE CG  CD2  sing Y N 258 
PHE CD1 CE1  sing Y N 259 
PHE CD1 HD1  sing N N 260 
PHE CD2 CE2  doub Y N 261 
PHE CD2 HD2  sing N N 262 
PHE CE1 CZ   doub Y N 263 
PHE CE1 HE1  sing N N 264 
PHE CE2 CZ   sing Y N 265 
PHE CE2 HE2  sing N N 266 
PHE CZ  HZ   sing N N 267 
PHE OXT HXT  sing N N 268 
PRO N   CA   sing N N 269 
PRO N   CD   sing N N 270 
PRO N   H    sing N N 271 
PRO CA  C    sing N N 272 
PRO CA  CB   sing N N 273 
PRO CA  HA   sing N N 274 
PRO C   O    doub N N 275 
PRO C   OXT  sing N N 276 
PRO CB  CG   sing N N 277 
PRO CB  HB2  sing N N 278 
PRO CB  HB3  sing N N 279 
PRO CG  CD   sing N N 280 
PRO CG  HG2  sing N N 281 
PRO CG  HG3  sing N N 282 
PRO CD  HD2  sing N N 283 
PRO CD  HD3  sing N N 284 
PRO OXT HXT  sing N N 285 
SER N   CA   sing N N 286 
SER N   H    sing N N 287 
SER N   H2   sing N N 288 
SER CA  C    sing N N 289 
SER CA  CB   sing N N 290 
SER CA  HA   sing N N 291 
SER C   O    doub N N 292 
SER C   OXT  sing N N 293 
SER CB  OG   sing N N 294 
SER CB  HB2  sing N N 295 
SER CB  HB3  sing N N 296 
SER OG  HG   sing N N 297 
SER OXT HXT  sing N N 298 
SO4 S   O1   doub N N 299 
SO4 S   O2   doub N N 300 
SO4 S   O3   sing N N 301 
SO4 S   O4   sing N N 302 
THR N   CA   sing N N 303 
THR N   H    sing N N 304 
THR N   H2   sing N N 305 
THR CA  C    sing N N 306 
THR CA  CB   sing N N 307 
THR CA  HA   sing N N 308 
THR C   O    doub N N 309 
THR C   OXT  sing N N 310 
THR CB  OG1  sing N N 311 
THR CB  CG2  sing N N 312 
THR CB  HB   sing N N 313 
THR OG1 HG1  sing N N 314 
THR CG2 HG21 sing N N 315 
THR CG2 HG22 sing N N 316 
THR CG2 HG23 sing N N 317 
THR OXT HXT  sing N N 318 
TRP N   CA   sing N N 319 
TRP N   H    sing N N 320 
TRP N   H2   sing N N 321 
TRP CA  C    sing N N 322 
TRP CA  CB   sing N N 323 
TRP CA  HA   sing N N 324 
TRP C   O    doub N N 325 
TRP C   OXT  sing N N 326 
TRP CB  CG   sing N N 327 
TRP CB  HB2  sing N N 328 
TRP CB  HB3  sing N N 329 
TRP CG  CD1  doub Y N 330 
TRP CG  CD2  sing Y N 331 
TRP CD1 NE1  sing Y N 332 
TRP CD1 HD1  sing N N 333 
TRP CD2 CE2  doub Y N 334 
TRP CD2 CE3  sing Y N 335 
TRP NE1 CE2  sing Y N 336 
TRP NE1 HE1  sing N N 337 
TRP CE2 CZ2  sing Y N 338 
TRP CE3 CZ3  doub Y N 339 
TRP CE3 HE3  sing N N 340 
TRP CZ2 CH2  doub Y N 341 
TRP CZ2 HZ2  sing N N 342 
TRP CZ3 CH2  sing Y N 343 
TRP CZ3 HZ3  sing N N 344 
TRP CH2 HH2  sing N N 345 
TRP OXT HXT  sing N N 346 
TYR N   CA   sing N N 347 
TYR N   H    sing N N 348 
TYR N   H2   sing N N 349 
TYR CA  C    sing N N 350 
TYR CA  CB   sing N N 351 
TYR CA  HA   sing N N 352 
TYR C   O    doub N N 353 
TYR C   OXT  sing N N 354 
TYR CB  CG   sing N N 355 
TYR CB  HB2  sing N N 356 
TYR CB  HB3  sing N N 357 
TYR CG  CD1  doub Y N 358 
TYR CG  CD2  sing Y N 359 
TYR CD1 CE1  sing Y N 360 
TYR CD1 HD1  sing N N 361 
TYR CD2 CE2  doub Y N 362 
TYR CD2 HD2  sing N N 363 
TYR CE1 CZ   doub Y N 364 
TYR CE1 HE1  sing N N 365 
TYR CE2 CZ   sing Y N 366 
TYR CE2 HE2  sing N N 367 
TYR CZ  OH   sing N N 368 
TYR OH  HH   sing N N 369 
TYR OXT HXT  sing N N 370 
UXD O   C    doub N N 371 
UXD C1  C2   sing N N 372 
UXD C1  N    sing N N 373 
UXD C   N    sing N N 374 
UXD C   C5   sing N N 375 
UXD C7  C5   sing Y N 376 
UXD C7  N2   doub Y N 377 
UXD C2  C3   sing N N 378 
UXD N   C4   sing N N 379 
UXD C5  C6   doub Y N 380 
UXD N2  N1   sing Y N 381 
UXD C3  C4   sing N N 382 
UXD C6  N1   sing Y N 383 
UXD N1  H1   sing N N 384 
UXD C4  H2   sing N N 385 
UXD C4  H3   sing N N 386 
UXD C6  H4   sing N N 387 
UXD C7  H5   sing N N 388 
UXD C1  H6   sing N N 389 
UXD C1  H7   sing N N 390 
UXD C2  H8   sing N N 391 
UXD C2  H9   sing N N 392 
UXD C3  H10  sing N N 393 
UXD C3  H11  sing N N 394 
VAL N   CA   sing N N 395 
VAL N   H    sing N N 396 
VAL N   H2   sing N N 397 
VAL CA  C    sing N N 398 
VAL CA  CB   sing N N 399 
VAL CA  HA   sing N N 400 
VAL C   O    doub N N 401 
VAL C   OXT  sing N N 402 
VAL CB  CG1  sing N N 403 
VAL CB  CG2  sing N N 404 
VAL CB  HB   sing N N 405 
VAL CG1 HG11 sing N N 406 
VAL CG1 HG12 sing N N 407 
VAL CG1 HG13 sing N N 408 
VAL CG2 HG21 sing N N 409 
VAL CG2 HG22 sing N N 410 
VAL CG2 HG23 sing N N 411 
VAL OXT HXT  sing N N 412 
# 
_pdbx_audit_support.ordinal                1 
_pdbx_audit_support.funding_organization   'European Union (EU)' 
_pdbx_audit_support.grant_number           875510 
_pdbx_audit_support.country                'European Union' 
# 
_pdbx_deposit_group.group_id            G_1002320 
_pdbx_deposit_group.group_description   
;PRYSPRY domain of murine TRIM21 screened against the DSI-poised Fragment Library by X-ray Crystallography at the XChem facility of Diamon Light Source
;
_pdbx_deposit_group.group_title         'PanDDA analysis group deposition' 
_pdbx_deposit_group.group_type          'changed state' 
# 
_pdbx_initial_refinement_model.id               1 
_pdbx_initial_refinement_model.entity_id_list   ? 
_pdbx_initial_refinement_model.type             'experimental model' 
_pdbx_initial_refinement_model.source_name      PDB 
_pdbx_initial_refinement_model.accession_code   2VOK 
_pdbx_initial_refinement_model.details          ? 
# 
_atom_sites.entry_id                    7HO5 
_atom_sites.fract_transf_matrix[1][1]   0.00013529 
_atom_sites.fract_transf_matrix[1][2]   -0.00455707 
_atom_sites.fract_transf_matrix[1][3]   -0.00943971 
_atom_sites.fract_transf_matrix[2][1]   -0.00971988 
_atom_sites.fract_transf_matrix[2][2]   -0.00358872 
_atom_sites.fract_transf_matrix[2][3]   0.00159317 
_atom_sites.fract_transf_matrix[3][1]   -0.00818854 
_atom_sites.fract_transf_matrix[3][2]   0.01822112 
_atom_sites.fract_transf_matrix[3][3]   -0.00891371 
_atom_sites.fract_transf_vector[1]      -0.298279 
_atom_sites.fract_transf_vector[2]      -0.116861 
_atom_sites.fract_transf_vector[3]      -0.503710 
# 
loop_
_atom_type.symbol 
C 
N 
O 
S 
# 
loop_
_atom_site.group_PDB 
_atom_site.id 
_atom_site.type_symbol 
_atom_site.label_atom_id 
_atom_site.label_alt_id 
_atom_site.label_comp_id 
_atom_site.label_asym_id 
_atom_site.label_entity_id 
_atom_site.label_seq_id 
_atom_site.pdbx_PDB_ins_code 
_atom_site.Cartn_x 
_atom_site.Cartn_y 
_atom_site.Cartn_z 
_atom_site.occupancy 
_atom_site.B_iso_or_equiv 
_atom_site.pdbx_formal_charge 
_atom_site.auth_seq_id 
_atom_site.auth_comp_id 
_atom_site.auth_asym_id 
_atom_site.auth_atom_id 
_atom_site.pdbx_PDB_model_num 
ATOM   1    N N   . HIS A 1 2   ? -3.348  4.900   -19.175 1.00 56.32 ? 8   HIS B N   1 
ATOM   2    C CA  . HIS A 1 2   ? -2.230  3.890   -19.259 1.00 51.97 ? 8   HIS B CA  1 
ATOM   3    C C   . HIS A 1 2   ? -2.742  2.603   -19.918 1.00 50.98 ? 8   HIS B C   1 
ATOM   4    O O   . HIS A 1 2   ? -3.985  2.431   -20.025 1.00 54.55 ? 8   HIS B O   1 
ATOM   5    C CB  . HIS A 1 2   ? -1.619  3.626   -17.866 1.00 45.13 ? 8   HIS B CB  1 
ATOM   6    C CG  . HIS A 1 2   ? -2.529  2.912   -16.919 1.00 40.50 ? 8   HIS B CG  1 
ATOM   7    N ND1 . HIS A 1 2   ? -2.625  1.534   -16.892 1.00 41.12 ? 8   HIS B ND1 1 
ATOM   8    C CD2 . HIS A 1 2   ? -3.373  3.364   -15.966 1.00 38.08 ? 8   HIS B CD2 1 
ATOM   9    C CE1 . HIS A 1 2   ? -3.507  1.168   -15.976 1.00 39.07 ? 8   HIS B CE1 1 
ATOM   10   N NE2 . HIS A 1 2   ? -3.992  2.273   -15.392 1.00 32.25 ? 8   HIS B NE2 1 
ATOM   11   N N   . HIS A 1 3   ? -1.821  1.718   -20.301 1.00 45.93 ? 9   HIS B N   1 
ATOM   12   C CA  . HIS A 1 3   ? -2.103  0.411   -20.954 1.00 45.79 ? 9   HIS B CA  1 
ATOM   13   C C   . HIS A 1 3   ? -1.424  -0.734  -20.180 1.00 38.67 ? 9   HIS B C   1 
ATOM   14   O O   . HIS A 1 3   ? -0.991  -1.706  -20.832 1.00 40.68 ? 9   HIS B O   1 
ATOM   15   C CB  . HIS A 1 3   ? -1.722  0.522   -22.444 1.00 54.22 ? 9   HIS B CB  1 
ATOM   16   C CG  . HIS A 1 3   ? -2.472  1.615   -23.144 1.00 63.94 ? 9   HIS B CG  1 
ATOM   17   N ND1 . HIS A 1 3   ? -3.816  1.498   -23.481 1.00 66.91 ? 9   HIS B ND1 1 
ATOM   18   C CD2 . HIS A 1 3   ? -2.097  2.856   -23.530 1.00 68.48 ? 9   HIS B CD2 1 
ATOM   19   C CE1 . HIS A 1 3   ? -4.225  2.613   -24.058 1.00 68.66 ? 9   HIS B CE1 1 
ATOM   20   N NE2 . HIS A 1 3   ? -3.188  3.460   -24.105 1.00 69.34 ? 9   HIS B NE2 1 
ATOM   21   N N   . HIS A 1 4   ? -1.391  -0.655  -18.834 1.00 32.55 ? 10  HIS B N   1 
ATOM   22   C CA  . HIS A 1 4   ? -0.693  -1.609  -17.918 1.00 26.84 ? 10  HIS B CA  1 
ATOM   23   C C   . HIS A 1 4   ? -1.653  -2.693  -17.421 1.00 27.77 ? 10  HIS B C   1 
ATOM   24   O O   . HIS A 1 4   ? -1.179  -3.660  -16.799 1.00 24.28 ? 10  HIS B O   1 
ATOM   25   C CB  . HIS A 1 4   ? -0.085  -0.893  -16.696 1.00 27.20 ? 10  HIS B CB  1 
ATOM   26   C CG  . HIS A 1 4   ? 0.934   0.139   -17.030 1.00 27.42 ? 10  HIS B CG  1 
ATOM   27   N ND1 . HIS A 1 4   ? 2.001   -0.117  -17.880 1.00 26.57 ? 10  HIS B ND1 1 
ATOM   28   C CD2 . HIS A 1 4   ? 1.089   1.409   -16.599 1.00 26.91 ? 10  HIS B CD2 1 
ATOM   29   C CE1 . HIS A 1 4   ? 2.750   0.966   -17.977 1.00 30.91 ? 10  HIS B CE1 1 
ATOM   30   N NE2 . HIS A 1 4   ? 2.216   1.906   -17.195 1.00 31.16 ? 10  HIS B NE2 1 
ATOM   31   N N   . HIS A 1 5   ? -2.948  -2.579  -17.726 1.00 28.79 ? 11  HIS B N   1 
ATOM   32   C CA  . HIS A 1 5   ? -4.020  -3.452  -17.179 1.00 30.64 ? 11  HIS B CA  1 
ATOM   33   C C   . HIS A 1 5   ? -3.732  -4.938  -17.434 1.00 29.28 ? 11  HIS B C   1 
ATOM   34   O O   . HIS A 1 5   ? -4.039  -5.733  -16.529 1.00 30.36 ? 11  HIS B O   1 
ATOM   35   C CB  . HIS A 1 5   ? -5.406  -3.042  -17.721 1.00 36.41 ? 11  HIS B CB  1 
ATOM   36   C CG  . HIS A 1 5   ? -5.740  -1.609  -17.473 1.00 43.18 ? 11  HIS B CG  1 
ATOM   37   N ND1 . HIS A 1 5   ? -5.428  -0.603  -18.386 1.00 50.27 ? 11  HIS B ND1 1 
ATOM   38   C CD2 . HIS A 1 5   ? -6.336  -0.997  -16.421 1.00 45.72 ? 11  HIS B CD2 1 
ATOM   39   C CE1 . HIS A 1 5   ? -5.824  0.567   -17.906 1.00 49.71 ? 11  HIS B CE1 1 
ATOM   40   N NE2 . HIS A 1 5   ? -6.384  0.352   -16.697 1.00 47.66 ? 11  HIS B NE2 1 
ATOM   41   N N   . HIS A 1 6   ? -3.112  -5.310  -18.567 1.00 28.13 ? 12  HIS B N   1 
ATOM   42   C CA  . HIS A 1 6   ? -2.812  -6.719  -18.948 1.00 28.12 ? 12  HIS B CA  1 
ATOM   43   C C   . HIS A 1 6   ? -1.757  -7.375  -18.041 1.00 26.47 ? 12  HIS B C   1 
ATOM   44   O O   . HIS A 1 6   ? -1.594  -8.601  -18.132 1.00 27.99 ? 12  HIS B O   1 
ATOM   45   C CB  . HIS A 1 6   ? -2.392  -6.823  -20.426 1.00 33.31 ? 12  HIS B CB  1 
ATOM   46   C CG  . HIS A 1 6   ? -1.220  -5.987  -20.810 1.00 32.33 ? 12  HIS B CG  1 
ATOM   47   N ND1 . HIS A 1 6   ? 0.001   -6.545  -21.180 1.00 38.84 ? 12  HIS B ND1 1 
ATOM   48   C CD2 . HIS A 1 6   ? -1.077  -4.650  -20.945 1.00 34.61 ? 12  HIS B CD2 1 
ATOM   49   C CE1 . HIS A 1 6   ? 0.844   -5.586  -21.496 1.00 32.46 ? 12  HIS B CE1 1 
ATOM   50   N NE2 . HIS A 1 6   ? 0.216   -4.410  -21.352 1.00 38.24 ? 12  HIS B NE2 1 
ATOM   51   N N   . HIS A 1 7   ? -1.010  -6.614  -17.222 1.00 21.59 ? 13  HIS B N   1 
ATOM   52   C CA  . HIS A 1 7   ? -0.049  -7.156  -16.216 1.00 18.32 ? 13  HIS B CA  1 
ATOM   53   C C   . HIS A 1 7   ? -0.751  -7.407  -14.888 1.00 16.24 ? 13  HIS B C   1 
ATOM   54   O O   . HIS A 1 7   ? -0.036  -7.561  -13.903 1.00 15.15 ? 13  HIS B O   1 
ATOM   55   C CB  . HIS A 1 7   ? 1.118   -6.196  -16.049 1.00 18.31 ? 13  HIS B CB  1 
ATOM   56   C CG  . HIS A 1 7   ? 1.869   -5.990  -17.326 1.00 19.23 ? 13  HIS B CG  1 
ATOM   57   N ND1 . HIS A 1 7   ? 2.519   -7.041  -17.951 1.00 19.49 ? 13  HIS B ND1 1 
ATOM   58   C CD2 . HIS A 1 7   ? 2.086   -4.878  -18.049 1.00 20.29 ? 13  HIS B CD2 1 
ATOM   59   C CE1 . HIS A 1 7   ? 3.083   -6.576  -19.048 1.00 20.20 ? 13  HIS B CE1 1 
ATOM   60   N NE2 . HIS A 1 7   ? 2.858   -5.260  -19.136 1.00 21.51 ? 13  HIS B NE2 1 
ATOM   61   N N   . MET A 1 8   ? -2.077  -7.366  -14.862 1.00 17.02 ? 14  MET B N   1 
ATOM   62   C CA  . MET A 1 8   ? -2.881  -7.529  -13.626 1.00 18.83 ? 14  MET B CA  1 
ATOM   63   C C   . MET A 1 8   ? -2.464  -8.807  -12.909 1.00 18.45 ? 14  MET B C   1 
ATOM   64   O O   . MET A 1 8   ? -2.345  -9.892  -13.547 1.00 21.56 ? 14  MET B O   1 
ATOM   65   C CB  . MET A 1 8   ? -4.370  -7.621  -13.974 1.00 23.19 ? 14  MET B CB  1 
ATOM   66   C CG  . MET A 1 8   ? -5.326  -7.715  -12.784 1.00 29.60 ? 14  MET B CG  1 
ATOM   67   S SD  . MET A 1 8   ? -5.461  -6.164  -11.809 1.00 40.65 ? 14  MET B SD  1 
ATOM   68   C CE  . MET A 1 8   ? -6.719  -5.287  -12.729 1.00 36.31 ? 14  MET B CE  1 
ATOM   69   N N   . VAL A 1 9   ? -2.292  -8.725  -11.601 1.00 15.99 ? 15  VAL B N   1 
ATOM   70   C CA  . VAL A 1 9   ? -1.961  -9.869  -10.712 1.00 16.79 ? 15  VAL B CA  1 
ATOM   71   C C   . VAL A 1 9   ? -3.033  -9.904  -9.611  1.00 17.15 ? 15  VAL B C   1 
ATOM   72   O O   . VAL A 1 9   ? -3.514  -8.842  -9.175  1.00 17.47 ? 15  VAL B O   1 
ATOM   73   C CB  . VAL A 1 9   ? -0.536  -9.821  -10.134 1.00 18.08 ? 15  VAL B CB  1 
ATOM   74   C CG1 . VAL A 1 9   ? 0.507   -10.063 -11.206 1.00 21.76 ? 15  VAL B CG1 1 
ATOM   75   C CG2 . VAL A 1 9   ? -0.217  -8.523  -9.424  1.00 19.33 ? 15  VAL B CG2 1 
ATOM   76   N N   . HIS A 1 10  ? -3.348  -11.101 -9.130  1.00 17.68 ? 16  HIS B N   1 
ATOM   77   C CA  . HIS A 1 10  ? -4.346  -11.320 -8.059  1.00 17.53 ? 16  HIS B CA  1 
ATOM   78   C C   . HIS A 1 10  ? -3.624  -11.269 -6.717  1.00 17.77 ? 16  HIS B C   1 
ATOM   79   O O   . HIS A 1 10  ? -2.869  -12.160 -6.395  1.00 21.44 ? 16  HIS B O   1 
ATOM   80   C CB  . HIS A 1 10  ? -5.052  -12.660 -8.265  1.00 18.78 ? 16  HIS B CB  1 
ATOM   81   C CG  . HIS A 1 10  ? -6.180  -12.897 -7.318  1.00 22.80 ? 16  HIS B CG  1 
ATOM   82   N ND1 . HIS A 1 10  ? -7.421  -12.339 -7.497  1.00 25.84 ? 16  HIS B ND1 1 
ATOM   83   C CD2 . HIS A 1 10  ? -6.227  -13.600 -6.169  1.00 25.58 ? 16  HIS B CD2 1 
ATOM   84   C CE1 . HIS A 1 10  ? -8.213  -12.719 -6.507  1.00 24.44 ? 16  HIS B CE1 1 
ATOM   85   N NE2 . HIS A 1 10  ? -7.497  -13.496 -5.677  1.00 29.14 ? 16  HIS B NE2 1 
ATOM   86   N N   . ILE A 1 11  ? -3.760  -10.158 -6.014  1.00 14.76 ? 17  ILE B N   1 
ATOM   87   C CA  . ILE A 1 11  ? -3.085  -9.982  -4.710  1.00 14.46 ? 17  ILE B CA  1 
ATOM   88   C C   . ILE A 1 11  ? -4.018  -10.464 -3.584  1.00 14.24 ? 17  ILE B C   1 
ATOM   89   O O   . ILE A 1 11  ? -5.211  -10.227 -3.661  1.00 14.21 ? 17  ILE B O   1 
ATOM   90   C CB  . ILE A 1 11  ? -2.718  -8.494  -4.530  1.00 14.02 ? 17  ILE B CB  1 
ATOM   91   C CG1 . ILE A 1 11  ? -1.766  -8.012  -5.635  1.00 15.41 ? 17  ILE B CG1 1 
ATOM   92   C CG2 . ILE A 1 11  ? -2.147  -8.248  -3.139  1.00 14.13 ? 17  ILE B CG2 1 
ATOM   93   C CD1 . ILE A 1 11  ? -0.511  -8.849  -5.839  1.00 15.17 ? 17  ILE B CD1 1 
ATOM   94   N N   . THR A 1 12  ? -3.425  -11.099 -2.604  1.00 13.42 ? 18  THR B N   1 
ATOM   95   C CA  . THR A 1 12  ? -4.143  -11.464 -1.354  1.00 14.87 ? 18  THR B CA  1 
ATOM   96   C C   . THR A 1 12  ? -3.313  -10.968 -0.184  1.00 15.09 ? 18  THR B C   1 
ATOM   97   O O   . THR A 1 12  ? -2.072  -10.797 -0.302  1.00 15.50 ? 18  THR B O   1 
ATOM   98   C CB  . THR A 1 12  ? -4.414  -12.969 -1.272  1.00 16.71 ? 18  THR B CB  1 
ATOM   99   O OG1 . THR A 1 12  ? -3.200  -13.692 -1.286  1.00 18.27 ? 18  THR B OG1 1 
ATOM   100  C CG2 . THR A 1 12  ? -5.354  -13.458 -2.359  1.00 18.67 ? 18  THR B CG2 1 
ATOM   101  N N   . LEU A 1 13  ? -3.995  -10.690 0.934   1.00 13.23 ? 19  LEU B N   1 
ATOM   102  C CA  . LEU A 1 13  ? -3.305  -10.152 2.125   1.00 13.11 ? 19  LEU B CA  1 
ATOM   103  C C   . LEU A 1 13  ? -2.757  -11.275 2.991   1.00 13.29 ? 19  LEU B C   1 
ATOM   104  O O   . LEU A 1 13  ? -3.445  -12.316 3.127   1.00 14.79 ? 19  LEU B O   1 
ATOM   105  C CB  . LEU A 1 13  ? -4.303  -9.295  2.882   1.00 13.40 ? 19  LEU B CB  1 
ATOM   106  C CG  . LEU A 1 13  ? -4.790  -8.091  2.101   1.00 12.92 ? 19  LEU B CG  1 
ATOM   107  C CD1 . LEU A 1 13  ? -5.912  -7.365  2.842   1.00 15.00 ? 19  LEU B CD1 1 
ATOM   108  C CD2 . LEU A 1 13  ? -3.632  -7.145  1.768   1.00 14.47 ? 19  LEU B CD2 1 
ATOM   109  N N   . ASP A 1 14  ? -1.605  -11.086 3.567   1.00 12.03 ? 20  ASP B N   1 
ATOM   110  C CA  . ASP A 1 14  ? -0.920  -12.037 4.465   1.00 12.69 ? 20  ASP B CA  1 
ATOM   111  C C   . ASP A 1 14  ? -1.237  -11.671 5.939   1.00 13.80 ? 20  ASP B C   1 
ATOM   112  O O   . ASP A 1 14  ? -0.621  -10.782 6.488   1.00 12.75 ? 20  ASP B O   1 
ATOM   113  C CB  . ASP A 1 14  ? 0.588   -12.066 4.193   1.00 13.07 ? 20  ASP B CB  1 
ATOM   114  C CG  . ASP A 1 14  ? 1.395   -13.062 5.009   1.00 17.09 ? 20  ASP B CG  1 
ATOM   115  O OD1 . ASP A 1 14  ? 0.811   -13.601 5.982   1.00 17.03 ? 20  ASP B OD1 1 
ATOM   116  O OD2 . ASP A 1 14  ? 2.636   -13.232 4.769   1.00 17.92 ? 20  ASP B OD2 1 
ATOM   117  N N   A ARG A 1 15  ? -2.185  -12.417 6.526   0.25 14.49 ? 21  ARG B N   1 
ATOM   118  N N   B ARG A 1 15  ? -2.182  -12.401 6.544   0.25 14.99 ? 21  ARG B N   1 
ATOM   119  C CA  A ARG A 1 15  ? -2.674  -12.281 7.929   0.25 15.45 ? 21  ARG B CA  1 
ATOM   120  C CA  B ARG A 1 15  ? -2.660  -12.177 7.940   0.25 16.16 ? 21  ARG B CA  1 
ATOM   121  C C   A ARG A 1 15  ? -1.514  -12.207 8.917   0.25 14.94 ? 21  ARG B C   1 
ATOM   122  C C   B ARG A 1 15  ? -1.498  -12.190 8.932   0.25 15.42 ? 21  ARG B C   1 
ATOM   123  O O   A ARG A 1 15  ? -1.630  -11.461 9.914   0.25 14.50 ? 21  ARG B O   1 
ATOM   124  O O   B ARG A 1 15  ? -1.584  -11.468 9.949   0.25 14.83 ? 21  ARG B O   1 
ATOM   125  C CB  A ARG A 1 15  ? -3.537  -13.494 8.310   0.25 16.67 ? 21  ARG B CB  1 
ATOM   126  C CB  B ARG A 1 15  ? -3.672  -13.257 8.344   0.25 18.48 ? 21  ARG B CB  1 
ATOM   127  C CG  A ARG A 1 15  ? -4.746  -13.703 7.411   0.25 18.61 ? 21  ARG B CG  1 
ATOM   128  C CG  B ARG A 1 15  ? -5.077  -13.015 7.818   0.25 20.98 ? 21  ARG B CG  1 
ATOM   129  C CD  A ARG A 1 15  ? -5.616  -14.862 7.875   0.25 19.49 ? 21  ARG B CD  1 
ATOM   130  C CD  B ARG A 1 15  ? -5.455  -13.951 6.683   0.25 24.05 ? 21  ARG B CD  1 
ATOM   131  N NE  A ARG A 1 15  ? -6.920  -14.765 7.247   0.25 20.48 ? 21  ARG B NE  1 
ATOM   132  N NE  B ARG A 1 15  ? -5.897  -15.281 7.110   0.25 26.27 ? 21  ARG B NE  1 
ATOM   133  C CZ  A ARG A 1 15  ? -7.828  -13.875 7.595   0.25 20.21 ? 21  ARG B CZ  1 
ATOM   134  C CZ  B ARG A 1 15  ? -5.152  -16.388 7.082   0.25 29.58 ? 21  ARG B CZ  1 
ATOM   135  N NH1 A ARG A 1 15  ? -7.574  -13.053 8.592   0.25 22.07 ? 21  ARG B NH1 1 
ATOM   136  N NH1 B ARG A 1 15  ? -3.900  -16.353 6.666   0.25 31.84 ? 21  ARG B NH1 1 
ATOM   137  N NH2 A ARG A 1 15  ? -8.983  -13.821 6.963   0.25 21.15 ? 21  ARG B NH2 1 
ATOM   138  N NH2 B ARG A 1 15  ? -5.666  -17.535 7.486   0.25 31.35 ? 21  ARG B NH2 1 
ATOM   139  N N   . ASN A 1 16  ? -0.463  -12.999 8.690   1.00 14.63 ? 22  ASN B N   1 
ATOM   140  C CA  . ASN A 1 16  ? 0.651   -13.120 9.635   1.00 15.92 ? 22  ASN B CA  1 
ATOM   141  C C   . ASN A 1 16  ? 1.425   -11.820 9.778   1.00 13.74 ? 22  ASN B C   1 
ATOM   142  O O   . ASN A 1 16  ? 2.071   -11.626 10.800  1.00 13.79 ? 22  ASN B O   1 
ATOM   143  C CB  . ASN A 1 16  ? 1.551   -14.304 9.272   1.00 18.90 ? 22  ASN B CB  1 
ATOM   144  C CG  . ASN A 1 16  ? 0.900   -15.618 9.642   1.00 25.70 ? 22  ASN B CG  1 
ATOM   145  O OD1 . ASN A 1 16  ? 0.035   -15.667 10.514  1.00 31.89 ? 22  ASN B OD1 1 
ATOM   146  N ND2 . ASN A 1 16  ? 1.280   -16.671 8.943   1.00 36.34 ? 22  ASN B ND2 1 
ATOM   147  N N   . THR A 1 17  ? 1.378   -10.930 8.764   1.00 12.13 ? 23  THR B N   1 
ATOM   148  C CA  . THR A 1 17  ? 2.118   -9.664  8.748   1.00 11.75 ? 23  THR B CA  1 
ATOM   149  C C   . THR A 1 17  ? 1.281   -8.528  9.349   1.00 10.90 ? 23  THR B C   1 
ATOM   150  O O   . THR A 1 17  ? 1.830   -7.455  9.597   1.00 11.43 ? 23  THR B O   1 
ATOM   151  C CB  . THR A 1 17  ? 2.573   -9.262  7.338   1.00 12.20 ? 23  THR B CB  1 
ATOM   152  O OG1 . THR A 1 17  ? 1.446   -8.911  6.528   1.00 12.51 ? 23  THR B OG1 1 
ATOM   153  C CG2 . THR A 1 17  ? 3.462   -10.332 6.719   1.00 13.11 ? 23  THR B CG2 1 
ATOM   154  N N   . ALA A 1 18  ? -0.003  -8.760  9.520   1.00 10.54 ? 24  ALA B N   1 
ATOM   155  C CA  . ALA A 1 18  ? -0.953  -7.676  9.887   1.00 10.94 ? 24  ALA B CA  1 
ATOM   156  C C   . ALA A 1 18  ? -0.677  -7.171  11.296  1.00 11.56 ? 24  ALA B C   1 
ATOM   157  O O   . ALA A 1 18  ? -0.519  -7.988  12.248  1.00 12.71 ? 24  ALA B O   1 
ATOM   158  C CB  . ALA A 1 18  ? -2.358  -8.157  9.789   1.00 11.55 ? 24  ALA B CB  1 
ATOM   159  N N   . ASN A 1 19  ? -0.781  -5.891  11.512  1.00 11.42 ? 25  ASN B N   1 
ATOM   160  C CA  . ASN A 1 19  ? -0.975  -5.358  12.869  1.00 11.04 ? 25  ASN B CA  1 
ATOM   161  C C   . ASN A 1 19  ? -2.140  -6.105  13.526  1.00 10.17 ? 25  ASN B C   1 
ATOM   162  O O   . ASN A 1 19  ? -3.147  -6.443  12.896  1.00 10.52 ? 25  ASN B O   1 
ATOM   163  C CB  . ASN A 1 19  ? -1.202  -3.864  12.753  1.00 11.88 ? 25  ASN B CB  1 
ATOM   164  C CG  . ASN A 1 19  ? -1.490  -3.235  14.084  1.00 13.06 ? 25  ASN B CG  1 
ATOM   165  O OD1 . ASN A 1 19  ? -2.618  -3.218  14.567  1.00 13.50 ? 25  ASN B OD1 1 
ATOM   166  N ND2 . ASN A 1 19  ? -0.457  -2.727  14.684  1.00 16.39 ? 25  ASN B ND2 1 
ATOM   167  N N   . SER A 1 20  ? -2.004  -6.312  14.838  1.00 10.30 ? 26  SER B N   1 
ATOM   168  C CA  . SER A 1 20  ? -2.951  -7.132  15.629  1.00 10.99 ? 26  SER B CA  1 
ATOM   169  C C   . SER A 1 20  ? -4.335  -6.499  15.720  1.00 10.90 ? 26  SER B C   1 
ATOM   170  O O   . SER A 1 20  ? -5.240  -7.236  16.179  1.00 11.98 ? 26  SER B O   1 
ATOM   171  C CB  . SER A 1 20  ? -2.400  -7.375  17.017  1.00 12.36 ? 26  SER B CB  1 
ATOM   172  O OG  . SER A 1 20  ? -2.244  -6.135  17.665  1.00 14.85 ? 26  SER B OG  1 
ATOM   173  N N   . TRP A 1 21  ? -4.561  -5.248  15.343  1.00 9.83  ? 27  TRP B N   1 
ATOM   174  C CA  . TRP A 1 21  ? -5.907  -4.648  15.362  1.00 10.60 ? 27  TRP B CA  1 
ATOM   175  C C   . TRP A 1 21  ? -6.621  -4.786  14.019  1.00 11.32 ? 27  TRP B C   1 
ATOM   176  O O   . TRP A 1 21  ? -7.774  -4.357  13.925  1.00 11.27 ? 27  TRP B O   1 
ATOM   177  C CB  . TRP A 1 21  ? -5.816  -3.193  15.765  1.00 11.76 ? 27  TRP B CB  1 
ATOM   178  C CG  . TRP A 1 21  ? -5.518  -2.994  17.227  1.00 12.20 ? 27  TRP B CG  1 
ATOM   179  C CD1 . TRP A 1 21  ? -4.593  -3.638  17.999  1.00 11.91 ? 27  TRP B CD1 1 
ATOM   180  C CD2 . TRP A 1 21  ? -6.180  -2.065  18.076  1.00 13.49 ? 27  TRP B CD2 1 
ATOM   181  N NE1 . TRP A 1 21  ? -4.653  -3.172  19.294  1.00 14.38 ? 27  TRP B NE1 1 
ATOM   182  C CE2 . TRP A 1 21  ? -5.577  -2.188  19.344  1.00 13.32 ? 27  TRP B CE2 1 
ATOM   183  C CE3 . TRP A 1 21  ? -7.220  -1.156  17.890  1.00 15.48 ? 27  TRP B CE3 1 
ATOM   184  C CZ2 . TRP A 1 21  ? -6.006  -1.405  20.433  1.00 15.94 ? 27  TRP B CZ2 1 
ATOM   185  C CZ3 . TRP A 1 21  ? -7.611  -0.365  18.961  1.00 17.92 ? 27  TRP B CZ3 1 
ATOM   186  C CH2 . TRP A 1 21  ? -6.985  -0.472  20.194  1.00 18.75 ? 27  TRP B CH2 1 
ATOM   187  N N   . LEU A 1 22  ? -5.939  -5.333  12.989  1.00 10.75 ? 28  LEU B N   1 
ATOM   188  C CA  . LEU A 1 22  ? -6.579  -5.375  11.658  1.00 11.15 ? 28  LEU B CA  1 
ATOM   189  C C   . LEU A 1 22  ? -7.517  -6.587  11.557  1.00 11.31 ? 28  LEU B C   1 
ATOM   190  O O   . LEU A 1 22  ? -7.238  -7.665  12.089  1.00 11.81 ? 28  LEU B O   1 
ATOM   191  C CB  . LEU A 1 22  ? -5.511  -5.435  10.562  1.00 10.21 ? 28  LEU B CB  1 
ATOM   192  C CG  . LEU A 1 22  ? -4.625  -4.204  10.470  1.00 11.21 ? 28  LEU B CG  1 
ATOM   193  C CD1 . LEU A 1 22  ? -3.642  -4.329  9.313   1.00 11.52 ? 28  LEU B CD1 1 
ATOM   194  C CD2 . LEU A 1 22  ? -5.396  -2.937  10.319  1.00 12.40 ? 28  LEU B CD2 1 
ATOM   195  N N   . ILE A 1 23  ? -8.527  -6.406  10.745  1.00 11.00 ? 29  ILE B N   1 
ATOM   196  C CA  . ILE A 1 23  ? -9.513  -7.455  10.382  1.00 12.40 ? 29  ILE B CA  1 
ATOM   197  C C   . ILE A 1 23  ? -9.458  -7.645  8.871   1.00 12.53 ? 29  ILE B C   1 
ATOM   198  O O   . ILE A 1 23  ? -9.795  -6.710  8.118   1.00 12.64 ? 29  ILE B O   1 
ATOM   199  C CB  . ILE A 1 23  ? -10.913 -7.102  10.819  1.00 12.98 ? 29  ILE B CB  1 
ATOM   200  C CG1 . ILE A 1 23  ? -11.008 -6.899  12.347  1.00 13.60 ? 29  ILE B CG1 1 
ATOM   201  C CG2 . ILE A 1 23  ? -11.924 -8.174  10.362  1.00 14.74 ? 29  ILE B CG2 1 
ATOM   202  C CD1 . ILE A 1 23  ? -12.295 -6.346  12.800  1.00 15.51 ? 29  ILE B CD1 1 
ATOM   203  N N   . ILE A 1 24  ? -8.997  -8.818  8.484   1.00 14.72 ? 30  ILE B N   1 
ATOM   204  C CA  . ILE A 1 24  ? -8.877  -9.200  7.050   1.00 14.73 ? 30  ILE B CA  1 
ATOM   205  C C   . ILE A 1 24  ? -10.035 -10.106 6.682   1.00 16.29 ? 30  ILE B C   1 
ATOM   206  O O   . ILE A 1 24  ? -10.370 -11.067 7.458   1.00 16.59 ? 30  ILE B O   1 
ATOM   207  C CB  . ILE A 1 24  ? -7.531  -9.844  6.809   1.00 15.68 ? 30  ILE B CB  1 
ATOM   208  C CG1 . ILE A 1 24  ? -6.423  -8.817  6.971   1.00 18.46 ? 30  ILE B CG1 1 
ATOM   209  C CG2 . ILE A 1 24  ? -7.459  -10.476 5.419   1.00 16.53 ? 30  ILE B CG2 1 
ATOM   210  C CD1 . ILE A 1 24  ? -5.126  -9.365  7.012   1.00 19.65 ? 30  ILE B CD1 1 
ATOM   211  N N   . SER A 1 25  ? -10.692 -9.854  5.572   1.00 15.63 ? 31  SER B N   1 
ATOM   212  C CA  . SER A 1 25  ? -11.860 -10.643 5.161   1.00 15.86 ? 31  SER B CA  1 
ATOM   213  C C   . SER A 1 25  ? -11.459 -12.101 4.861   1.00 14.40 ? 31  SER B C   1 
ATOM   214  O O   . SER A 1 25  ? -10.317 -12.401 4.602   1.00 14.73 ? 31  SER B O   1 
ATOM   215  C CB  . SER A 1 25  ? -12.505 -9.969  4.010   1.00 16.89 ? 31  SER B CB  1 
ATOM   216  O OG  . SER A 1 25  ? -11.585 -9.887  2.915   1.00 16.33 ? 31  SER B OG  1 
ATOM   217  N N   . LYS A 1 26  ? -12.477 -12.983 4.842   1.00 17.46 ? 32  LYS B N   1 
ATOM   218  C CA  . LYS A 1 26  ? -12.279 -14.419 4.519   1.00 17.95 ? 32  LYS B CA  1 
ATOM   219  C C   . LYS A 1 26  ? -11.522 -14.588 3.194   1.00 16.19 ? 32  LYS B C   1 
ATOM   220  O O   . LYS A 1 26  ? -10.671 -15.473 3.127   1.00 18.11 ? 32  LYS B O   1 
ATOM   221  C CB  . LYS A 1 26  ? -13.636 -15.130 4.432   1.00 19.95 ? 32  LYS B CB  1 
ATOM   222  C CG  . LYS A 1 26  ? -13.518 -16.605 4.134   1.00 22.46 ? 32  LYS B CG  1 
ATOM   223  C CD  . LYS A 1 26  ? -14.730 -17.339 4.635   1.00 23.67 ? 32  LYS B CD  1 
ATOM   224  C CE  . LYS A 1 26  ? -15.976 -16.756 4.028   1.00 28.55 ? 32  LYS B CE  1 
ATOM   225  N NZ  . LYS A 1 26  ? -17.162 -17.318 4.682   1.00 31.01 ? 32  LYS B NZ  1 
ATOM   226  N N   . ASP A 1 27  ? -11.901 -13.822 2.168   1.00 16.52 ? 33  ASP B N   1 
ATOM   227  C CA  . ASP A 1 27  ? -11.254 -13.931 0.827   1.00 15.86 ? 33  ASP B CA  1 
ATOM   228  C C   . ASP A 1 27  ? -9.851  -13.292 0.815   1.00 14.83 ? 33  ASP B C   1 
ATOM   229  O O   . ASP A 1 27  ? -9.189  -13.399 -0.240  1.00 15.31 ? 33  ASP B O   1 
ATOM   230  C CB  . ASP A 1 27  ? -12.160 -13.401 -0.284  1.00 17.83 ? 33  ASP B CB  1 
ATOM   231  C CG  . ASP A 1 27  ? -12.441 -11.911 -0.263  1.00 17.75 ? 33  ASP B CG  1 
ATOM   232  O OD1 . ASP A 1 27  ? -11.862 -11.208 0.630   1.00 18.22 ? 33  ASP B OD1 1 
ATOM   233  O OD2 . ASP A 1 27  ? -13.173 -11.470 -1.172  1.00 20.57 ? 33  ASP B OD2 1 
ATOM   234  N N   . ARG A 1 28  ? -9.374  -12.694 1.899   1.00 13.85 ? 34  ARG B N   1 
ATOM   235  C CA  . ARG A 1 28  ? -8.053  -12.047 2.006   1.00 14.04 ? 34  ARG B CA  1 
ATOM   236  C C   . ARG A 1 28  ? -7.931  -10.911 0.980   1.00 11.73 ? 34  ARG B C   1 
ATOM   237  O O   . ARG A 1 28  ? -6.771  -10.567 0.646   1.00 12.83 ? 34  ARG B O   1 
ATOM   238  C CB  . ARG A 1 28  ? -6.937  -13.088 1.928   1.00 17.80 ? 34  ARG B CB  1 
ATOM   239  C CG  . ARG A 1 28  ? -7.013  -14.059 3.103   1.00 22.25 ? 34  ARG B CG  1 
ATOM   240  C CD  . ARG A 1 28  ? -5.906  -15.058 3.203   1.00 28.38 ? 34  ARG B CD  1 
ATOM   241  N NE  . ARG A 1 28  ? -5.625  -15.758 1.966   1.00 34.48 ? 34  ARG B NE  1 
ATOM   242  C CZ  . ARG A 1 28  ? -4.553  -15.585 1.160   1.00 45.35 ? 34  ARG B CZ  1 
ATOM   243  N NH1 . ARG A 1 28  ? -3.578  -14.705 1.418   1.00 37.91 ? 34  ARG B NH1 1 
ATOM   244  N NH2 . ARG A 1 28  ? -4.463  -16.337 0.071   1.00 51.15 ? 34  ARG B NH2 1 
ATOM   245  N N   . ARG A 1 29  ? -9.012  -10.289 0.612   1.00 11.25 ? 35  ARG B N   1 
ATOM   246  C CA  . ARG A 1 29  ? -9.003  -9.165  -0.355  1.00 12.31 ? 35  ARG B CA  1 
ATOM   247  C C   . ARG A 1 29  ? -9.393  -7.829  0.255   1.00 12.60 ? 35  ARG B C   1 
ATOM   248  O O   . ARG A 1 29  ? -9.252  -6.800  -0.425  1.00 13.75 ? 35  ARG B O   1 
ATOM   249  C CB  . ARG A 1 29  ? -9.926  -9.448  -1.542  1.00 13.34 ? 35  ARG B CB  1 
ATOM   250  C CG  . ARG A 1 29  ? -9.533  -10.695 -2.316  1.00 15.33 ? 35  ARG B CG  1 
ATOM   251  C CD  . ARG A 1 29  ? -8.482  -10.450 -3.361  1.00 16.04 ? 35  ARG B CD  1 
ATOM   252  N NE  . ARG A 1 29  ? -9.083  -9.819  -4.527  1.00 17.61 ? 35  ARG B NE  1 
ATOM   253  C CZ  . ARG A 1 29  ? -8.413  -9.306  -5.566  1.00 16.75 ? 35  ARG B CZ  1 
ATOM   254  N NH1 . ARG A 1 29  ? -7.113  -9.400  -5.593  1.00 17.37 ? 35  ARG B NH1 1 
ATOM   255  N NH2 . ARG A 1 29  ? -9.076  -8.768  -6.566  1.00 18.15 ? 35  ARG B NH2 1 
ATOM   256  N N   . GLN A 1 30  ? -9.852  -7.789  1.504   1.00 11.71 ? 36  GLN B N   1 
ATOM   257  C CA  . GLN A 1 30  ? -10.219 -6.546  2.194   1.00 12.19 ? 36  GLN B CA  1 
ATOM   258  C C   . GLN A 1 30  ? -9.596  -6.495  3.580   1.00 11.87 ? 36  GLN B C   1 
ATOM   259  O O   . GLN A 1 30  ? -9.395  -7.540  4.219   1.00 12.56 ? 36  GLN B O   1 
ATOM   260  C CB  . GLN A 1 30  ? -11.740 -6.444  2.358   1.00 14.65 ? 36  GLN B CB  1 
ATOM   261  C CG  . GLN A 1 30  ? -12.508 -6.722  1.083   1.00 17.63 ? 36  GLN B CG  1 
ATOM   262  C CD  . GLN A 1 30  ? -13.961 -6.336  1.242   1.00 21.55 ? 36  GLN B CD  1 
ATOM   263  O OE1 . GLN A 1 30  ? -14.346 -5.619  2.173   1.00 24.55 ? 36  GLN B OE1 1 
ATOM   264  N NE2 . GLN A 1 30  ? -14.788 -6.857  0.361   1.00 25.57 ? 36  GLN B NE2 1 
ATOM   265  N N   . VAL A 1 31  ? -9.314  -5.291  4.041   1.00 11.05 ? 37  VAL B N   1 
ATOM   266  C CA  . VAL A 1 31  ? -8.746  -5.089  5.396   1.00 10.82 ? 37  VAL B CA  1 
ATOM   267  C C   . VAL A 1 31  ? -9.298  -3.792  5.970   1.00 11.14 ? 37  VAL B C   1 
ATOM   268  O O   . VAL A 1 31  ? -9.380  -2.780  5.274   1.00 10.74 ? 37  VAL B O   1 
ATOM   269  C CB  . VAL A 1 31  ? -7.220  -5.152  5.381   1.00 10.41 ? 37  VAL B CB  1 
ATOM   270  C CG1 . VAL A 1 31  ? -6.609  -4.124  4.417   1.00 10.76 ? 37  VAL B CG1 1 
ATOM   271  C CG2 . VAL A 1 31  ? -6.624  -4.991  6.772   1.00 11.12 ? 37  VAL B CG2 1 
ATOM   272  N N   . ARG A 1 32  ? -9.638  -3.826  7.249   1.00 10.93 ? 38  ARG B N   1 
ATOM   273  C CA  . ARG A 1 32  ? -10.025 -2.602  7.970   1.00 11.55 ? 38  ARG B CA  1 
ATOM   274  C C   . ARG A 1 32  ? -9.450  -2.640  9.399   1.00 11.18 ? 38  ARG B C   1 
ATOM   275  O O   . ARG A 1 32  ? -9.076  -3.687  9.916   1.00 10.71 ? 38  ARG B O   1 
ATOM   276  C CB  . ARG A 1 32  ? -11.544 -2.454  8.014   1.00 12.71 ? 38  ARG B CB  1 
ATOM   277  C CG  . ARG A 1 32  ? -12.240 -3.525  8.831   1.00 14.44 ? 38  ARG B CG  1 
ATOM   278  C CD  . ARG A 1 32  ? -13.753 -3.353  8.679   1.00 17.14 ? 38  ARG B CD  1 
ATOM   279  N NE  . ARG A 1 32  ? -14.479 -4.349  9.446   1.00 22.32 ? 38  ARG B NE  1 
ATOM   280  C CZ  . ARG A 1 32  ? -14.823 -4.235  10.712  1.00 19.10 ? 38  ARG B CZ  1 
ATOM   281  N NH1 . ARG A 1 32  ? -14.517 -3.180  11.438  1.00 22.26 ? 38  ARG B NH1 1 
ATOM   282  N NH2 . ARG A 1 32  ? -15.501 -5.247  11.265  1.00 24.16 ? 38  ARG B NH2 1 
ATOM   283  N N   A MET A 1 33  ? -9.471  -1.449  9.994   0.25 10.81 ? 39  MET B N   1 
ATOM   284  N N   B MET A 1 33  ? -9.339  -1.471  10.029  0.25 11.99 ? 39  MET B N   1 
ATOM   285  C CA  A MET A 1 33  ? -9.075  -1.203  11.402  0.25 11.72 ? 39  MET B CA  1 
ATOM   286  C CA  B MET A 1 33  ? -8.825  -1.426  11.426  0.25 13.14 ? 39  MET B CA  1 
ATOM   287  C C   A MET A 1 33  ? -10.198 -1.700  12.323  0.25 11.54 ? 39  MET B C   1 
ATOM   288  C C   B MET A 1 33  ? -10.007 -1.588  12.383  0.25 12.44 ? 39  MET B C   1 
ATOM   289  O O   A MET A 1 33  ? -11.365 -1.334  12.124  0.25 12.36 ? 39  MET B O   1 
ATOM   290  O O   B MET A 1 33  ? -10.947 -0.748  12.320  0.25 11.82 ? 39  MET B O   1 
ATOM   291  C CB  A MET A 1 33  ? -8.810  0.295   11.595  0.25 11.73 ? 39  MET B CB  1 
ATOM   292  C CB  B MET A 1 33  ? -8.065  -0.143  11.777  0.25 15.48 ? 39  MET B CB  1 
ATOM   293  C CG  A MET A 1 33  ? -8.174  0.658   12.941  0.25 13.09 ? 39  MET B CG  1 
ATOM   294  C CG  B MET A 1 33  ? -7.534  -0.160  13.237  0.25 16.82 ? 39  MET B CG  1 
ATOM   295  S SD  A MET A 1 33  ? -6.621  -0.276  13.273  0.25 15.53 ? 39  MET B SD  1 
ATOM   296  S SD  B MET A 1 33  ? -6.421  1.227   13.541  0.25 19.51 ? 39  MET B SD  1 
ATOM   297  C CE  A MET A 1 33  ? -5.818  0.723   14.519  0.25 14.46 ? 39  MET B CE  1 
ATOM   298  C CE  B MET A 1 33  ? -5.994  0.886   15.246  0.25 19.69 ? 39  MET B CE  1 
ATOM   299  N N   . GLY A 1 34  ? -9.886  -2.623  13.218  1.00 12.13 ? 40  GLY B N   1 
ATOM   300  C CA  . GLY A 1 34  ? -10.842 -2.958  14.288  1.00 13.94 ? 40  GLY B CA  1 
ATOM   301  C C   . GLY A 1 34  ? -10.788 -1.946  15.411  1.00 14.49 ? 40  GLY B C   1 
ATOM   302  O O   . GLY A 1 34  ? -9.940  -1.034  15.440  1.00 15.09 ? 40  GLY B O   1 
ATOM   303  N N   . ASP A 1 35  ? -11.803 -2.016  16.294  1.00 18.43 ? 41  ASP B N   1 
ATOM   304  C CA  . ASP A 1 35  ? -11.892 -1.033  17.423  1.00 20.50 ? 41  ASP B CA  1 
ATOM   305  C C   . ASP A 1 35  ? -11.106 -1.585  18.632  1.00 19.77 ? 41  ASP B C   1 
ATOM   306  O O   . ASP A 1 35  ? -11.015 -0.858  19.658  1.00 20.83 ? 41  ASP B O   1 
ATOM   307  C CB  . ASP A 1 35  ? -13.350 -0.608  17.720  1.00 24.65 ? 41  ASP B CB  1 
ATOM   308  C CG  . ASP A 1 35  ? -14.020 0.348   16.710  1.00 32.43 ? 41  ASP B CG  1 
ATOM   309  O OD1 . ASP A 1 35  ? -13.302 1.151   16.053  1.00 37.14 ? 41  ASP B OD1 1 
ATOM   310  O OD2 . ASP A 1 35  ? -15.278 0.337   16.612  1.00 34.78 ? 41  ASP B OD2 1 
ATOM   311  N N   . THR A 1 36  ? -10.441 -2.725  18.514  1.00 15.52 ? 42  THR B N   1 
ATOM   312  C CA  . THR A 1 36  ? -9.671  -3.376  19.613  1.00 16.10 ? 42  THR B CA  1 
ATOM   313  C C   . THR A 1 36  ? -8.663  -4.384  19.055  1.00 13.51 ? 42  THR B C   1 
ATOM   314  O O   . THR A 1 36  ? -8.704  -4.762  17.811  1.00 13.01 ? 42  THR B O   1 
ATOM   315  C CB  . THR A 1 36  ? -10.709 -4.004  20.539  1.00 17.97 ? 42  THR B CB  1 
ATOM   316  O OG1 . THR A 1 36  ? -10.061 -4.408  21.717  1.00 19.65 ? 42  THR B OG1 1 
ATOM   317  C CG2 . THR A 1 36  ? -11.395 -5.187  19.893  1.00 19.34 ? 42  THR B CG2 1 
ATOM   318  N N   . HIS A 1 37  ? -7.797  -4.951  19.890  1.00 13.64 ? 43  HIS B N   1 
ATOM   319  C CA  . HIS A 1 37  ? -6.929  -6.099  19.533  1.00 12.88 ? 43  HIS B CA  1 
ATOM   320  C C   . HIS A 1 37  ? -7.775  -7.260  19.031  1.00 14.09 ? 43  HIS B C   1 
ATOM   321  O O   . HIS A 1 37  ? -8.770  -7.615  19.711  1.00 14.29 ? 43  HIS B O   1 
ATOM   322  C CB  . HIS A 1 37  ? -6.059  -6.433  20.743  1.00 12.38 ? 43  HIS B CB  1 
ATOM   323  C CG  . HIS A 1 37  ? -5.003  -7.448  20.578  1.00 12.37 ? 43  HIS B CG  1 
ATOM   324  N ND1 . HIS A 1 37  ? -5.255  -8.787  20.353  1.00 12.53 ? 43  HIS B ND1 1 
ATOM   325  C CD2 . HIS A 1 37  ? -3.647  -7.340  20.672  1.00 11.86 ? 43  HIS B CD2 1 
ATOM   326  C CE1 . HIS A 1 37  ? -4.131  -9.455  20.313  1.00 12.56 ? 43  HIS B CE1 1 
ATOM   327  N NE2 . HIS A 1 37  ? -3.077  -8.560  20.497  1.00 12.56 ? 43  HIS B NE2 1 
ATOM   328  N N   . GLN A 1 38  ? -7.372  -7.911  17.947  1.00 12.26 ? 44  GLN B N   1 
ATOM   329  C CA  . GLN A 1 38  ? -8.203  -8.930  17.281  1.00 12.06 ? 44  GLN B CA  1 
ATOM   330  C C   . GLN A 1 38  ? -7.882  -10.339 17.780  1.00 13.22 ? 44  GLN B C   1 
ATOM   331  O O   . GLN A 1 38  ? -8.267  -11.323 17.102  1.00 14.88 ? 44  GLN B O   1 
ATOM   332  C CB  . GLN A 1 38  ? -8.085  -8.782  15.755  1.00 11.76 ? 44  GLN B CB  1 
ATOM   333  C CG  . GLN A 1 38  ? -8.700  -7.495  15.296  1.00 11.96 ? 44  GLN B CG  1 
ATOM   334  C CD  . GLN A 1 38  ? -10.136 -7.306  15.703  1.00 12.70 ? 44  GLN B CD  1 
ATOM   335  O OE1 . GLN A 1 38  ? -10.564 -6.286  16.245  1.00 16.70 ? 44  GLN B OE1 1 
ATOM   336  N NE2 . GLN A 1 38  ? -10.946 -8.321  15.483  1.00 11.85 ? 44  GLN B NE2 1 
ATOM   337  N N   . ASN A 1 39  ? -7.211  -10.474 18.917  1.00 12.81 ? 45  ASN B N   1 
ATOM   338  C CA  . ASN A 1 39  ? -7.112  -11.781 19.631  1.00 12.42 ? 45  ASN B CA  1 
ATOM   339  C C   . ASN A 1 39  ? -6.234  -12.763 18.896  1.00 13.34 ? 45  ASN B C   1 
ATOM   340  O O   . ASN A 1 39  ? -6.410  -13.967 19.002  1.00 15.02 ? 45  ASN B O   1 
ATOM   341  C CB  . ASN A 1 39  ? -8.488  -12.398 19.965  1.00 12.86 ? 45  ASN B CB  1 
ATOM   342  C CG  . ASN A 1 39  ? -8.406  -13.336 21.157  1.00 12.39 ? 45  ASN B CG  1 
ATOM   343  O OD1 . ASN A 1 39  ? -7.573  -13.178 22.056  1.00 11.97 ? 45  ASN B OD1 1 
ATOM   344  N ND2 . ASN A 1 39  ? -9.231  -14.394 21.147  1.00 12.42 ? 45  ASN B ND2 1 
ATOM   345  N N   . VAL A 1 40  ? -5.181  -12.262 18.268  1.00 14.73 ? 46  VAL B N   1 
ATOM   346  C CA  . VAL A 1 40  ? -4.116  -13.058 17.589  1.00 15.74 ? 46  VAL B CA  1 
ATOM   347  C C   . VAL A 1 40  ? -2.835  -13.081 18.448  1.00 14.78 ? 46  VAL B C   1 
ATOM   348  O O   . VAL A 1 40  ? -2.598  -12.132 19.174  1.00 15.05 ? 46  VAL B O   1 
ATOM   349  C CB  . VAL A 1 40  ? -3.816  -12.500 16.177  1.00 16.56 ? 46  VAL B CB  1 
ATOM   350  C CG1 . VAL A 1 40  ? -4.992  -12.702 15.230  1.00 19.84 ? 46  VAL B CG1 1 
ATOM   351  C CG2 . VAL A 1 40  ? -3.377  -11.047 16.188  1.00 17.42 ? 46  VAL B CG2 1 
ATOM   352  N N   . SER A 1 41  ? -2.001  -14.108 18.341  1.00 16.60 ? 47  SER B N   1 
ATOM   353  C CA  . SER A 1 41  ? -0.671  -14.125 18.970  1.00 17.44 ? 47  SER B CA  1 
ATOM   354  C C   . SER A 1 41  ? 0.266   -13.137 18.282  1.00 15.58 ? 47  SER B C   1 
ATOM   355  O O   . SER A 1 41  ? 0.087   -12.844 17.070  1.00 15.76 ? 47  SER B O   1 
ATOM   356  C CB  . SER A 1 41  ? -0.083  -15.522 18.945  1.00 20.14 ? 47  SER B CB  1 
ATOM   357  O OG  . SER A 1 41  ? -0.015  -16.003 17.617  1.00 22.79 ? 47  SER B OG  1 
ATOM   358  N N   . ASP A 1 42  ? 1.266   -12.652 18.977  1.00 16.69 ? 48  ASP B N   1 
ATOM   359  C CA  . ASP A 1 42  ? 2.301   -11.786 18.388  1.00 16.60 ? 48  ASP B CA  1 
ATOM   360  C C   . ASP A 1 42  ? 3.293   -12.664 17.638  1.00 18.03 ? 48  ASP B C   1 
ATOM   361  O O   . ASP A 1 42  ? 3.424   -13.865 17.937  1.00 18.15 ? 48  ASP B O   1 
ATOM   362  C CB  . ASP A 1 42  ? 2.941   -10.916 19.456  1.00 17.99 ? 48  ASP B CB  1 
ATOM   363  C CG  . ASP A 1 42  ? 3.807   -9.854  18.831  1.00 22.80 ? 48  ASP B CG  1 
ATOM   364  O OD1 . ASP A 1 42  ? 3.401   -9.267  17.740  1.00 17.38 ? 48  ASP B OD1 1 
ATOM   365  O OD2 . ASP A 1 42  ? 4.963   -9.760  19.318  1.00 28.57 ? 48  ASP B OD2 1 
ATOM   366  N N   . ASN A 1 43  ? 3.996   -12.066 16.673  1.00 16.17 ? 49  ASN B N   1 
ATOM   367  C CA  . ASN A 1 43  ? 5.063   -12.757 15.915  1.00 17.01 ? 49  ASN B CA  1 
ATOM   368  C C   . ASN A 1 43  ? 5.973   -11.675 15.343  1.00 17.09 ? 49  ASN B C   1 
ATOM   369  O O   . ASN A 1 43  ? 5.654   -10.460 15.418  1.00 17.64 ? 49  ASN B O   1 
ATOM   370  C CB  . ASN A 1 43  ? 4.515   -13.712 14.871  1.00 16.59 ? 49  ASN B CB  1 
ATOM   371  C CG  . ASN A 1 43  ? 3.851   -13.000 13.705  1.00 16.19 ? 49  ASN B CG  1 
ATOM   372  O OD1 . ASN A 1 43  ? 4.464   -12.107 13.106  1.00 18.49 ? 49  ASN B OD1 1 
ATOM   373  N ND2 . ASN A 1 43  ? 2.648   -13.324 13.364  1.00 15.78 ? 49  ASN B ND2 1 
ATOM   374  N N   . LYS A 1 44  ? 7.133   -12.071 14.864  1.00 17.59 ? 50  LYS B N   1 
ATOM   375  C CA  . LYS A 1 44  ? 8.176   -11.112 14.441  1.00 18.68 ? 50  LYS B CA  1 
ATOM   376  C C   . LYS A 1 44  ? 7.782   -10.434 13.108  1.00 16.91 ? 50  LYS B C   1 
ATOM   377  O O   . LYS A 1 44  ? 8.387   -9.381  12.827  1.00 18.20 ? 50  LYS B O   1 
ATOM   378  C CB  . LYS A 1 44  ? 9.520   -11.839 14.251  1.00 22.28 ? 50  LYS B CB  1 
ATOM   379  C CG  . LYS A 1 44  ? 9.488   -12.885 13.160  1.00 27.56 ? 50  LYS B CG  1 
ATOM   380  C CD  . LYS A 1 44  ? 10.667  -13.839 13.153  1.00 37.01 ? 50  LYS B CD  1 
ATOM   381  C CE  . LYS A 1 44  ? 10.731  -14.603 11.848  1.00 40.78 ? 50  LYS B CE  1 
ATOM   382  N NZ  . LYS A 1 44  ? 12.048  -15.259 11.679  1.00 48.03 ? 50  LYS B NZ  1 
ATOM   383  N N   . GLU A 1 45  ? 6.844   -10.990 12.361  1.00 16.10 ? 51  GLU B N   1 
ATOM   384  C CA  . GLU A 1 45  ? 6.401   -10.388 11.063  1.00 16.23 ? 51  GLU B CA  1 
ATOM   385  C C   . GLU A 1 45  ? 5.431   -9.207  11.277  1.00 15.19 ? 51  GLU B C   1 
ATOM   386  O O   . GLU A 1 45  ? 5.333   -8.334  10.367  1.00 16.16 ? 51  GLU B O   1 
ATOM   387  C CB  . GLU A 1 45  ? 5.723   -11.419 10.187  1.00 18.77 ? 51  GLU B CB  1 
ATOM   388  C CG  . GLU A 1 45  ? 6.590   -12.625 9.805   1.00 22.75 ? 51  GLU B CG  1 
ATOM   389  C CD  . GLU A 1 45  ? 5.770   -13.605 8.979   1.00 27.62 ? 51  GLU B CD  1 
ATOM   390  O OE1 . GLU A 1 45  ? 5.441   -14.700 9.498   1.00 33.41 ? 51  GLU B OE1 1 
ATOM   391  O OE2 . GLU A 1 45  ? 5.392   -13.279 7.840   1.00 30.36 ? 51  GLU B OE2 1 
ATOM   392  N N   . ARG A 1 46  ? 4.679   -9.132  12.376  1.00 13.51 ? 52  ARG B N   1 
ATOM   393  C CA  . ARG A 1 46  ? 3.585   -8.138  12.470  1.00 13.05 ? 52  ARG B CA  1 
ATOM   394  C C   . ARG A 1 46  ? 4.111   -6.731  12.591  1.00 13.03 ? 52  ARG B C   1 
ATOM   395  O O   . ARG A 1 46  ? 5.004   -6.408  13.397  1.00 13.21 ? 52  ARG B O   1 
ATOM   396  C CB  . ARG A 1 46  ? 2.708   -8.400  13.697  1.00 12.00 ? 52  ARG B CB  1 
ATOM   397  C CG  . ARG A 1 46  ? 1.973   -9.725  13.687  1.00 13.36 ? 52  ARG B CG  1 
ATOM   398  C CD  . ARG A 1 46  ? 0.781   -9.712  14.684  1.00 12.86 ? 52  ARG B CD  1 
ATOM   399  N NE  . ARG A 1 46  ? 0.164   -11.022 14.737  1.00 14.50 ? 52  ARG B NE  1 
ATOM   400  C CZ  . ARG A 1 46  ? -0.573  -11.561 13.775  1.00 13.85 ? 52  ARG B CZ  1 
ATOM   401  N NH1 . ARG A 1 46  ? -0.973  -10.832 12.736  1.00 12.97 ? 52  ARG B NH1 1 
ATOM   402  N NH2 . ARG A 1 46  ? -0.969  -12.837 13.855  1.00 16.03 ? 52  ARG B NH2 1 
ATOM   403  N N   . PHE A 1 47  ? 3.551   -5.811  11.818  1.00 11.46 ? 53  PHE B N   1 
ATOM   404  C CA  . PHE A 1 47  ? 3.811   -4.384  12.035  1.00 11.48 ? 53  PHE B CA  1 
ATOM   405  C C   . PHE A 1 47  ? 3.238   -3.985  13.407  1.00 13.17 ? 53  PHE B C   1 
ATOM   406  O O   . PHE A 1 47  ? 2.040   -4.107  13.636  1.00 13.52 ? 53  PHE B O   1 
ATOM   407  C CB  . PHE A 1 47  ? 3.207   -3.517  10.939  1.00 10.55 ? 53  PHE B CB  1 
ATOM   408  C CG  . PHE A 1 47  ? 3.967   -3.631  9.639   1.00 10.36 ? 53  PHE B CG  1 
ATOM   409  C CD1 . PHE A 1 47  ? 5.135   -2.907  9.429   1.00 10.73 ? 53  PHE B CD1 1 
ATOM   410  C CD2 . PHE A 1 47  ? 3.498   -4.432  8.604   1.00 10.95 ? 53  PHE B CD2 1 
ATOM   411  C CE1 . PHE A 1 47  ? 5.835   -3.015  8.233   1.00 11.36 ? 53  PHE B CE1 1 
ATOM   412  C CE2 . PHE A 1 47  ? 4.196   -4.513  7.387   1.00 11.04 ? 53  PHE B CE2 1 
ATOM   413  C CZ  . PHE A 1 47  ? 5.370   -3.798  7.235   1.00 10.30 ? 53  PHE B CZ  1 
ATOM   414  N N   . SER A 1 48  ? 4.058   -3.484  14.313  1.00 13.60 ? 54  SER B N   1 
ATOM   415  C CA  . SER A 1 48  ? 3.622   -3.250  15.722  1.00 14.42 ? 54  SER B CA  1 
ATOM   416  C C   . SER A 1 48  ? 3.025   -1.865  15.889  1.00 15.08 ? 54  SER B C   1 
ATOM   417  O O   . SER A 1 48  ? 2.068   -1.736  16.706  1.00 17.10 ? 54  SER B O   1 
ATOM   418  C CB  . SER A 1 48  ? 4.788   -3.466  16.677  1.00 15.49 ? 54  SER B CB  1 
ATOM   419  O OG  . SER A 1 48  ? 5.851   -2.573  16.428  1.00 15.05 ? 54  SER B OG  1 
ATOM   420  N N   . ASN A 1 49  ? 3.518   -0.832  15.237  1.00 13.25 ? 55  ASN B N   1 
ATOM   421  C CA  . ASN A 1 49  ? 3.229   0.566   15.617  1.00 14.29 ? 55  ASN B CA  1 
ATOM   422  C C   . ASN A 1 49  ? 2.147   1.208   14.754  1.00 13.59 ? 55  ASN B C   1 
ATOM   423  O O   . ASN A 1 49  ? 1.611   2.252   15.129  1.00 14.87 ? 55  ASN B O   1 
ATOM   424  C CB  . ASN A 1 49  ? 4.467   1.450   15.555  1.00 16.23 ? 55  ASN B CB  1 
ATOM   425  C CG  . ASN A 1 49  ? 5.458   1.214   16.694  1.00 17.79 ? 55  ASN B CG  1 
ATOM   426  O OD1 . ASN A 1 49  ? 5.771   0.080   17.055  1.00 21.52 ? 55  ASN B OD1 1 
ATOM   427  N ND2 . ASN A 1 49  ? 5.887   2.310   17.293  1.00 23.71 ? 55  ASN B ND2 1 
ATOM   428  N N   . TYR A 1 50  ? 1.837   0.611   13.595  1.00 12.03 ? 56  TYR B N   1 
ATOM   429  C CA  . TYR A 1 50  ? 0.932   1.240   12.605  1.00 11.15 ? 56  TYR B CA  1 
ATOM   430  C C   . TYR A 1 50  ? 0.007   0.181   12.028  1.00 10.49 ? 56  TYR B C   1 
ATOM   431  O O   . TYR A 1 50  ? 0.338   -0.993  12.019  1.00 10.89 ? 56  TYR B O   1 
ATOM   432  C CB  . TYR A 1 50  ? 1.764   1.831   11.458  1.00 11.89 ? 56  TYR B CB  1 
ATOM   433  C CG  . TYR A 1 50  ? 2.953   2.666   11.864  1.00 13.11 ? 56  TYR B CG  1 
ATOM   434  C CD1 . TYR A 1 50  ? 2.761   3.945   12.370  1.00 14.80 ? 56  TYR B CD1 1 
ATOM   435  C CD2 . TYR A 1 50  ? 4.261   2.208   11.778  1.00 13.92 ? 56  TYR B CD2 1 
ATOM   436  C CE1 . TYR A 1 50  ? 3.837   4.754   12.730  1.00 16.15 ? 56  TYR B CE1 1 
ATOM   437  C CE2 . TYR A 1 50  ? 5.339   2.973   12.189  1.00 14.36 ? 56  TYR B CE2 1 
ATOM   438  C CZ  . TYR A 1 50  ? 5.127   4.264   12.636  1.00 15.11 ? 56  TYR B CZ  1 
ATOM   439  O OH  . TYR A 1 50  ? 6.218   5.013   12.996  1.00 16.57 ? 56  TYR B OH  1 
ATOM   440  N N   . PRO A 1 51  ? -1.158  0.578   11.482  1.00 10.51 ? 57  PRO B N   1 
ATOM   441  C CA  . PRO A 1 51  ? -2.147  -0.376  10.977  1.00 10.49 ? 57  PRO B CA  1 
ATOM   442  C C   . PRO A 1 51  ? -1.850  -0.907  9.552   1.00 9.48  ? 57  PRO B C   1 
ATOM   443  O O   . PRO A 1 51  ? -2.608  -0.757  8.624   1.00 10.16 ? 57  PRO B O   1 
ATOM   444  C CB  . PRO A 1 51  ? -3.491  0.408   11.021  1.00 11.93 ? 57  PRO B CB  1 
ATOM   445  C CG  . PRO A 1 51  ? -3.179  1.696   11.741  1.00 13.11 ? 57  PRO B CG  1 
ATOM   446  C CD  . PRO A 1 51  ? -1.723  1.930   11.544  1.00 11.32 ? 57  PRO B CD  1 
ATOM   447  N N   . MET A 1 52  ? -0.676  -1.565  9.455   1.00 9.51  ? 58  MET B N   1 
ATOM   448  C CA  . MET A 1 52  ? -0.052  -2.000  8.188   1.00 8.67  ? 58  MET B CA  1 
ATOM   449  C C   . MET A 1 52  ? -0.169  -3.502  8.038   1.00 9.63  ? 58  MET B C   1 
ATOM   450  O O   . MET A 1 52  ? -0.242  -4.315  8.990   1.00 10.05 ? 58  MET B O   1 
ATOM   451  C CB  . MET A 1 52  ? 1.407   -1.580  8.147   1.00 9.38  ? 58  MET B CB  1 
ATOM   452  C CG  . MET A 1 52  ? 1.601   -0.106  8.051   1.00 9.59  ? 58  MET B CG  1 
ATOM   453  S SD  . MET A 1 52  ? 3.324   0.341   8.415   1.00 10.89 ? 58  MET B SD  1 
ATOM   454  C CE  . MET A 1 52  ? 3.330   2.118   8.231   1.00 12.13 ? 58  MET B CE  1 
ATOM   455  N N   . VAL A 1 53  ? -0.158  -3.924  6.769   1.00 9.03  ? 59  VAL B N   1 
ATOM   456  C CA  . VAL A 1 53  ? -0.204  -5.352  6.360   1.00 9.50  ? 59  VAL B CA  1 
ATOM   457  C C   . VAL A 1 53  ? 0.470   -5.480  4.984   1.00 9.57  ? 59  VAL B C   1 
ATOM   458  O O   . VAL A 1 53  ? 0.417   -4.512  4.186   1.00 10.03 ? 59  VAL B O   1 
ATOM   459  C CB  . VAL A 1 53  ? -1.633  -5.921  6.386   1.00 10.10 ? 59  VAL B CB  1 
ATOM   460  C CG1 . VAL A 1 53  ? -2.548  -5.188  5.438   1.00 10.43 ? 59  VAL B CG1 1 
ATOM   461  C CG2 . VAL A 1 53  ? -1.667  -7.438  6.148   1.00 10.47 ? 59  VAL B CG2 1 
ATOM   462  N N   . LEU A 1 54  ? 1.039   -6.643  4.698   1.00 9.60  ? 60  LEU B N   1 
ATOM   463  C CA  . LEU A 1 54  ? 1.645   -6.920  3.376   1.00 9.87  ? 60  LEU B CA  1 
ATOM   464  C C   . LEU A 1 54  ? 0.772   -7.846  2.561   1.00 10.35 ? 60  LEU B C   1 
ATOM   465  O O   . LEU A 1 54  ? 0.030   -8.742  3.108   1.00 11.41 ? 60  LEU B O   1 
ATOM   466  C CB  . LEU A 1 54  ? 3.016   -7.571  3.526   1.00 10.74 ? 60  LEU B CB  1 
ATOM   467  C CG  . LEU A 1 54  ? 4.000   -6.755  4.325   1.00 10.87 ? 60  LEU B CG  1 
ATOM   468  C CD1 . LEU A 1 54  ? 5.400   -7.378  4.342   1.00 13.07 ? 60  LEU B CD1 1 
ATOM   469  C CD2 . LEU A 1 54  ? 4.106   -5.327  3.837   1.00 10.95 ? 60  LEU B CD2 1 
ATOM   470  N N   . GLY A 1 55  ? 0.870   -7.761  1.239   1.00 10.32 ? 61  GLY B N   1 
ATOM   471  C CA  . GLY A 1 55  ? 0.409   -8.851  0.342   1.00 11.06 ? 61  GLY B CA  1 
ATOM   472  C C   . GLY A 1 55  ? 1.239   -10.119 0.527   1.00 10.97 ? 61  GLY B C   1 
ATOM   473  O O   . GLY A 1 55  ? 2.397   -10.035 0.872   1.00 11.49 ? 61  GLY B O   1 
ATOM   474  N N   . ALA A 1 56  ? 0.648   -11.272 0.233   1.00 11.86 ? 62  ALA B N   1 
ATOM   475  C CA  . ALA A 1 56  ? 1.344   -12.574 0.335   1.00 13.81 ? 62  ALA B CA  1 
ATOM   476  C C   . ALA A 1 56  ? 2.340   -12.735 -0.816  1.00 14.71 ? 62  ALA B C   1 
ATOM   477  O O   . ALA A 1 56  ? 3.372   -13.414 -0.638  1.00 18.15 ? 62  ALA B O   1 
ATOM   478  C CB  . ALA A 1 56  ? 0.324   -13.660 0.322   1.00 15.35 ? 62  ALA B CB  1 
ATOM   479  N N   . GLN A 1 57  ? 2.052   -12.107 -1.938  1.00 13.80 ? 63  GLN B N   1 
ATOM   480  C CA  . GLN A 1 57  ? 2.865   -12.314 -3.168  1.00 14.29 ? 63  GLN B CA  1 
ATOM   481  C C   . GLN A 1 57  ? 4.222   -11.618 -3.014  1.00 15.11 ? 63  GLN B C   1 
ATOM   482  O O   . GLN A 1 57  ? 4.330   -10.512 -2.401  1.00 15.42 ? 63  GLN B O   1 
ATOM   483  C CB  . GLN A 1 57  ? 2.084   -11.798 -4.384  1.00 16.32 ? 63  GLN B CB  1 
ATOM   484  C CG  . GLN A 1 57  ? 0.870   -12.633 -4.757  1.00 18.08 ? 63  GLN B CG  1 
ATOM   485  C CD  . GLN A 1 57  ? -0.288  -12.517 -3.784  1.00 17.98 ? 63  GLN B CD  1 
ATOM   486  O OE1 . GLN A 1 57  ? -0.515  -11.441 -3.242  1.00 16.59 ? 63  GLN B OE1 1 
ATOM   487  N NE2 . GLN A 1 57  ? -1.046  -13.572 -3.558  1.00 20.29 ? 63  GLN B NE2 1 
ATOM   488  N N   . ARG A 1 58  ? 5.279   -12.240 -3.519  1.00 15.17 ? 64  ARG B N   1 
ATOM   489  C CA  . ARG A 1 58  ? 6.640   -11.685 -3.619  1.00 14.99 ? 64  ARG B CA  1 
ATOM   490  C C   . ARG A 1 58  ? 7.018   -11.557 -5.088  1.00 13.50 ? 64  ARG B C   1 
ATOM   491  O O   . ARG A 1 58  ? 6.747   -12.484 -5.882  1.00 16.42 ? 64  ARG B O   1 
ATOM   492  C CB  . ARG A 1 58  ? 7.692   -12.616 -2.978  1.00 19.45 ? 64  ARG B CB  1 
ATOM   493  C CG  . ARG A 1 58  ? 7.761   -12.624 -1.449  1.00 27.03 ? 64  ARG B CG  1 
ATOM   494  C CD  . ARG A 1 58  ? 6.389   -12.803 -0.824  1.00 29.30 ? 64  ARG B CD  1 
ATOM   495  N NE  . ARG A 1 58  ? 6.054   -13.452 0.454   1.00 33.49 ? 64  ARG B NE  1 
ATOM   496  C CZ  . ARG A 1 58  ? 6.873   -13.833 1.432   1.00 32.64 ? 64  ARG B CZ  1 
ATOM   497  N NH1 . ARG A 1 58  ? 6.353   -14.397 2.512   1.00 36.89 ? 64  ARG B NH1 1 
ATOM   498  N NH2 . ARG A 1 58  ? 8.176   -13.674 1.351   1.00 32.78 ? 64  ARG B NH2 1 
ATOM   499  N N   . PHE A 1 59  ? 7.567   -10.430 -5.449  1.00 12.44 ? 65  PHE B N   1 
ATOM   500  C CA  . PHE A 1 59  ? 7.958   -10.167 -6.859  1.00 13.15 ? 65  PHE B CA  1 
ATOM   501  C C   . PHE A 1 59  ? 9.444   -9.847  -6.921  1.00 12.49 ? 65  PHE B C   1 
ATOM   502  O O   . PHE A 1 59  ? 9.943   -8.989  -6.187  1.00 12.44 ? 65  PHE B O   1 
ATOM   503  C CB  . PHE A 1 59  ? 7.161   -8.952  -7.394  1.00 14.95 ? 65  PHE B CB  1 
ATOM   504  C CG  . PHE A 1 59  ? 5.651   -9.117  -7.303  1.00 16.70 ? 65  PHE B CG  1 
ATOM   505  C CD1 . PHE A 1 59  ? 5.070   -10.235 -7.887  1.00 19.16 ? 65  PHE B CD1 1 
ATOM   506  C CD2 . PHE A 1 59  ? 4.829   -8.240  -6.638  1.00 24.19 ? 65  PHE B CD2 1 
ATOM   507  C CE1 . PHE A 1 59  ? 3.703   -10.467 -7.851  1.00 21.90 ? 65  PHE B CE1 1 
ATOM   508  C CE2 . PHE A 1 59  ? 3.442   -8.446  -6.633  1.00 19.13 ? 65  PHE B CE2 1 
ATOM   509  C CZ  . PHE A 1 59  ? 2.911   -9.586  -7.173  1.00 20.57 ? 65  PHE B CZ  1 
ATOM   510  N N   A SER A 1 60  ? 10.173  -10.534 -7.814  0.25 12.87 ? 66  SER B N   1 
ATOM   511  N N   B SER A 1 60  ? 10.169  -10.518 -7.828  0.25 12.76 ? 66  SER B N   1 
ATOM   512  C CA  A SER A 1 60  ? 11.635  -10.334 -8.007  0.25 13.21 ? 66  SER B CA  1 
ATOM   513  C CA  B SER A 1 60  ? 11.625  -10.313 -8.053  0.25 13.01 ? 66  SER B CA  1 
ATOM   514  C C   A SER A 1 60  ? 11.981  -10.070 -9.484  0.25 13.22 ? 66  SER B C   1 
ATOM   515  C C   B SER A 1 60  ? 11.938  -10.155 -9.538  0.25 13.37 ? 66  SER B C   1 
ATOM   516  O O   A SER A 1 60  ? 13.167  -9.790  -9.767  0.25 12.76 ? 66  SER B O   1 
ATOM   517  O O   B SER A 1 60  ? 13.108  -10.293 -9.910  0.25 12.23 ? 66  SER B O   1 
ATOM   518  C CB  A SER A 1 60  ? 12.422  -11.487 -7.407  0.25 13.86 ? 66  SER B CB  1 
ATOM   519  C CB  B SER A 1 60  ? 12.409  -11.458 -7.513  0.25 13.32 ? 66  SER B CB  1 
ATOM   520  O OG  A SER A 1 60  ? 12.460  -11.386 -5.969  0.25 15.03 ? 66  SER B OG  1 
ATOM   521  O OG  B SER A 1 60  ? 11.956  -12.640 -8.125  0.25 14.05 ? 66  SER B OG  1 
ATOM   522  N N   A SER A 1 61  ? 10.979  -10.057 -10.372 0.25 12.66 ? 67  SER B N   1 
ATOM   523  N N   B SER A 1 61  ? 10.932  -9.899  -10.360 0.25 13.75 ? 67  SER B N   1 
ATOM   524  C CA  A SER A 1 61  ? 11.151  -9.776  -11.824 0.25 13.19 ? 67  SER B CA  1 
ATOM   525  C CA  B SER A 1 61  ? 11.119  -9.785  -11.822 0.25 15.09 ? 67  SER B CA  1 
ATOM   526  C C   A SER A 1 61  ? 9.825   -9.303  -12.424 0.25 13.77 ? 67  SER B C   1 
ATOM   527  C C   B SER A 1 61  ? 9.790   -9.422  -12.474 0.25 14.87 ? 67  SER B C   1 
ATOM   528  O O   A SER A 1 61  ? 8.823   -9.374  -11.725 0.25 13.69 ? 67  SER B O   1 
ATOM   529  O O   B SER A 1 61  ? 8.745   -9.730  -11.865 0.25 14.60 ? 67  SER B O   1 
ATOM   530  C CB  A SER A 1 61  ? 11.645  -11.015 -12.554 0.25 13.21 ? 67  SER B CB  1 
ATOM   531  C CB  B SER A 1 61  ? 11.657  -11.091 -12.365 0.25 16.44 ? 67  SER B CB  1 
ATOM   532  O OG  A SER A 1 61  ? 10.655  -12.031 -12.550 0.25 13.27 ? 67  SER B OG  1 
ATOM   533  O OG  B SER A 1 61  ? 11.991  -10.957 -13.732 0.25 19.61 ? 67  SER B OG  1 
ATOM   534  N N   . GLY A 1 62  ? 9.841   -8.856  -13.679 1.00 15.11 ? 68  GLY B N   1 
ATOM   535  C CA  . GLY A 1 62  ? 8.618   -8.653  -14.463 1.00 16.37 ? 68  GLY B CA  1 
ATOM   536  C C   . GLY A 1 62  ? 7.872   -7.372  -14.143 1.00 13.24 ? 68  GLY B C   1 
ATOM   537  O O   . GLY A 1 62  ? 8.369   -6.479  -13.446 1.00 14.46 ? 68  GLY B O   1 
ATOM   538  N N   . LYS A 1 63  ? 6.706   -7.330  -14.746 1.00 12.86 ? 69  LYS B N   1 
ATOM   539  C CA  . LYS A 1 63  ? 5.758   -6.209  -14.660 1.00 13.53 ? 69  LYS B CA  1 
ATOM   540  C C   . LYS A 1 63  ? 4.508   -6.719  -13.954 1.00 13.52 ? 69  LYS B C   1 
ATOM   541  O O   . LYS A 1 63  ? 3.953   -7.763  -14.339 1.00 14.91 ? 69  LYS B O   1 
ATOM   542  C CB  . LYS A 1 63  ? 5.472   -5.680  -16.063 1.00 15.19 ? 69  LYS B CB  1 
ATOM   543  C CG  . LYS A 1 63  ? 6.675   -5.072  -16.775 1.00 15.40 ? 69  LYS B CG  1 
ATOM   544  C CD  . LYS A 1 63  ? 6.357   -4.679  -18.244 1.00 18.11 ? 69  LYS B CD  1 
ATOM   545  C CE  . LYS A 1 63  ? 7.509   -3.981  -18.935 1.00 20.32 ? 69  LYS B CE  1 
ATOM   546  N NZ  . LYS A 1 63  ? 7.130   -3.535  -20.305 1.00 22.30 ? 69  LYS B NZ  1 
ATOM   547  N N   . MET A 1 64  ? 4.020   -5.956  -12.987 1.00 12.25 ? 70  MET B N   1 
ATOM   548  C CA  . MET A 1 64  ? 2.866   -6.324  -12.145 1.00 12.14 ? 70  MET B CA  1 
ATOM   549  C C   . MET A 1 64  ? 1.947   -5.114  -12.004 1.00 11.54 ? 70  MET B C   1 
ATOM   550  O O   . MET A 1 64  ? 2.446   -3.987  -11.905 1.00 12.48 ? 70  MET B O   1 
ATOM   551  C CB  . MET A 1 64  ? 3.321   -6.668  -10.739 1.00 12.48 ? 70  MET B CB  1 
ATOM   552  C CG  . MET A 1 64  ? 4.010   -8.000  -10.569 1.00 13.08 ? 70  MET B CG  1 
ATOM   553  S SD  . MET A 1 64  ? 5.672   -8.222  -11.264 1.00 15.42 ? 70  MET B SD  1 
ATOM   554  C CE  . MET A 1 64  ? 6.612   -6.929  -10.497 1.00 15.63 ? 70  MET B CE  1 
ATOM   555  N N   . TYR A 1 65  ? 0.648   -5.327  -11.954 1.00 11.80 ? 71  TYR B N   1 
ATOM   556  C CA  . TYR A 1 65  ? -0.351  -4.231  -11.826 1.00 11.86 ? 71  TYR B CA  1 
ATOM   557  C C   . TYR A 1 65  ? -1.462  -4.728  -10.914 1.00 12.14 ? 71  TYR B C   1 
ATOM   558  O O   . TYR A 1 65  ? -1.949  -5.880  -11.060 1.00 12.79 ? 71  TYR B O   1 
ATOM   559  C CB  . TYR A 1 65  ? -0.920  -3.852  -13.196 1.00 13.08 ? 71  TYR B CB  1 
ATOM   560  C CG  . TYR A 1 65  ? -1.961  -2.772  -13.157 1.00 12.93 ? 71  TYR B CG  1 
ATOM   561  C CD1 . TYR A 1 65  ? -1.601  -1.449  -12.986 1.00 12.32 ? 71  TYR B CD1 1 
ATOM   562  C CD2 . TYR A 1 65  ? -3.319  -3.081  -13.227 1.00 12.82 ? 71  TYR B CD2 1 
ATOM   563  C CE1 . TYR A 1 65  ? -2.560  -0.433  -12.919 1.00 13.09 ? 71  TYR B CE1 1 
ATOM   564  C CE2 . TYR A 1 65  ? -4.280  -2.081  -13.147 1.00 12.58 ? 71  TYR B CE2 1 
ATOM   565  C CZ  . TYR A 1 65  ? -3.914  -0.764  -12.994 1.00 12.81 ? 71  TYR B CZ  1 
ATOM   566  O OH  . TYR A 1 65  ? -4.849  0.233   -12.898 1.00 14.51 ? 71  TYR B OH  1 
ATOM   567  N N   . TRP A 1 66  ? -1.912  -3.881  -10.002 1.00 10.76 ? 72  TRP B N   1 
ATOM   568  C CA  . TRP A 1 66  ? -3.148  -4.169  -9.225  1.00 11.17 ? 72  TRP B CA  1 
ATOM   569  C C   . TRP A 1 66  ? -3.838  -2.848  -8.873  1.00 11.23 ? 72  TRP B C   1 
ATOM   570  O O   . TRP A 1 66  ? -3.261  -1.772  -9.007  1.00 11.82 ? 72  TRP B O   1 
ATOM   571  C CB  . TRP A 1 66  ? -2.827  -5.040  -7.982  1.00 11.04 ? 72  TRP B CB  1 
ATOM   572  C CG  . TRP A 1 66  ? -1.929  -4.443  -6.955  1.00 10.48 ? 72  TRP B CG  1 
ATOM   573  C CD1 . TRP A 1 66  ? -2.302  -3.811  -5.799  1.00 10.56 ? 72  TRP B CD1 1 
ATOM   574  C CD2 . TRP A 1 66  ? -0.505  -4.452  -6.923  1.00 11.26 ? 72  TRP B CD2 1 
ATOM   575  N NE1 . TRP A 1 66  ? -1.208  -3.416  -5.078  1.00 10.74 ? 72  TRP B NE1 1 
ATOM   576  C CE2 . TRP A 1 66  ? -0.083  -3.797  -5.749  1.00 11.40 ? 72  TRP B CE2 1 
ATOM   577  C CE3 . TRP A 1 66  ? 0.465   -4.931  -7.812  1.00 12.80 ? 72  TRP B CE3 1 
ATOM   578  C CZ2 . TRP A 1 66  ? 1.253   -3.646  -5.425  1.00 11.69 ? 72  TRP B CZ2 1 
ATOM   579  C CZ3 . TRP A 1 66  ? 1.797   -4.814  -7.481  1.00 14.77 ? 72  TRP B CZ3 1 
ATOM   580  C CH2 . TRP A 1 66  ? 2.190   -4.146  -6.321  1.00 13.31 ? 72  TRP B CH2 1 
ATOM   581  N N   . GLU A 1 67  ? -5.074  -2.983  -8.397  1.00 10.77 ? 73  GLU B N   1 
ATOM   582  C CA  . GLU A 1 67  ? -5.913  -1.821  -8.021  1.00 10.59 ? 73  GLU B CA  1 
ATOM   583  C C   . GLU A 1 67  ? -6.500  -1.954  -6.620  1.00 10.15 ? 73  GLU B C   1 
ATOM   584  O O   . GLU A 1 67  ? -6.794  -3.058  -6.191  1.00 10.91 ? 73  GLU B O   1 
ATOM   585  C CB  . GLU A 1 67  ? -7.063  -1.623  -9.006  1.00 12.40 ? 73  GLU B CB  1 
ATOM   586  C CG  . GLU A 1 67  ? -6.559  -1.235  -10.393 1.00 14.66 ? 73  GLU B CG  1 
ATOM   587  C CD  . GLU A 1 67  ? -7.627  -1.043  -11.449 1.00 17.46 ? 73  GLU B CD  1 
ATOM   588  O OE1 . GLU A 1 67  ? -8.832  -1.323  -11.149 1.00 21.97 ? 73  GLU B OE1 1 
ATOM   589  O OE2 . GLU A 1 67  ? -7.259  -0.592  -12.600 1.00 16.21 ? 73  GLU B OE2 1 
ATOM   590  N N   . VAL A 1 68  ? -6.594  -0.826  -5.944  1.00 10.45 ? 74  VAL B N   1 
ATOM   591  C CA  . VAL A 1 68  ? -7.080  -0.769  -4.553  1.00 10.52 ? 74  VAL B CA  1 
ATOM   592  C C   . VAL A 1 68  ? -8.170  0.275   -4.466  1.00 9.90  ? 74  VAL B C   1 
ATOM   593  O O   . VAL A 1 68  ? -7.980  1.427   -4.875  1.00 11.26 ? 74  VAL B O   1 
ATOM   594  C CB  . VAL A 1 68  ? -5.940  -0.450  -3.580  1.00 10.27 ? 74  VAL B CB  1 
ATOM   595  C CG1 . VAL A 1 68  ? -6.459  -0.520  -2.159  1.00 11.69 ? 74  VAL B CG1 1 
ATOM   596  C CG2 . VAL A 1 68  ? -4.727  -1.338  -3.812  1.00 10.90 ? 74  VAL B CG2 1 
ATOM   597  N N   . ASP A 1 69  ? -9.271  -0.103  -3.803  1.00 10.53 ? 75  ASP B N   1 
ATOM   598  C CA  . ASP A 1 69  ? -10.404 0.802   -3.501  1.00 11.65 ? 75  ASP B CA  1 
ATOM   599  C C   . ASP A 1 69  ? -10.147 1.511   -2.187  1.00 10.07 ? 75  ASP B C   1 
ATOM   600  O O   . ASP A 1 69  ? -9.859  0.828   -1.154  1.00 11.02 ? 75  ASP B O   1 
ATOM   601  C CB  . ASP A 1 69  ? -11.733 0.028   -3.442  1.00 13.11 ? 75  ASP B CB  1 
ATOM   602  C CG  . ASP A 1 69  ? -12.949 0.951   -3.487  1.00 15.77 ? 75  ASP B CG  1 
ATOM   603  O OD1 . ASP A 1 69  ? -13.094 1.737   -2.622  1.00 15.13 ? 75  ASP B OD1 1 
ATOM   604  O OD2 . ASP A 1 69  ? -13.609 1.040   -4.549  1.00 20.46 ? 75  ASP B OD2 1 
ATOM   605  N N   . VAL A 1 70  ? -10.199 2.843   -2.199  1.00 10.35 ? 76  VAL B N   1 
ATOM   606  C CA  . VAL A 1 70  ? -9.959  3.714   -1.005  1.00 11.32 ? 76  VAL B CA  1 
ATOM   607  C C   . VAL A 1 70  ? -11.202 4.575   -0.669  1.00 12.14 ? 76  VAL B C   1 
ATOM   608  O O   . VAL A 1 70  ? -11.083 5.583   0.020   1.00 12.52 ? 76  VAL B O   1 
ATOM   609  C CB  . VAL A 1 70  ? -8.689  4.585   -1.241  1.00 11.25 ? 76  VAL B CB  1 
ATOM   610  C CG1 . VAL A 1 70  ? -7.398  3.751   -1.440  1.00 10.88 ? 76  VAL B CG1 1 
ATOM   611  C CG2 . VAL A 1 70  ? -8.832  5.549   -2.404  1.00 11.85 ? 76  VAL B CG2 1 
ATOM   612  N N   . THR A 1 71  ? -12.356 4.226   -1.230  1.00 12.24 ? 77  THR B N   1 
ATOM   613  C CA  . THR A 1 71  ? -13.615 4.987   -1.051  1.00 13.83 ? 77  THR B CA  1 
ATOM   614  C C   . THR A 1 71  ? -13.834 5.348   0.429   1.00 13.21 ? 77  THR B C   1 
ATOM   615  O O   . THR A 1 71  ? -13.740 4.484   1.314   1.00 13.45 ? 77  THR B O   1 
ATOM   616  C CB  . THR A 1 71  ? -14.796 4.158   -1.562  1.00 14.26 ? 77  THR B CB  1 
ATOM   617  O OG1 . THR A 1 71  ? -14.661 3.898   -2.963  1.00 17.08 ? 77  THR B OG1 1 
ATOM   618  C CG2 . THR A 1 71  ? -16.110 4.871   -1.312  1.00 17.86 ? 77  THR B CG2 1 
ATOM   619  N N   . GLN A 1 72  ? -14.153 6.616   0.623   1.00 15.66 ? 78  GLN B N   1 
ATOM   620  C CA  . GLN A 1 72  ? -14.537 7.318   1.873   1.00 18.12 ? 78  GLN B CA  1 
ATOM   621  C C   . GLN A 1 72  ? -13.472 7.259   2.961   1.00 18.43 ? 78  GLN B C   1 
ATOM   622  O O   . GLN A 1 72  ? -13.768 7.677   4.097   1.00 23.37 ? 78  GLN B O   1 
ATOM   623  C CB  . GLN A 1 72  ? -15.899 6.842   2.370   1.00 25.51 ? 78  GLN B CB  1 
ATOM   624  C CG  . GLN A 1 72  ? -15.972 5.387   2.789   1.00 30.92 ? 78  GLN B CG  1 
ATOM   625  C CD  . GLN A 1 72  ? -16.860 5.188   3.997   1.00 34.78 ? 78  GLN B CD  1 
ATOM   626  O OE1 . GLN A 1 72  ? -17.586 4.198   4.100   1.00 39.46 ? 78  GLN B OE1 1 
ATOM   627  N NE2 . GLN A 1 72  ? -16.723 6.074   4.975   1.00 39.68 ? 78  GLN B NE2 1 
ATOM   628  N N   . LYS A 1 73  ? -12.234 6.886   2.680   1.00 13.21 ? 79  LYS B N   1 
ATOM   629  C CA  . LYS A 1 73  ? -11.177 6.989   3.693   1.00 11.41 ? 79  LYS B CA  1 
ATOM   630  C C   . LYS A 1 73  ? -10.589 8.389   3.779   1.00 10.97 ? 79  LYS B C   1 
ATOM   631  O O   . LYS A 1 73  ? -10.448 9.104   2.742   1.00 12.72 ? 79  LYS B O   1 
ATOM   632  C CB  . LYS A 1 73  ? -10.101 5.946   3.410   1.00 11.55 ? 79  LYS B CB  1 
ATOM   633  C CG  . LYS A 1 73  ? -10.601 4.496   3.619   1.00 11.74 ? 79  LYS B CG  1 
ATOM   634  C CD  . LYS A 1 73  ? -9.546  3.429   3.583   1.00 12.40 ? 79  LYS B CD  1 
ATOM   635  C CE  . LYS A 1 73  ? -8.582  3.509   4.746   1.00 11.18 ? 79  LYS B CE  1 
ATOM   636  N NZ  . LYS A 1 73  ? -9.237  3.476   6.092   1.00 9.98  ? 79  LYS B NZ  1 
ATOM   637  N N   . GLU A 1 74  ? -10.199 8.762   4.977   1.00 10.08 ? 80  GLU B N   1 
ATOM   638  C CA  . GLU A 1 74  ? -9.525  10.032  5.267   1.00 10.01 ? 80  GLU B CA  1 
ATOM   639  C C   . GLU A 1 74  ? -8.005  9.891   5.283   1.00 9.77  ? 80  GLU B C   1 
ATOM   640  O O   . GLU A 1 74  ? -7.290  10.876  5.233   1.00 10.83 ? 80  GLU B O   1 
ATOM   641  C CB  . GLU A 1 74  ? -9.932  10.573  6.649   1.00 11.01 ? 80  GLU B CB  1 
ATOM   642  C CG  . GLU A 1 74  ? -11.394 10.910  6.798   1.00 12.57 ? 80  GLU B CG  1 
ATOM   643  C CD  . GLU A 1 74  ? -11.761 11.306  8.229   1.00 12.36 ? 80  GLU B CD  1 
ATOM   644  O OE1 . GLU A 1 74  ? -12.851 11.876  8.367   1.00 15.37 ? 80  GLU B OE1 1 
ATOM   645  O OE2 . GLU A 1 74  ? -10.966 11.073  9.150   1.00 13.90 ? 80  GLU B OE2 1 
ATOM   646  N N   . ALA A 1 75  ? -7.454  8.690   5.489   1.00 9.48  ? 81  ALA B N   1 
ATOM   647  C CA  . ALA A 1 75  ? -6.011  8.476   5.611   1.00 9.28  ? 81  ALA B CA  1 
ATOM   648  C C   . ALA A 1 75  ? -5.702  7.032   5.235   1.00 10.23 ? 81  ALA B C   1 
ATOM   649  O O   . ALA A 1 75  ? -6.434  6.094   5.619   1.00 10.03 ? 81  ALA B O   1 
ATOM   650  C CB  . ALA A 1 75  ? -5.550  8.738   7.015   1.00 10.40 ? 81  ALA B CB  1 
ATOM   651  N N   . TRP A 1 76  ? -4.576  6.856   4.526   1.00 9.38  ? 82  TRP B N   1 
ATOM   652  C CA  . TRP A 1 76  ? -4.075  5.525   4.072   1.00 9.11  ? 82  TRP B CA  1 
ATOM   653  C C   . TRP A 1 76  ? -2.715  5.714   3.449   1.00 9.47  ? 82  TRP B C   1 
ATOM   654  O O   . TRP A 1 76  ? -2.390  6.829   3.018   1.00 9.92  ? 82  TRP B O   1 
ATOM   655  C CB  . TRP A 1 76  ? -5.046  4.856   3.089   1.00 9.65  ? 82  TRP B CB  1 
ATOM   656  C CG  . TRP A 1 76  ? -5.504  5.697   1.946   1.00 9.78  ? 82  TRP B CG  1 
ATOM   657  C CD1 . TRP A 1 76  ? -6.687  6.348   1.823   1.00 10.56 ? 82  TRP B CD1 1 
ATOM   658  C CD2 . TRP A 1 76  ? -4.825  6.029   0.708   1.00 9.82  ? 82  TRP B CD2 1 
ATOM   659  N NE1 . TRP A 1 76  ? -6.820  7.015   0.655   1.00 10.45 ? 82  TRP B NE1 1 
ATOM   660  C CE2 . TRP A 1 76  ? -5.652  6.871   -0.053  1.00 10.49 ? 82  TRP B CE2 1 
ATOM   661  C CE3 . TRP A 1 76  ? -3.547  5.709   0.165   1.00 10.52 ? 82  TRP B CE3 1 
ATOM   662  C CZ2 . TRP A 1 76  ? -5.331  7.351   -1.318  1.00 10.47 ? 82  TRP B CZ2 1 
ATOM   663  C CZ3 . TRP A 1 76  ? -3.197  6.224   -1.072  1.00 11.04 ? 82  TRP B CZ3 1 
ATOM   664  C CH2 . TRP A 1 76  ? -4.090  7.024   -1.802  1.00 11.03 ? 82  TRP B CH2 1 
ATOM   665  N N   . ASP A 1 77  ? -1.965  4.633   3.404   1.00 9.33  ? 83  ASP B N   1 
ATOM   666  C CA  . ASP A 1 77  ? -0.718  4.550   2.599   1.00 9.66  ? 83  ASP B CA  1 
ATOM   667  C C   . ASP A 1 77  ? -0.843  3.349   1.662   1.00 9.30  ? 83  ASP B C   1 
ATOM   668  O O   . ASP A 1 77  ? -1.353  2.303   2.113   1.00 9.28  ? 83  ASP B O   1 
ATOM   669  C CB  . ASP A 1 77  ? 0.546   4.363   3.426   1.00 11.00 ? 83  ASP B CB  1 
ATOM   670  C CG  . ASP A 1 77  ? 0.681   5.194   4.678   1.00 12.45 ? 83  ASP B CG  1 
ATOM   671  O OD1 . ASP A 1 77  ? 0.269   6.333   4.616   1.00 14.90 ? 83  ASP B OD1 1 
ATOM   672  O OD2 . ASP A 1 77  ? 1.227   4.693   5.687   1.00 14.25 ? 83  ASP B OD2 1 
ATOM   673  N N   . LEU A 1 78  ? -0.309  3.429   0.444   1.00 8.31  ? 84  LEU B N   1 
ATOM   674  C CA  . LEU A 1 78  ? -0.319  2.320   -0.528  1.00 8.74  ? 84  LEU B CA  1 
ATOM   675  C C   . LEU A 1 78  ? 0.985   2.304   -1.301  1.00 8.36  ? 84  LEU B C   1 
ATOM   676  O O   . LEU A 1 78  ? 1.520   3.355   -1.647  1.00 8.52  ? 84  LEU B O   1 
ATOM   677  C CB  . LEU A 1 78  ? -1.460  2.475   -1.530  1.00 9.40  ? 84  LEU B CB  1 
ATOM   678  C CG  . LEU A 1 78  ? -2.881  2.208   -1.043  1.00 10.54 ? 84  LEU B CG  1 
ATOM   679  C CD1 . LEU A 1 78  ? -3.871  2.554   -2.164  1.00 11.57 ? 84  LEU B CD1 1 
ATOM   680  C CD2 . LEU A 1 78  ? -3.024  0.786   -0.586  1.00 10.80 ? 84  LEU B CD2 1 
ATOM   681  N N   . GLY A 1 79  ? 1.410   1.095   -1.646  1.00 7.54  ? 85  GLY B N   1 
ATOM   682  C CA  . GLY A 1 79  ? 2.507   0.950   -2.625  1.00 8.34  ? 85  GLY B CA  1 
ATOM   683  C C   . GLY A 1 79  ? 3.111   -0.447  -2.539  1.00 7.92  ? 85  GLY B C   1 
ATOM   684  O O   . GLY A 1 79  ? 2.386   -1.453  -2.504  1.00 8.18  ? 85  GLY B O   1 
ATOM   685  N N   A VAL A 1 80  ? 4.444   -0.486  -2.576  0.23 8.33  ? 86  VAL B N   1 
ATOM   686  N N   B VAL A 1 80  ? 4.433   -0.498  -2.505  0.20 8.71  ? 86  VAL B N   1 
ATOM   687  C CA  A VAL A 1 80  ? 5.249   -1.730  -2.412  0.23 8.41  ? 86  VAL B CA  1 
ATOM   688  C CA  B VAL A 1 80  ? 5.190   -1.778  -2.521  0.20 8.98  ? 86  VAL B CA  1 
ATOM   689  C C   A VAL A 1 80  ? 6.361   -1.476  -1.409  0.23 8.64  ? 86  VAL B C   1 
ATOM   690  C C   B VAL A 1 80  ? 6.418   -1.543  -1.624  0.20 9.11  ? 86  VAL B C   1 
ATOM   691  O O   A VAL A 1 80  ? 6.749   -0.324  -1.141  0.23 8.91  ? 86  VAL B O   1 
ATOM   692  O O   B VAL A 1 80  ? 6.870   -0.394  -1.555  0.20 9.48  ? 86  VAL B O   1 
ATOM   693  C CB  A VAL A 1 80  ? 5.885   -2.233  -3.719  0.23 8.60  ? 86  VAL B CB  1 
ATOM   694  C CB  B VAL A 1 80  ? 5.502   -2.158  -3.987  0.20 9.74  ? 86  VAL B CB  1 
ATOM   695  C CG1 A VAL A 1 80  ? 4.797   -2.703  -4.650  0.23 8.49  ? 86  VAL B CG1 1 
ATOM   696  C CG1 B VAL A 1 80  ? 6.527   -1.223  -4.618  0.20 9.73  ? 86  VAL B CG1 1 
ATOM   697  C CG2 A VAL A 1 80  ? 6.766   -1.187  -4.393  0.23 8.55  ? 86  VAL B CG2 1 
ATOM   698  C CG2 B VAL A 1 80  ? 5.904   -3.615  -4.135  0.20 10.23 ? 86  VAL B CG2 1 
ATOM   699  N N   . CYS A 1 81  ? 6.913   -2.571  -0.919  1.00 8.96  ? 87  CYS B N   1 
ATOM   700  C CA  . CYS A 1 81  ? 8.077   -2.449  -0.051  1.00 9.94  ? 87  CYS B CA  1 
ATOM   701  C C   . CYS A 1 81  ? 8.955   -3.684  -0.181  1.00 9.71  ? 87  CYS B C   1 
ATOM   702  O O   . CYS A 1 81  ? 8.500   -4.744  -0.657  1.00 9.77  ? 87  CYS B O   1 
ATOM   703  C CB  . CYS A 1 81  ? 7.668   -2.256  1.409   1.00 11.09 ? 87  CYS B CB  1 
ATOM   704  S SG  . CYS A 1 81  ? 6.777   -3.639  2.162   1.00 10.97 ? 87  CYS B SG  1 
ATOM   705  N N   A ARG A 1 82  ? 10.186  -3.554  0.270   0.23 9.79  ? 88  ARG B N   1 
ATOM   706  N N   B ARG A 1 82  ? 10.213  -3.553  0.227   0.20 9.67  ? 88  ARG B N   1 
ATOM   707  C CA  A ARG A 1 82  ? 11.072  -4.732  0.382   0.23 10.48 ? 88  ARG B CA  1 
ATOM   708  C CA  B ARG A 1 82  ? 11.161  -4.701  0.313   0.20 10.22 ? 88  ARG B CA  1 
ATOM   709  C C   A ARG A 1 82  ? 10.476  -5.760  1.340   0.23 10.34 ? 88  ARG B C   1 
ATOM   710  C C   B ARG A 1 82  ? 10.651  -5.709  1.363   0.20 10.40 ? 88  ARG B C   1 
ATOM   711  O O   A ARG A 1 82  ? 9.845   -5.426  2.342   0.23 9.83  ? 88  ARG B O   1 
ATOM   712  O O   B ARG A 1 82  ? 10.220  -5.274  2.465   0.20 10.24 ? 88  ARG B O   1 
ATOM   713  C CB  A ARG A 1 82  ? 12.435  -4.316  0.915   0.23 11.34 ? 88  ARG B CB  1 
ATOM   714  C CB  B ARG A 1 82  ? 12.565  -4.184  0.658   0.20 10.76 ? 88  ARG B CB  1 
ATOM   715  C CG  A ARG A 1 82  ? 13.120  -3.355  -0.032  0.23 11.81 ? 88  ARG B CG  1 
ATOM   716  C CG  B ARG A 1 82  ? 13.691  -5.171  0.388   0.20 10.70 ? 88  ARG B CG  1 
ATOM   717  C CD  A ARG A 1 82  ? 14.514  -3.067  0.441   0.23 12.95 ? 88  ARG B CD  1 
ATOM   718  C CD  B ARG A 1 82  ? 15.066  -4.672  0.790   0.20 10.85 ? 88  ARG B CD  1 
ATOM   719  N NE  A ARG A 1 82  ? 15.172  -2.088  -0.412  0.23 12.53 ? 88  ARG B NE  1 
ATOM   720  N NE  B ARG A 1 82  ? 15.373  -3.458  0.070   0.20 10.90 ? 88  ARG B NE  1 
ATOM   721  C CZ  A ARG A 1 82  ? 15.943  -1.113  0.034   0.23 13.13 ? 88  ARG B CZ  1 
ATOM   722  C CZ  B ARG A 1 82  ? 15.647  -2.279  0.628   0.20 10.85 ? 88  ARG B CZ  1 
ATOM   723  N NH1 A ARG A 1 82  ? 16.153  -0.974  1.331   0.23 13.03 ? 88  ARG B NH1 1 
ATOM   724  N NH1 B ARG A 1 82  ? 15.764  -2.153  1.934   0.20 11.88 ? 88  ARG B NH1 1 
ATOM   725  N NH2 A ARG A 1 82  ? 16.505  -0.282  -0.822  0.23 14.04 ? 88  ARG B NH2 1 
ATOM   726  N NH2 B ARG A 1 82  ? 15.855  -1.229  -0.145  0.20 11.06 ? 88  ARG B NH2 1 
ATOM   727  N N   . ASP A 1 83  ? 10.760  -7.018  1.074   1.00 11.26 ? 89  ASP B N   1 
ATOM   728  C CA  . ASP A 1 83  ? 10.355  -8.075  2.027   1.00 12.51 ? 89  ASP B CA  1 
ATOM   729  C C   . ASP A 1 83  ? 11.044  -7.843  3.362   1.00 13.59 ? 89  ASP B C   1 
ATOM   730  O O   . ASP A 1 83  ? 10.461  -8.282  4.390   1.00 16.05 ? 89  ASP B O   1 
ATOM   731  C CB  . ASP A 1 83  ? 10.686  -9.451  1.447   1.00 14.41 ? 89  ASP B CB  1 
ATOM   732  C CG  . ASP A 1 83  ? 12.132  -9.749  1.178   1.00 17.69 ? 89  ASP B CG  1 
ATOM   733  O OD1 . ASP A 1 83  ? 12.985  -8.825  1.285   1.00 20.64 ? 89  ASP B OD1 1 
ATOM   734  O OD2 . ASP A 1 83  ? 12.408  -10.958 0.905   1.00 21.58 ? 89  ASP B OD2 1 
ATOM   735  N N   . SER A 1 84  ? 12.222  -7.244  3.409   1.00 12.20 ? 90  SER B N   1 
ATOM   736  C CA  . SER A 1 84  ? 13.013  -7.119  4.654   1.00 14.55 ? 90  SER B CA  1 
ATOM   737  C C   . SER A 1 84  ? 12.798  -5.795  5.411   1.00 12.95 ? 90  SER B C   1 
ATOM   738  O O   . SER A 1 84  ? 13.584  -5.473  6.277   1.00 14.05 ? 90  SER B O   1 
ATOM   739  C CB  . SER A 1 84  ? 14.465  -7.318  4.312   1.00 17.23 ? 90  SER B CB  1 
ATOM   740  O OG  . SER A 1 84  ? 14.887  -6.405  3.392   1.00 17.94 ? 90  SER B OG  1 
ATOM   741  N N   . VAL A 1 85  ? 11.758  -5.022  5.092   1.00 11.91 ? 91  VAL B N   1 
ATOM   742  C CA  . VAL A 1 85  ? 11.503  -3.786  5.866   1.00 11.68 ? 91  VAL B CA  1 
ATOM   743  C C   . VAL A 1 85  ? 11.328  -4.098  7.361   1.00 11.82 ? 91  VAL B C   1 
ATOM   744  O O   . VAL A 1 85  ? 10.776  -5.143  7.726   1.00 12.65 ? 91  VAL B O   1 
ATOM   745  C CB  . VAL A 1 85  ? 10.305  -2.962  5.357   1.00 11.47 ? 91  VAL B CB  1 
ATOM   746  C CG1 . VAL A 1 85  ? 10.600  -2.402  3.973   1.00 11.30 ? 91  VAL B CG1 1 
ATOM   747  C CG2 . VAL A 1 85  ? 8.990   -3.682  5.446   1.00 11.32 ? 91  VAL B CG2 1 
ATOM   748  N N   . GLN A 1 86  ? 11.770  -3.140  8.158   1.00 12.74 ? 92  GLN B N   1 
ATOM   749  C CA  . GLN A 1 86  ? 11.526  -3.093  9.631   1.00 14.35 ? 92  GLN B CA  1 
ATOM   750  C C   . GLN A 1 86  ? 10.029  -3.273  9.915   1.00 13.13 ? 92  GLN B C   1 
ATOM   751  O O   . GLN A 1 86  ? 9.201   -2.630  9.281   1.00 13.89 ? 92  GLN B O   1 
ATOM   752  C CB  . GLN A 1 86  ? 12.018  -1.732  10.115  1.00 16.94 ? 92  GLN B CB  1 
ATOM   753  C CG  . GLN A 1 86  ? 11.855  -1.450  11.613  1.00 19.63 ? 92  GLN B CG  1 
ATOM   754  C CD  . GLN A 1 86  ? 12.310  -0.038  11.959  1.00 22.99 ? 92  GLN B CD  1 
ATOM   755  O OE1 . GLN A 1 86  ? 13.007  0.653   11.186  1.00 23.43 ? 92  GLN B OE1 1 
ATOM   756  N NE2 . GLN A 1 86  ? 11.909  0.463   13.126  1.00 24.60 ? 92  GLN B NE2 1 
ATOM   757  N N   . ARG A 1 87  ? 9.695   -4.077  10.919  1.00 12.36 ? 93  ARG B N   1 
ATOM   758  C CA  . ARG A 1 87  ? 8.291   -4.324  11.337  1.00 11.76 ? 93  ARG B CA  1 
ATOM   759  C C   . ARG A 1 87  ? 8.027   -3.646  12.674  1.00 12.89 ? 93  ARG B C   1 
ATOM   760  O O   . ARG A 1 87  ? 6.858   -3.328  12.931  1.00 13.27 ? 93  ARG B O   1 
ATOM   761  C CB  . ARG A 1 87  ? 7.970   -5.796  11.460  1.00 12.54 ? 93  ARG B CB  1 
ATOM   762  C CG  . ARG A 1 87  ? 8.314   -6.638  10.246  1.00 12.64 ? 93  ARG B CG  1 
ATOM   763  C CD  . ARG A 1 87  ? 7.637   -6.127  8.948   1.00 12.83 ? 93  ARG B CD  1 
ATOM   764  N NE  . ARG A 1 87  ? 8.199   -6.813  7.756   1.00 13.37 ? 93  ARG B NE  1 
ATOM   765  C CZ  . ARG A 1 87  ? 7.802   -7.977  7.298   1.00 13.45 ? 93  ARG B CZ  1 
ATOM   766  N NH1 . ARG A 1 87  ? 6.816   -8.603  7.877   1.00 16.14 ? 93  ARG B NH1 1 
ATOM   767  N NH2 . ARG A 1 87  ? 8.405   -8.546  6.276   1.00 16.26 ? 93  ARG B NH2 1 
ATOM   768  N N   . LYS A 1 88  ? 9.015   -3.514  13.555  1.00 13.26 ? 94  LYS B N   1 
ATOM   769  C CA  . LYS A 1 88  ? 8.786   -3.088  14.969  1.00 14.00 ? 94  LYS B CA  1 
ATOM   770  C C   . LYS A 1 88  ? 9.257   -1.671  15.192  1.00 15.19 ? 94  LYS B C   1 
ATOM   771  O O   . LYS A 1 88  ? 10.337  -1.305  14.643  1.00 17.11 ? 94  LYS B O   1 
ATOM   772  C CB  . LYS A 1 88  ? 9.504   -4.073  15.899  1.00 14.44 ? 94  LYS B CB  1 
ATOM   773  C CG  . LYS A 1 88  ? 9.203   -5.527  15.670  1.00 15.43 ? 94  LYS B CG  1 
ATOM   774  C CD  . LYS A 1 88  ? 7.710   -5.890  15.781  1.00 16.76 ? 94  LYS B CD  1 
ATOM   775  C CE  . LYS A 1 88  ? 7.489   -7.360  15.601  1.00 16.83 ? 94  LYS B CE  1 
ATOM   776  N NZ  . LYS A 1 88  ? 6.053   -7.725  15.693  1.00 16.62 ? 94  LYS B NZ  1 
ATOM   777  N N   . GLY A 1 89  ? 8.553   -0.901  15.994  1.00 16.12 ? 95  GLY B N   1 
ATOM   778  C CA  . GLY A 1 89  ? 8.968   0.457   16.333  1.00 16.11 ? 95  GLY B CA  1 
ATOM   779  C C   . GLY A 1 89  ? 8.566   1.483   15.296  1.00 17.62 ? 95  GLY B C   1 
ATOM   780  O O   . GLY A 1 89  ? 7.747   1.147   14.353  1.00 16.83 ? 95  GLY B O   1 
ATOM   781  N N   . GLN A 1 90  ? 9.136   2.670   15.436  1.00 17.74 ? 96  GLN B N   1 
ATOM   782  C CA  . GLN A 1 90  ? 8.828   3.823   14.586  1.00 19.22 ? 96  GLN B CA  1 
ATOM   783  C C   . GLN A 1 90  ? 9.790   3.865   13.407  1.00 18.52 ? 96  GLN B C   1 
ATOM   784  O O   . GLN A 1 90  ? 10.963  3.446   13.527  1.00 19.00 ? 96  GLN B O   1 
ATOM   785  C CB  . GLN A 1 90  ? 8.919   5.116   15.404  1.00 22.61 ? 96  GLN B CB  1 
ATOM   786  C CG  . GLN A 1 90  ? 7.864   5.141   16.491  1.00 30.27 ? 96  GLN B CG  1 
ATOM   787  C CD  . GLN A 1 90  ? 8.088   6.243   17.484  1.00 38.59 ? 96  GLN B CD  1 
ATOM   788  O OE1 . GLN A 1 90  ? 7.554   7.339   17.329  1.00 50.10 ? 96  GLN B OE1 1 
ATOM   789  N NE2 . GLN A 1 90  ? 8.898   5.947   18.492  1.00 43.93 ? 96  GLN B NE2 1 
ATOM   790  N N   . PHE A 1 91  ? 9.247   4.267   12.261  1.00 15.82 ? 97  PHE B N   1 
ATOM   791  C CA  . PHE A 1 91  ? 10.039  4.472   11.029  1.00 15.20 ? 97  PHE B CA  1 
ATOM   792  C C   . PHE A 1 91  ? 9.265   5.339   10.053  1.00 15.22 ? 97  PHE B C   1 
ATOM   793  O O   . PHE A 1 91  ? 8.039   5.476   10.146  1.00 16.84 ? 97  PHE B O   1 
ATOM   794  C CB  . PHE A 1 91  ? 10.380  3.142   10.354  1.00 14.97 ? 97  PHE B CB  1 
ATOM   795  C CG  . PHE A 1 91  ? 9.184   2.267   10.054  1.00 14.61 ? 97  PHE B CG  1 
ATOM   796  C CD1 . PHE A 1 91  ? 8.490   2.430   8.857   1.00 14.68 ? 97  PHE B CD1 1 
ATOM   797  C CD2 . PHE A 1 91  ? 8.761   1.264   10.918  1.00 14.48 ? 97  PHE B CD2 1 
ATOM   798  C CE1 . PHE A 1 91  ? 7.410   1.618   8.547   1.00 14.00 ? 97  PHE B CE1 1 
ATOM   799  C CE2 . PHE A 1 91  ? 7.665   0.476   10.612  1.00 13.89 ? 97  PHE B CE2 1 
ATOM   800  C CZ  . PHE A 1 91  ? 6.999   0.649   9.425   1.00 14.35 ? 97  PHE B CZ  1 
ATOM   801  N N   A SER A 1 92  ? 9.980   5.983   9.132   0.25 15.57 ? 98  SER B N   1 
ATOM   802  N N   B SER A 1 92  ? 10.016  5.946   9.134   0.25 14.93 ? 98  SER B N   1 
ATOM   803  C CA  A SER A 1 92  ? 9.358   6.783   8.046   0.25 15.67 ? 98  SER B CA  1 
ATOM   804  C CA  B SER A 1 92  ? 9.495   6.762   8.012   0.25 14.76 ? 98  SER B CA  1 
ATOM   805  C C   A SER A 1 92  ? 9.295   5.950   6.765   0.25 14.16 ? 98  SER B C   1 
ATOM   806  C C   B SER A 1 92  ? 9.269   5.865   6.788   0.25 13.63 ? 98  SER B C   1 
ATOM   807  O O   A SER A 1 92  ? 10.210  5.150   6.493   0.25 13.66 ? 98  SER B O   1 
ATOM   808  O O   B SER A 1 92  ? 10.029  4.869   6.604   0.25 13.49 ? 98  SER B O   1 
ATOM   809  C CB  A SER A 1 92  ? 10.081  8.067   7.794   0.25 17.98 ? 98  SER B CB  1 
ATOM   810  C CB  B SER A 1 92  ? 10.437  7.896   7.689   0.25 15.74 ? 98  SER B CB  1 
ATOM   811  O OG  A SER A 1 92  ? 11.446  7.808   7.540   0.25 20.84 ? 98  SER B OG  1 
ATOM   812  O OG  B SER A 1 92  ? 10.468  8.837   8.760   0.25 17.70 ? 98  SER B OG  1 
ATOM   813  N N   . LEU A 1 93  ? 8.257   6.195   5.981   1.00 12.90 ? 99  LEU B N   1 
ATOM   814  C CA  . LEU A 1 93  ? 8.094   5.569   4.668   1.00 13.39 ? 99  LEU B CA  1 
ATOM   815  C C   . LEU A 1 93  ? 8.958   6.296   3.666   1.00 13.42 ? 99  LEU B C   1 
ATOM   816  O O   . LEU A 1 93  ? 8.644   7.401   3.246   1.00 15.26 ? 99  LEU B O   1 
ATOM   817  C CB  . LEU A 1 93  ? 6.636   5.614   4.236   1.00 13.76 ? 99  LEU B CB  1 
ATOM   818  C CG  . LEU A 1 93  ? 5.669   4.841   5.122   1.00 14.44 ? 99  LEU B CG  1 
ATOM   819  C CD1 . LEU A 1 93  ? 4.236   5.009   4.607   1.00 15.46 ? 99  LEU B CD1 1 
ATOM   820  C CD2 . LEU A 1 93  ? 6.033   3.370   5.231   1.00 15.97 ? 99  LEU B CD2 1 
ATOM   821  N N   . SER A 1 94  ? 10.042  5.667   3.208   1.00 12.05 ? 100 SER B N   1 
ATOM   822  C CA  . SER A 1 94  ? 10.997  6.282   2.273   1.00 11.89 ? 100 SER B CA  1 
ATOM   823  C C   . SER A 1 94  ? 11.654  5.176   1.468   1.00 10.94 ? 100 SER B C   1 
ATOM   824  O O   . SER A 1 94  ? 11.810  4.062   1.982   1.00 11.01 ? 100 SER B O   1 
ATOM   825  C CB  . SER A 1 94  ? 12.082  7.100   2.953   1.00 14.13 ? 100 SER B CB  1 
ATOM   826  O OG  . SER A 1 94  ? 12.889  6.257   3.743   1.00 17.40 ? 100 SER B OG  1 
ATOM   827  N N   . PRO A 1 95  ? 12.191  5.478   0.291   1.00 10.80 ? 101 PRO B N   1 
ATOM   828  C CA  . PRO A 1 95  ? 12.956  4.474   -0.459  1.00 12.32 ? 101 PRO B CA  1 
ATOM   829  C C   . PRO A 1 95  ? 14.202  4.039   0.324   1.00 12.39 ? 101 PRO B C   1 
ATOM   830  O O   . PRO A 1 95  ? 14.521  2.824   0.285   1.00 12.53 ? 101 PRO B O   1 
ATOM   831  C CB  . PRO A 1 95  ? 13.330  5.179   -1.783  1.00 12.60 ? 101 PRO B CB  1 
ATOM   832  C CG  . PRO A 1 95  ? 12.173  6.181   -1.945  1.00 13.35 ? 101 PRO B CG  1 
ATOM   833  C CD  . PRO A 1 95  ? 11.907  6.656   -0.530  1.00 12.52 ? 101 PRO B CD  1 
ATOM   834  N N   . GLU A 1 96  ? 14.815  4.912   1.115   1.00 13.29 ? 102 GLU B N   1 
ATOM   835  C CA  . GLU A 1 96  ? 15.999  4.529   1.921   1.00 15.16 ? 102 GLU B CA  1 
ATOM   836  C C   . GLU A 1 96  ? 15.611  3.432   2.916   1.00 14.62 ? 102 GLU B C   1 
ATOM   837  O O   . GLU A 1 96  ? 16.454  2.602   3.293   1.00 16.61 ? 102 GLU B O   1 
ATOM   838  C CB  . GLU A 1 96  ? 16.560  5.770   2.607   1.00 20.13 ? 102 GLU B CB  1 
ATOM   839  C CG  . GLU A 1 96  ? 16.933  6.873   1.633   1.00 28.69 ? 102 GLU B CG  1 
ATOM   840  C CD  . GLU A 1 96  ? 15.931  8.018   1.503   1.00 34.77 ? 102 GLU B CD  1 
ATOM   841  O OE1 . GLU A 1 96  ? 14.885  7.885   0.761   1.00 22.95 ? 102 GLU B OE1 1 
ATOM   842  O OE2 . GLU A 1 96  ? 16.221  9.086   2.134   1.00 41.88 ? 102 GLU B OE2 1 
ATOM   843  N N   . ASN A 1 97  ? 14.380  3.421   3.423   1.00 12.47 ? 103 ASN B N   1 
ATOM   844  C CA  . ASN A 1 97  ? 13.898  2.394   4.366   1.00 12.91 ? 103 ASN B CA  1 
ATOM   845  C C   . ASN A 1 97  ? 13.201  1.252   3.638   1.00 11.83 ? 103 ASN B C   1 
ATOM   846  O O   . ASN A 1 97  ? 12.744  0.325   4.304   1.00 12.53 ? 103 ASN B O   1 
ATOM   847  C CB  . ASN A 1 97  ? 12.964  3.011   5.413   1.00 14.06 ? 103 ASN B CB  1 
ATOM   848  C CG  . ASN A 1 97  ? 13.666  3.851   6.442   1.00 16.90 ? 103 ASN B CG  1 
ATOM   849  O OD1 . ASN A 1 97  ? 14.887  3.735   6.630   1.00 18.92 ? 103 ASN B OD1 1 
ATOM   850  N ND2 . ASN A 1 97  ? 12.927  4.758   7.071   1.00 17.89 ? 103 ASN B ND2 1 
ATOM   851  N N   . GLY A 1 98  ? 13.190  1.219   2.310   1.00 10.32 ? 104 GLY B N   1 
ATOM   852  C CA  . GLY A 1 98  ? 12.629  0.101   1.546   1.00 10.17 ? 104 GLY B CA  1 
ATOM   853  C C   . GLY A 1 98  ? 11.159  0.201   1.190   1.00 9.14  ? 104 GLY B C   1 
ATOM   854  O O   . GLY A 1 98  ? 10.530  -0.809  0.951   1.00 9.90  ? 104 GLY B O   1 
ATOM   855  N N   . PHE A 1 99  ? 10.637  1.447   1.096   1.00 9.60  ? 105 PHE B N   1 
ATOM   856  C CA  . PHE A 1 99  ? 9.214   1.672   0.734   1.00 9.32  ? 105 PHE B CA  1 
ATOM   857  C C   . PHE A 1 99  ? 9.065   2.591   -0.474  1.00 8.61  ? 105 PHE B C   1 
ATOM   858  O O   . PHE A 1 99  ? 9.743   3.648   -0.486  1.00 10.04 ? 105 PHE B O   1 
ATOM   859  C CB  . PHE A 1 99  ? 8.451   2.318   1.904   1.00 10.25 ? 105 PHE B CB  1 
ATOM   860  C CG  . PHE A 1 99  ? 8.417   1.498   3.174   1.00 9.56  ? 105 PHE B CG  1 
ATOM   861  C CD1 . PHE A 1 99  ? 9.394   1.636   4.134   1.00 10.30 ? 105 PHE B CD1 1 
ATOM   862  C CD2 . PHE A 1 99  ? 7.392   0.625   3.437   1.00 10.29 ? 105 PHE B CD2 1 
ATOM   863  C CE1 . PHE A 1 99  ? 9.379   0.898   5.316   1.00 11.01 ? 105 PHE B CE1 1 
ATOM   864  C CE2 . PHE A 1 99  ? 7.375   -0.104  4.608   1.00 10.88 ? 105 PHE B CE2 1 
ATOM   865  C CZ  . PHE A 1 99  ? 8.352   0.049   5.540   1.00 10.88 ? 105 PHE B CZ  1 
ATOM   866  N N   . TRP A 1 100 ? 8.157   2.252   -1.372  1.00 8.24  ? 106 TRP B N   1 
ATOM   867  C CA  . TRP A 1 100 ? 7.759   3.080   -2.534  1.00 8.55  ? 106 TRP B CA  1 
ATOM   868  C C   . TRP A 1 100 ? 6.253   3.240   -2.457  1.00 7.83  ? 106 TRP B C   1 
ATOM   869  O O   . TRP A 1 100 ? 5.503   2.354   -2.855  1.00 8.67  ? 106 TRP B O   1 
ATOM   870  C CB  . TRP A 1 100 ? 8.248   2.484   -3.861  1.00 8.92  ? 106 TRP B CB  1 
ATOM   871  C CG  . TRP A 1 100 ? 9.750   2.387   -3.903  1.00 8.90  ? 106 TRP B CG  1 
ATOM   872  C CD1 . TRP A 1 100 ? 10.625  3.292   -4.423  1.00 10.19 ? 106 TRP B CD1 1 
ATOM   873  C CD2 . TRP A 1 100 ? 10.575  1.328   -3.345  1.00 9.43  ? 106 TRP B CD2 1 
ATOM   874  N NE1 . TRP A 1 100 ? 11.930  2.897   -4.182  1.00 10.52 ? 106 TRP B NE1 1 
ATOM   875  C CE2 . TRP A 1 100 ? 11.921  1.697   -3.534  1.00 10.14 ? 106 TRP B CE2 1 
ATOM   876  C CE3 . TRP A 1 100 ? 10.295  0.120   -2.693  1.00 9.95  ? 106 TRP B CE3 1 
ATOM   877  C CZ2 . TRP A 1 100 ? 12.974  0.886   -3.066  1.00 11.50 ? 106 TRP B CZ2 1 
ATOM   878  C CZ3 . TRP A 1 100 ? 11.342  -0.669  -2.243  1.00 11.74 ? 106 TRP B CZ3 1 
ATOM   879  C CH2 . TRP A 1 100 ? 12.649  -0.274  -2.417  1.00 11.74 ? 106 TRP B CH2 1 
ATOM   880  N N   . THR A 1 101 ? 5.829   4.385   -1.911  1.00 8.41  ? 107 THR B N   1 
ATOM   881  C CA  . THR A 1 101 ? 4.424   4.587   -1.448  1.00 8.61  ? 107 THR B CA  1 
ATOM   882  C C   . THR A 1 101 ? 3.925   6.009   -1.765  1.00 8.41  ? 107 THR B C   1 
ATOM   883  O O   . THR A 1 101 ? 4.718   6.935   -1.902  1.00 8.54  ? 107 THR B O   1 
ATOM   884  C CB  . THR A 1 101 ? 4.286   4.346   0.058   1.00 9.21  ? 107 THR B CB  1 
ATOM   885  O OG1 . THR A 1 101 ? 5.033   5.298   0.794   1.00 9.93  ? 107 THR B OG1 1 
ATOM   886  C CG2 . THR A 1 101 ? 4.633   2.915   0.419   1.00 9.28  ? 107 THR B CG2 1 
ATOM   887  N N   . ILE A 1 102 ? 2.601   6.107   -1.783  1.00 8.68  ? 108 ILE B N   1 
ATOM   888  C CA  . ILE A 1 102 ? 1.879   7.425   -1.719  1.00 8.48  ? 108 ILE B CA  1 
ATOM   889  C C   . ILE A 1 102 ? 0.885   7.320   -0.572  1.00 8.61  ? 108 ILE B C   1 
ATOM   890  O O   . ILE A 1 102 ? 0.542   6.185   -0.105  1.00 8.99  ? 108 ILE B O   1 
ATOM   891  C CB  . ILE A 1 102 ? 1.199   7.809   -3.047  1.00 8.87  ? 108 ILE B CB  1 
ATOM   892  C CG1 . ILE A 1 102 ? 0.024   6.893   -3.392  1.00 9.74  ? 108 ILE B CG1 1 
ATOM   893  C CG2 . ILE A 1 102 ? 2.237   7.852   -4.167  1.00 9.46  ? 108 ILE B CG2 1 
ATOM   894  C CD1 . ILE A 1 102 ? -0.839  7.360   -4.553  1.00 10.31 ? 108 ILE B CD1 1 
ATOM   895  N N   . TRP A 1 103 ? 0.371   8.464   -0.178  1.00 8.78  ? 109 TRP B N   1 
ATOM   896  C CA  . TRP A 1 103 ? -0.613  8.490   0.922   1.00 9.54  ? 109 TRP B CA  1 
ATOM   897  C C   . TRP A 1 103 ? -1.557  9.653   0.798   1.00 9.61  ? 109 TRP B C   1 
ATOM   898  O O   . TRP A 1 103 ? -1.285  10.666  0.115   1.00 9.99  ? 109 TRP B O   1 
ATOM   899  C CB  . TRP A 1 103 ? 0.068   8.493   2.259   1.00 11.54 ? 109 TRP B CB  1 
ATOM   900  C CG  . TRP A 1 103 ? 0.925   9.640   2.589   1.00 13.10 ? 109 TRP B CG  1 
ATOM   901  C CD1 . TRP A 1 103 ? 0.526   10.899  2.930   1.00 13.58 ? 109 TRP B CD1 1 
ATOM   902  C CD2 . TRP A 1 103 ? 2.330   9.583   2.766   1.00 13.84 ? 109 TRP B CD2 1 
ATOM   903  N NE1 . TRP A 1 103 ? 1.601   11.637  3.319   1.00 15.81 ? 109 TRP B NE1 1 
ATOM   904  C CE2 . TRP A 1 103 ? 2.724   10.857  3.242   1.00 13.73 ? 109 TRP B CE2 1 
ATOM   905  C CE3 . TRP A 1 103 ? 3.272   8.573   2.620   1.00 15.12 ? 109 TRP B CE3 1 
ATOM   906  C CZ2 . TRP A 1 103 ? 4.061   11.168  3.498   1.00 17.14 ? 109 TRP B CZ2 1 
ATOM   907  C CZ3 . TRP A 1 103 ? 4.574   8.873   2.916   1.00 17.24 ? 109 TRP B CZ3 1 
ATOM   908  C CH2 . TRP A 1 103 ? 4.945   10.130  3.362   1.00 16.20 ? 109 TRP B CH2 1 
ATOM   909  N N   . LEU A 1 104 ? -2.681  9.510   1.517   1.00 9.32  ? 110 LEU B N   1 
ATOM   910  C CA  . LEU A 1 104 ? -3.626  10.597  1.843   1.00 9.85  ? 110 LEU B CA  1 
ATOM   911  C C   . LEU A 1 104 ? -3.523  10.861  3.330   1.00 9.59  ? 110 LEU B C   1 
ATOM   912  O O   . LEU A 1 104 ? -3.552  9.931   4.134   1.00 9.76  ? 110 LEU B O   1 
ATOM   913  C CB  . LEU A 1 104 ? -5.036  10.167  1.518   1.00 10.12 ? 110 LEU B CB  1 
ATOM   914  C CG  . LEU A 1 104 ? -6.144  11.124  1.975   1.00 10.63 ? 110 LEU B CG  1 
ATOM   915  C CD1 . LEU A 1 104 ? -6.024  12.510  1.331   1.00 11.08 ? 110 LEU B CD1 1 
ATOM   916  C CD2 . LEU A 1 104 ? -7.508  10.525  1.726   1.00 12.16 ? 110 LEU B CD2 1 
ATOM   917  N N   . TRP A 1 105 ? -3.442  12.142  3.703   1.00 10.79 ? 111 TRP B N   1 
ATOM   918  C CA  . TRP A 1 105 ? -3.350  12.572  5.107   1.00 11.60 ? 111 TRP B CA  1 
ATOM   919  C C   . TRP A 1 105 ? -3.821  14.014  5.189   1.00 13.08 ? 111 TRP B C   1 
ATOM   920  O O   . TRP A 1 105 ? -3.311  14.870  4.446   1.00 13.26 ? 111 TRP B O   1 
ATOM   921  C CB  . TRP A 1 105 ? -1.914  12.460  5.587   1.00 14.80 ? 111 TRP B CB  1 
ATOM   922  C CG  . TRP A 1 105 ? -1.663  13.067  6.908   1.00 17.30 ? 111 TRP B CG  1 
ATOM   923  C CD1 . TRP A 1 105 ? -0.939  14.190  7.230   1.00 18.42 ? 111 TRP B CD1 1 
ATOM   924  C CD2 . TRP A 1 105 ? -2.123  12.498  8.131   1.00 18.09 ? 111 TRP B CD2 1 
ATOM   925  N NE1 . TRP A 1 105 ? -0.948  14.353  8.581   1.00 19.15 ? 111 TRP B NE1 1 
ATOM   926  C CE2 . TRP A 1 105 ? -1.664  13.338  9.162   1.00 16.76 ? 111 TRP B CE2 1 
ATOM   927  C CE3 . TRP A 1 105 ? -2.867  11.365  8.472   1.00 17.10 ? 111 TRP B CE3 1 
ATOM   928  C CZ2 . TRP A 1 105 ? -1.929  13.097  10.508  1.00 20.43 ? 111 TRP B CZ2 1 
ATOM   929  C CZ3 . TRP A 1 105 ? -3.169  11.149  9.803   1.00 22.38 ? 111 TRP B CZ3 1 
ATOM   930  C CH2 . TRP A 1 105 ? -2.720  12.003  10.808  1.00 21.24 ? 111 TRP B CH2 1 
ATOM   931  N N   . GLN A 1 106 ? -4.832  14.286  6.029   1.00 12.27 ? 112 GLN B N   1 
ATOM   932  C CA  . GLN A 1 106 ? -5.283  15.686  6.284   1.00 12.40 ? 112 GLN B CA  1 
ATOM   933  C C   . GLN A 1 106 ? -5.548  16.364  4.969   1.00 13.80 ? 112 GLN B C   1 
ATOM   934  O O   . GLN A 1 106 ? -5.090  17.558  4.790   1.00 15.63 ? 112 GLN B O   1 
ATOM   935  C CB  . GLN A 1 106 ? -4.282  16.412  7.172   1.00 14.26 ? 112 GLN B CB  1 
ATOM   936  C CG  . GLN A 1 106 ? -4.153  15.735  8.515   1.00 15.53 ? 112 GLN B CG  1 
ATOM   937  C CD  . GLN A 1 106 ? -3.380  16.508  9.560   1.00 17.05 ? 112 GLN B CD  1 
ATOM   938  O OE1 . GLN A 1 106 ? -3.449  16.193  10.754  1.00 20.76 ? 112 GLN B OE1 1 
ATOM   939  N NE2 . GLN A 1 106 ? -2.652  17.536  9.143   1.00 16.24 ? 112 GLN B NE2 1 
ATOM   940  N N   . ASP A 1 107 ? -6.336  15.754  4.126   1.00 14.20 ? 113 ASP B N   1 
ATOM   941  C CA  . ASP A 1 107 ? -6.896  16.381  2.926   1.00 17.73 ? 113 ASP B CA  1 
ATOM   942  C C   . ASP A 1 107 ? -5.801  16.717  1.892   1.00 17.99 ? 113 ASP B C   1 
ATOM   943  O O   . ASP A 1 107 ? -6.161  17.397  0.879   1.00 25.43 ? 113 ASP B O   1 
ATOM   944  C CB  . ASP A 1 107 ? -7.619  17.659  3.378   1.00 21.16 ? 113 ASP B CB  1 
ATOM   945  C CG  . ASP A 1 107 ? -8.606  18.203  2.400   1.00 29.09 ? 113 ASP B CG  1 
ATOM   946  O OD1 . ASP A 1 107 ? -9.289  17.407  1.713   1.00 32.15 ? 113 ASP B OD1 1 
ATOM   947  O OD2 . ASP A 1 107 ? -8.707  19.454  2.373   1.00 36.10 ? 113 ASP B OD2 1 
ATOM   948  N N   . SER A 1 108 ? -4.595  16.147  2.007   1.00 14.71 ? 114 SER B N   1 
ATOM   949  C CA  . SER A 1 108 ? -3.553  16.277  0.945   1.00 16.74 ? 114 SER B CA  1 
ATOM   950  C C   . SER A 1 108 ? -2.982  14.906  0.596   1.00 13.94 ? 114 SER B C   1 
ATOM   951  O O   . SER A 1 108 ? -2.860  13.997  1.480   1.00 13.86 ? 114 SER B O   1 
ATOM   952  C CB  . SER A 1 108 ? -2.553  17.330  1.309   1.00 20.03 ? 114 SER B CB  1 
ATOM   953  O OG  . SER A 1 108 ? -1.653  16.892  2.279   1.00 28.51 ? 114 SER B OG  1 
ATOM   954  N N   . TYR A 1 109 ? -2.573  14.768  -0.649  1.00 11.88 ? 115 TYR B N   1 
ATOM   955  C CA  . TYR A 1 109 ? -1.892  13.552  -1.171  1.00 10.85 ? 115 TYR B CA  1 
ATOM   956  C C   . TYR A 1 109 ? -0.409  13.830  -1.310  1.00 10.69 ? 115 TYR B C   1 
ATOM   957  O O   . TYR A 1 109 ? -0.022  14.896  -1.819  1.00 11.65 ? 115 TYR B O   1 
ATOM   958  C CB  . TYR A 1 109 ? -2.509  13.116  -2.485  1.00 11.40 ? 115 TYR B CB  1 
ATOM   959  C CG  . TYR A 1 109 ? -3.992  12.783  -2.420  1.00 11.75 ? 115 TYR B CG  1 
ATOM   960  C CD1 . TYR A 1 109 ? -4.965  13.759  -2.623  1.00 12.53 ? 115 TYR B CD1 1 
ATOM   961  C CD2 . TYR A 1 109 ? -4.422  11.489  -2.192  1.00 11.16 ? 115 TYR B CD2 1 
ATOM   962  C CE1 . TYR A 1 109 ? -6.319  13.439  -2.594  1.00 13.08 ? 115 TYR B CE1 1 
ATOM   963  C CE2 . TYR A 1 109 ? -5.765  11.165  -2.142  1.00 11.47 ? 115 TYR B CE2 1 
ATOM   964  C CZ  . TYR A 1 109 ? -6.711  12.144  -2.359  1.00 11.99 ? 115 TYR B CZ  1 
ATOM   965  O OH  . TYR A 1 109 ? -8.059  11.877  -2.275  1.00 12.88 ? 115 TYR B OH  1 
ATOM   966  N N   A GLU A 1 110 ? 0.435   12.883  -0.884  0.25 10.29 ? 116 GLU B N   1 
ATOM   967  N N   B GLU A 1 110 ? 0.427   12.890  -0.851  0.25 10.51 ? 116 GLU B N   1 
ATOM   968  C CA  A GLU A 1 110 ? 1.913   13.051  -0.935  0.25 10.47 ? 116 GLU B CA  1 
ATOM   969  C CA  B GLU A 1 110 ? 1.909   13.010  -0.894  0.25 10.80 ? 116 GLU B CA  1 
ATOM   970  C C   A GLU A 1 110 ? 2.579   11.730  -1.317  0.25 9.23  ? 116 GLU B C   1 
ATOM   971  C C   B GLU A 1 110 ? 2.504   11.711  -1.446  0.25 9.19  ? 116 GLU B C   1 
ATOM   972  O O   A GLU A 1 110 ? 2.115   10.665  -0.898  0.25 9.21  ? 116 GLU B O   1 
ATOM   973  O O   B GLU A 1 110 ? 1.865   10.628  -1.341  0.25 8.70  ? 116 GLU B O   1 
ATOM   974  C CB  A GLU A 1 110 ? 2.451   13.553  0.399   0.25 11.61 ? 116 GLU B CB  1 
ATOM   975  C CB  B GLU A 1 110 ? 2.472   13.331  0.490   0.25 12.50 ? 116 GLU B CB  1 
ATOM   976  C CG  A GLU A 1 110 ? 1.901   14.914  0.824   0.25 13.40 ? 116 GLU B CG  1 
ATOM   977  C CG  B GLU A 1 110 ? 1.917   14.606  1.121   0.25 15.07 ? 116 GLU B CG  1 
ATOM   978  C CD  A GLU A 1 110 ? 2.415   15.347  2.187   0.25 14.51 ? 116 GLU B CD  1 
ATOM   979  C CD  B GLU A 1 110 ? 2.642   15.889  0.737   0.25 16.51 ? 116 GLU B CD  1 
ATOM   980  O OE1 A GLU A 1 110 ? 2.571   14.480  3.064   0.25 17.03 ? 116 GLU B OE1 1 
ATOM   981  O OE1 B GLU A 1 110 ? 3.768   15.809  0.206   0.25 20.72 ? 116 GLU B OE1 1 
ATOM   982  O OE2 A GLU A 1 110 ? 2.683   16.552  2.364   0.25 15.55 ? 116 GLU B OE2 1 
ATOM   983  O OE2 B GLU A 1 110 ? 2.104   16.973  1.032   0.25 21.81 ? 116 GLU B OE2 1 
ATOM   984  N N   . ALA A 1 111 ? 3.702   11.825  -2.031  1.00 9.42  ? 117 ALA B N   1 
ATOM   985  C CA  . ALA A 1 111 ? 4.554   10.655  -2.285  1.00 9.85  ? 117 ALA B CA  1 
ATOM   986  C C   . ALA A 1 111 ? 5.572   10.542  -1.172  1.00 10.13 ? 117 ALA B C   1 
ATOM   987  O O   . ALA A 1 111 ? 6.139   11.536  -0.696  1.00 10.17 ? 117 ALA B O   1 
ATOM   988  C CB  . ALA A 1 111 ? 5.254   10.756  -3.631  1.00 9.99  ? 117 ALA B CB  1 
ATOM   989  N N   . GLY A 1 112 ? 5.816   9.286   -0.757  1.00 9.66  ? 118 GLY B N   1 
ATOM   990  C CA  . GLY A 1 112 ? 6.751   8.938   0.322   1.00 11.14 ? 118 GLY B CA  1 
ATOM   991  C C   . GLY A 1 112 ? 8.200   8.998   -0.089  1.00 11.26 ? 118 GLY B C   1 
ATOM   992  O O   . GLY A 1 112 ? 8.951   8.050   0.032   1.00 13.72 ? 118 GLY B O   1 
ATOM   993  N N   . THR A 1 113 ? 8.665   10.091  -0.663  1.00 13.61 ? 119 THR B N   1 
ATOM   994  C CA  . THR A 1 113 ? 10.091  10.426  -0.788  1.00 14.70 ? 119 THR B CA  1 
ATOM   995  C C   . THR A 1 113 ? 10.613  10.997  0.527   1.00 14.89 ? 119 THR B C   1 
ATOM   996  O O   . THR A 1 113 ? 9.817   11.260  1.403   1.00 16.95 ? 119 THR B O   1 
ATOM   997  C CB  . THR A 1 113 ? 10.217  11.396  -1.941  1.00 12.62 ? 119 THR B CB  1 
ATOM   998  O OG1 . THR A 1 113 ? 9.343   12.529  -1.735  1.00 13.02 ? 119 THR B OG1 1 
ATOM   999  C CG2 . THR A 1 113 ? 9.884   10.816  -3.275  1.00 13.94 ? 119 THR B CG2 1 
ATOM   1000 N N   . SER A 1 114 ? 11.928  11.232  0.629   1.00 19.03 ? 120 SER B N   1 
ATOM   1001 C CA  . SER A 1 114 ? 12.507  11.867  1.829   1.00 22.08 ? 120 SER B CA  1 
ATOM   1002 C C   . SER A 1 114 ? 13.254  13.134  1.411   1.00 22.35 ? 120 SER B C   1 
ATOM   1003 O O   . SER A 1 114 ? 14.268  13.054  0.717   1.00 24.06 ? 120 SER B O   1 
ATOM   1004 C CB  . SER A 1 114 ? 13.390  10.906  2.607   1.00 26.87 ? 120 SER B CB  1 
ATOM   1005 O OG  . SER A 1 114 ? 13.863  11.543  3.795   1.00 30.04 ? 120 SER B OG  1 
ATOM   1006 N N   . PRO A 1 115 ? 12.702  14.335  1.682   1.00 20.13 ? 121 PRO B N   1 
ATOM   1007 C CA  . PRO A 1 115 ? 11.406  14.527  2.324   1.00 19.95 ? 121 PRO B CA  1 
ATOM   1008 C C   . PRO A 1 115 ? 10.242  14.281  1.338   1.00 16.42 ? 121 PRO B C   1 
ATOM   1009 O O   . PRO A 1 115 ? 10.448  14.124  0.145   1.00 15.57 ? 121 PRO B O   1 
ATOM   1010 C CB  . PRO A 1 115 ? 11.436  15.987  2.776   1.00 23.06 ? 121 PRO B CB  1 
ATOM   1011 C CG  . PRO A 1 115 ? 12.269  16.656  1.724   1.00 22.90 ? 121 PRO B CG  1 
ATOM   1012 C CD  . PRO A 1 115 ? 13.319  15.630  1.312   1.00 22.18 ? 121 PRO B CD  1 
ATOM   1013 N N   . GLN A 1 116 ? 9.031   14.226  1.861   1.00 15.13 ? 122 GLN B N   1 
ATOM   1014 C CA  . GLN A 1 116 ? 7.825   13.882  1.063   1.00 14.39 ? 122 GLN B CA  1 
ATOM   1015 C C   . GLN A 1 116 ? 7.545   14.922  -0.034  1.00 12.55 ? 122 GLN B C   1 
ATOM   1016 O O   . GLN A 1 116 ? 7.929   16.100  0.110   1.00 14.10 ? 122 GLN B O   1 
ATOM   1017 C CB  . GLN A 1 116 ? 6.593   13.648  1.942   1.00 18.84 ? 122 GLN B CB  1 
ATOM   1018 C CG  . GLN A 1 116 ? 6.024   14.889  2.590   1.00 25.79 ? 122 GLN B CG  1 
ATOM   1019 C CD  . GLN A 1 116 ? 6.535   15.122  3.993   1.00 35.17 ? 122 GLN B CD  1 
ATOM   1020 O OE1 . GLN A 1 116 ? 7.674   14.802  4.342   1.00 42.16 ? 122 GLN B OE1 1 
ATOM   1021 N NE2 . GLN A 1 116 ? 5.684   15.726  4.808   1.00 43.20 ? 122 GLN B NE2 1 
ATOM   1022 N N   . THR A 1 117 ? 6.895   14.477  -1.079  1.00 11.36 ? 123 THR B N   1 
ATOM   1023 C CA  . THR A 1 117 ? 6.586   15.289  -2.273  1.00 11.01 ? 123 THR B CA  1 
ATOM   1024 C C   . THR A 1 117 ? 5.086   15.513  -2.377  1.00 10.65 ? 123 THR B C   1 
ATOM   1025 O O   . THR A 1 117 ? 4.326   14.541  -2.417  1.00 12.05 ? 123 THR B O   1 
ATOM   1026 C CB  . THR A 1 117 ? 7.149   14.614  -3.527  1.00 10.67 ? 123 THR B CB  1 
ATOM   1027 O OG1 . THR A 1 117 ? 8.558   14.445  -3.383  1.00 11.90 ? 123 THR B OG1 1 
ATOM   1028 C CG2 . THR A 1 117 ? 6.838   15.429  -4.752  1.00 11.33 ? 123 THR B CG2 1 
ATOM   1029 N N   . THR A 1 118 ? 4.679   16.768  -2.563  1.00 11.57 ? 124 THR B N   1 
ATOM   1030 C CA  . THR A 1 118 ? 3.277   17.124  -2.813  1.00 12.06 ? 124 THR B CA  1 
ATOM   1031 C C   . THR A 1 118 ? 2.768   16.543  -4.126  1.00 11.85 ? 124 THR B C   1 
ATOM   1032 O O   . THR A 1 118 ? 3.463   16.656  -5.167  1.00 13.95 ? 124 THR B O   1 
ATOM   1033 C CB  . THR A 1 118 ? 3.182   18.661  -2.818  1.00 14.85 ? 124 THR B CB  1 
ATOM   1034 O OG1 . THR A 1 118 ? 3.542   19.134  -1.524  1.00 17.09 ? 124 THR B OG1 1 
ATOM   1035 C CG2 . THR A 1 118 ? 1.823   19.131  -3.291  1.00 17.82 ? 124 THR B CG2 1 
ATOM   1036 N N   . LEU A 1 119 ? 1.618   15.895  -4.126  1.00 10.99 ? 125 LEU B N   1 
ATOM   1037 C CA  . LEU A 1 119 ? 0.963   15.405  -5.335  1.00 10.45 ? 125 LEU B CA  1 
ATOM   1038 C C   . LEU A 1 119 ? -0.124  16.412  -5.750  1.00 12.53 ? 125 LEU B C   1 
ATOM   1039 O O   . LEU A 1 119 ? -0.577  17.221  -4.920  1.00 16.07 ? 125 LEU B O   1 
ATOM   1040 C CB  . LEU A 1 119 ? 0.344   14.010  -5.146  1.00 10.41 ? 125 LEU B CB  1 
ATOM   1041 C CG  . LEU A 1 119 ? 1.343   12.943  -4.701  1.00 10.11 ? 125 LEU B CG  1 
ATOM   1042 C CD1 . LEU A 1 119 ? 0.668   11.624  -4.357  1.00 10.54 ? 125 LEU B CD1 1 
ATOM   1043 C CD2 . LEU A 1 119 ? 2.414   12.746  -5.778  1.00 11.54 ? 125 LEU B CD2 1 
ATOM   1044 N N   . HIS A 1 120 ? -0.458  16.421  -7.023  1.00 11.98 ? 126 HIS B N   1 
ATOM   1045 C CA  . HIS A 1 120 ? -1.411  17.380  -7.651  1.00 12.87 ? 126 HIS B CA  1 
ATOM   1046 C C   . HIS A 1 120 ? -2.552  16.547  -8.204  1.00 14.23 ? 126 HIS B C   1 
ATOM   1047 O O   . HIS A 1 120 ? -2.438  15.967  -9.312  1.00 19.00 ? 126 HIS B O   1 
ATOM   1048 C CB  . HIS A 1 120 ? -0.692  18.191  -8.744  1.00 13.83 ? 126 HIS B CB  1 
ATOM   1049 C CG  . HIS A 1 120 ? 0.454   18.998  -8.238  1.00 13.83 ? 126 HIS B CG  1 
ATOM   1050 N ND1 . HIS A 1 120 ? 1.759   18.542  -8.325  1.00 16.63 ? 126 HIS B ND1 1 
ATOM   1051 C CD2 . HIS A 1 120 ? 0.505   20.177  -7.615  1.00 15.81 ? 126 HIS B CD2 1 
ATOM   1052 C CE1 . HIS A 1 120 ? 2.551   19.455  -7.787  1.00 17.53 ? 126 HIS B CE1 1 
ATOM   1053 N NE2 . HIS A 1 120 ? 1.827   20.468  -7.364  1.00 16.36 ? 126 HIS B NE2 1 
ATOM   1054 N N   . ILE A 1 121 ? -3.615  16.383  -7.448  1.00 16.70 ? 127 ILE B N   1 
ATOM   1055 C CA  . ILE A 1 121 ? -4.770  15.521  -7.817  1.00 19.02 ? 127 ILE B CA  1 
ATOM   1056 C C   . ILE A 1 121 ? -6.024  16.433  -7.823  1.00 18.57 ? 127 ILE B C   1 
ATOM   1057 O O   . ILE A 1 121 ? -6.324  17.051  -6.814  1.00 25.38 ? 127 ILE B O   1 
ATOM   1058 C CB  . ILE A 1 121 ? -4.883  14.322  -6.850  1.00 19.67 ? 127 ILE B CB  1 
ATOM   1059 C CG1 . ILE A 1 121 ? -3.614  13.445  -6.895  1.00 17.60 ? 127 ILE B CG1 1 
ATOM   1060 C CG2 . ILE A 1 121 ? -6.171  13.562  -7.157  1.00 24.30 ? 127 ILE B CG2 1 
ATOM   1061 C CD1 . ILE A 1 121 ? -3.649  12.189  -6.036  1.00 17.58 ? 127 ILE B CD1 1 
ATOM   1062 N N   . GLN A 1 122 ? -6.632  16.579  -8.983  1.00 22.09 ? 128 GLN B N   1 
ATOM   1063 C CA  . GLN A 1 122 ? -7.838  17.450  -9.150  1.00 23.43 ? 128 GLN B CA  1 
ATOM   1064 C C   . GLN A 1 122 ? -9.092  16.640  -8.816  1.00 22.41 ? 128 GLN B C   1 
ATOM   1065 O O   . GLN A 1 122 ? -10.033 17.230  -8.224  1.00 22.45 ? 128 GLN B O   1 
ATOM   1066 C CB  . GLN A 1 122 ? -7.890  17.970  -10.592 1.00 25.79 ? 128 GLN B CB  1 
ATOM   1067 C CG  . GLN A 1 122 ? -9.147  18.782  -10.939 1.00 32.45 ? 128 GLN B CG  1 
ATOM   1068 C CD  . GLN A 1 122 ? -9.292  20.050  -10.122 1.00 36.83 ? 128 GLN B CD  1 
ATOM   1069 O OE1 . GLN A 1 122 ? -8.321  20.616  -9.621  1.00 42.61 ? 128 GLN B OE1 1 
ATOM   1070 N NE2 . GLN A 1 122 ? -10.527 20.510  -9.971  1.00 39.06 ? 128 GLN B NE2 1 
ATOM   1071 N N   . VAL A 1 123 ? -9.073  15.331  -9.076  1.00 19.18 ? 129 VAL B N   1 
ATOM   1072 C CA  . VAL A 1 123 ? -10.244 14.414  -8.857  1.00 17.42 ? 129 VAL B CA  1 
ATOM   1073 C C   . VAL A 1 123 ? -9.900  13.418  -7.757  1.00 17.11 ? 129 VAL B C   1 
ATOM   1074 O O   . VAL A 1 123 ? -9.092  12.500  -8.017  1.00 15.87 ? 129 VAL B O   1 
ATOM   1075 C CB  . VAL A 1 123 ? -10.631 13.671  -10.141 1.00 18.95 ? 129 VAL B CB  1 
ATOM   1076 C CG1 . VAL A 1 123 ? -11.783 12.674  -9.902  1.00 19.76 ? 129 VAL B CG1 1 
ATOM   1077 C CG2 . VAL A 1 123 ? -11.021 14.666  -11.236 1.00 21.00 ? 129 VAL B CG2 1 
ATOM   1078 N N   . PRO A 1 124 ? -10.335 13.609  -6.493  1.00 15.41 ? 130 PRO B N   1 
ATOM   1079 C CA  . PRO A 1 124 ? -9.935  12.689  -5.427  1.00 15.85 ? 130 PRO B CA  1 
ATOM   1080 C C   . PRO A 1 124 ? -10.234 11.265  -5.830  1.00 15.49 ? 130 PRO B C   1 
ATOM   1081 O O   . PRO A 1 124 ? -11.318 10.922  -6.255  1.00 15.72 ? 130 PRO B O   1 
ATOM   1082 C CB  . PRO A 1 124 ? -10.825 13.134  -4.253  1.00 18.12 ? 130 PRO B CB  1 
ATOM   1083 C CG  . PRO A 1 124 ? -10.981 14.636  -4.510  1.00 19.19 ? 130 PRO B CG  1 
ATOM   1084 C CD  . PRO A 1 124 ? -11.155 14.742  -5.990  1.00 18.46 ? 130 PRO B CD  1 
ATOM   1085 N N   . PRO A 1 125 ? -9.247  10.354  -5.799  1.00 14.33 ? 131 PRO B N   1 
ATOM   1086 C CA  . PRO A 1 125 ? -9.449  9.004   -6.276  1.00 13.83 ? 131 PRO B CA  1 
ATOM   1087 C C   . PRO A 1 125 ? -10.299 8.165   -5.321  1.00 13.62 ? 131 PRO B C   1 
ATOM   1088 O O   . PRO A 1 125 ? -10.083 8.217   -4.132  1.00 13.84 ? 131 PRO B O   1 
ATOM   1089 C CB  . PRO A 1 125 ? -8.014  8.473   -6.456  1.00 13.98 ? 131 PRO B CB  1 
ATOM   1090 C CG  . PRO A 1 125 ? -7.190  9.314   -5.572  1.00 16.15 ? 131 PRO B CG  1 
ATOM   1091 C CD  . PRO A 1 125 ? -7.827  10.673  -5.563  1.00 14.92 ? 131 PRO B CD  1 
ATOM   1092 N N   . CYS A 1 126 ? -11.160 7.343   -5.896  1.00 13.39 ? 132 CYS B N   1 
ATOM   1093 C CA  . CYS A 1 126 ? -11.824 6.246   -5.149  1.00 13.60 ? 132 CYS B CA  1 
ATOM   1094 C C   . CYS A 1 126 ? -11.121 4.915   -5.377  1.00 12.74 ? 132 CYS B C   1 
ATOM   1095 O O   . CYS A 1 126 ? -11.285 3.994   -4.598  1.00 12.55 ? 132 CYS B O   1 
ATOM   1096 C CB  . CYS A 1 126 ? -13.290 6.104   -5.513  1.00 16.79 ? 132 CYS B CB  1 
ATOM   1097 S SG  . CYS A 1 126 ? -14.260 7.601   -5.155  1.00 25.32 ? 132 CYS B SG  1 
ATOM   1098 N N   A GLN A 1 127 ? -10.383 4.761   -6.489  0.25 12.79 ? 133 GLN B N   1 
ATOM   1099 N N   B GLN A 1 127 ? -10.271 4.879   -6.402  0.25 12.91 ? 133 GLN B N   1 
ATOM   1100 C CA  A GLN A 1 127 ? -9.530  3.562   -6.725  0.25 13.01 ? 133 GLN B CA  1 
ATOM   1101 C CA  B GLN A 1 127 ? -9.536  3.661   -6.800  0.25 13.56 ? 133 GLN B CA  1 
ATOM   1102 C C   A GLN A 1 127 ? -8.193  3.999   -7.331  0.25 12.05 ? 133 GLN B C   1 
ATOM   1103 C C   B GLN A 1 127 ? -8.147  4.101   -7.268  0.25 12.31 ? 133 GLN B C   1 
ATOM   1104 O O   A GLN A 1 127 ? -8.183  4.855   -8.243  0.25 11.13 ? 133 GLN B O   1 
ATOM   1105 O O   B GLN A 1 127 ? -8.032  5.159   -7.924  0.25 11.23 ? 133 GLN B O   1 
ATOM   1106 C CB  A GLN A 1 127 ? -10.142 2.509   -7.656  0.25 14.59 ? 133 GLN B CB  1 
ATOM   1107 C CB  B GLN A 1 127 ? -10.327 2.894   -7.859  0.25 15.91 ? 133 GLN B CB  1 
ATOM   1108 C CG  A GLN A 1 127 ? -11.425 1.857   -7.160  0.25 15.95 ? 133 GLN B CG  1 
ATOM   1109 C CG  B GLN A 1 127 ? -11.684 2.406   -7.380  0.25 17.69 ? 133 GLN B CG  1 
ATOM   1110 C CD  A GLN A 1 127 ? -12.636 2.602   -7.664  0.25 17.79 ? 133 GLN B CD  1 
ATOM   1111 C CD  B GLN A 1 127 ? -12.186 1.214   -8.157  0.25 19.53 ? 133 GLN B CD  1 
ATOM   1112 O OE1 A GLN A 1 127 ? -12.632 3.144   -8.768  0.25 18.72 ? 133 GLN B OE1 1 
ATOM   1113 O OE1 B GLN A 1 127 ? -11.684 0.892   -9.227  0.25 23.48 ? 133 GLN B OE1 1 
ATOM   1114 N NE2 A GLN A 1 127 ? -13.674 2.657   -6.841  0.25 18.26 ? 133 GLN B NE2 1 
ATOM   1115 N NE2 B GLN A 1 127 ? -13.187 0.547   -7.618  0.25 21.80 ? 133 GLN B NE2 1 
ATOM   1116 N N   . ILE A 1 128 ? -7.128  3.353   -6.841  1.00 11.41 ? 134 ILE B N   1 
ATOM   1117 C CA  . ILE A 1 128 ? -5.700  3.630   -7.167  1.00 11.38 ? 134 ILE B CA  1 
ATOM   1118 C C   . ILE A 1 128 ? -5.202  2.402   -7.929  1.00 11.23 ? 134 ILE B C   1 
ATOM   1119 O O   . ILE A 1 128 ? -5.336  1.261   -7.438  1.00 11.02 ? 134 ILE B O   1 
ATOM   1120 C CB  . ILE A 1 128 ? -4.884  3.870   -5.891  1.00 12.16 ? 134 ILE B CB  1 
ATOM   1121 C CG1 . ILE A 1 128 ? -5.369  5.035   -5.010  1.00 14.98 ? 134 ILE B CG1 1 
ATOM   1122 C CG2 . ILE A 1 128 ? -3.399  4.031   -6.262  1.00 12.54 ? 134 ILE B CG2 1 
ATOM   1123 C CD1 . ILE A 1 128 ? -5.136  6.334   -5.614  1.00 14.41 ? 134 ILE B CD1 1 
ATOM   1124 N N   . GLY A 1 129 ? -4.526  2.610   -9.066  1.00 10.99 ? 135 GLY B N   1 
ATOM   1125 C CA  . GLY A 1 129 ? -3.762  1.556   -9.750  1.00 10.63 ? 135 GLY B CA  1 
ATOM   1126 C C   . GLY A 1 129 ? -2.275  1.677   -9.458  1.00 10.30 ? 135 GLY B C   1 
ATOM   1127 O O   . GLY A 1 129 ? -1.736  2.774   -9.357  1.00 10.91 ? 135 GLY B O   1 
ATOM   1128 N N   . ILE A 1 130 ? -1.636  0.537   -9.174  1.00 10.45 ? 136 ILE B N   1 
ATOM   1129 C CA  . ILE A 1 130 ? -0.182  0.446   -8.826  1.00 9.98  ? 136 ILE B CA  1 
ATOM   1130 C C   . ILE A 1 130 ? 0.499   -0.463  -9.841  1.00 10.81 ? 136 ILE B C   1 
ATOM   1131 O O   . ILE A 1 130 ? 0.069   -1.605  -10.060 1.00 10.81 ? 136 ILE B O   1 
ATOM   1132 C CB  . ILE A 1 130 ? -0.013  -0.104  -7.403  1.00 10.89 ? 136 ILE B CB  1 
ATOM   1133 C CG1 . ILE A 1 130 ? -0.762  0.797   -6.424  1.00 12.10 ? 136 ILE B CG1 1 
ATOM   1134 C CG2 . ILE A 1 130 ? 1.458   -0.189  -7.023  1.00 11.80 ? 136 ILE B CG2 1 
ATOM   1135 C CD1 . ILE A 1 130 ? -0.769  0.311   -5.047  1.00 15.40 ? 136 ILE B CD1 1 
ATOM   1136 N N   . PHE A 1 131 ? 1.511   0.095   -10.489 1.00 10.31 ? 137 PHE B N   1 
ATOM   1137 C CA  . PHE A 1 131 ? 2.301   -0.606  -11.526 1.00 10.15 ? 137 PHE B CA  1 
ATOM   1138 C C   . PHE A 1 131 ? 3.744   -0.680  -11.073 1.00 10.19 ? 137 PHE B C   1 
ATOM   1139 O O   . PHE A 1 131 ? 4.344   0.332   -10.703 1.00 10.53 ? 137 PHE B O   1 
ATOM   1140 C CB  . PHE A 1 131 ? 2.239   0.150   -12.847 1.00 11.51 ? 137 PHE B CB  1 
ATOM   1141 C CG  . PHE A 1 131 ? 3.095   -0.431  -13.940 1.00 12.54 ? 137 PHE B CG  1 
ATOM   1142 C CD1 . PHE A 1 131 ? 2.798   -1.660  -14.477 1.00 13.92 ? 137 PHE B CD1 1 
ATOM   1143 C CD2 . PHE A 1 131 ? 4.185   0.256   -14.435 1.00 14.10 ? 137 PHE B CD2 1 
ATOM   1144 C CE1 . PHE A 1 131 ? 3.586   -2.188  -15.501 1.00 15.88 ? 137 PHE B CE1 1 
ATOM   1145 C CE2 . PHE A 1 131 ? 4.998   -0.284  -15.426 1.00 15.86 ? 137 PHE B CE2 1 
ATOM   1146 C CZ  . PHE A 1 131 ? 4.669   -1.496  -15.965 1.00 15.53 ? 137 PHE B CZ  1 
ATOM   1147 N N   . VAL A 1 132 ? 4.308   -1.885  -11.107 1.00 10.66 ? 138 VAL B N   1 
ATOM   1148 C CA  . VAL A 1 132 ? 5.733   -2.135  -10.799 1.00 10.89 ? 138 VAL B CA  1 
ATOM   1149 C C   . VAL A 1 132 ? 6.406   -2.758  -12.018 1.00 10.05 ? 138 VAL B C   1 
ATOM   1150 O O   . VAL A 1 132 ? 5.944   -3.792  -12.511 1.00 11.66 ? 138 VAL B O   1 
ATOM   1151 C CB  . VAL A 1 132 ? 5.888   -3.024  -9.556  1.00 10.86 ? 138 VAL B CB  1 
ATOM   1152 C CG1 . VAL A 1 132 ? 7.355   -3.270  -9.265  1.00 12.85 ? 138 VAL B CG1 1 
ATOM   1153 C CG2 . VAL A 1 132 ? 5.185   -2.410  -8.346  1.00 12.56 ? 138 VAL B CG2 1 
ATOM   1154 N N   . ASP A 1 133 ? 7.478   -2.135  -12.455 1.00 10.35 ? 139 ASP B N   1 
ATOM   1155 C CA  . ASP A 1 133 ? 8.382   -2.747  -13.474 1.00 11.97 ? 139 ASP B CA  1 
ATOM   1156 C C   . ASP A 1 133 ? 9.701   -3.022  -12.762 1.00 10.25 ? 139 ASP B C   1 
ATOM   1157 O O   . ASP A 1 133 ? 10.492  -2.107  -12.515 1.00 11.01 ? 139 ASP B O   1 
ATOM   1158 C CB  . ASP A 1 133 ? 8.532   -1.875  -14.698 1.00 12.74 ? 139 ASP B CB  1 
ATOM   1159 C CG  . ASP A 1 133 ? 9.411   -2.456  -15.807 1.00 14.37 ? 139 ASP B CG  1 
ATOM   1160 O OD1 . ASP A 1 133 ? 10.249  -3.348  -15.506 1.00 15.08 ? 139 ASP B OD1 1 
ATOM   1161 O OD2 . ASP A 1 133 ? 9.174   -1.966  -16.956 1.00 18.53 ? 139 ASP B OD2 1 
ATOM   1162 N N   . TYR A 1 134 ? 9.914   -4.291  -12.396 1.00 11.65 ? 140 TYR B N   1 
ATOM   1163 C CA  . TYR A 1 134 ? 11.084  -4.655  -11.572 1.00 12.01 ? 140 TYR B CA  1 
ATOM   1164 C C   . TYR A 1 134 ? 12.400  -4.318  -12.293 1.00 12.60 ? 140 TYR B C   1 
ATOM   1165 O O   . TYR A 1 134 ? 13.259  -3.660  -11.770 1.00 13.68 ? 140 TYR B O   1 
ATOM   1166 C CB  . TYR A 1 134 ? 11.038  -6.127  -11.125 1.00 12.07 ? 140 TYR B CB  1 
ATOM   1167 C CG  . TYR A 1 134 ? 11.964  -6.389  -9.959  1.00 12.36 ? 140 TYR B CG  1 
ATOM   1168 C CD1 . TYR A 1 134 ? 13.344  -6.468  -10.110 1.00 12.71 ? 140 TYR B CD1 1 
ATOM   1169 C CD2 . TYR A 1 134 ? 11.476  -6.468  -8.660  1.00 11.92 ? 140 TYR B CD2 1 
ATOM   1170 C CE1 . TYR A 1 134 ? 14.189  -6.611  -9.031  1.00 12.09 ? 140 TYR B CE1 1 
ATOM   1171 C CE2 . TYR A 1 134 ? 12.312  -6.621  -7.570  1.00 12.16 ? 140 TYR B CE2 1 
ATOM   1172 C CZ  . TYR A 1 134 ? 13.686  -6.687  -7.737  1.00 11.27 ? 140 TYR B CZ  1 
ATOM   1173 O OH  . TYR A 1 134 ? 14.541  -6.794  -6.681  1.00 12.09 ? 140 TYR B OH  1 
ATOM   1174 N N   . GLU A 1 135 ? 12.481  -4.753  -13.532 1.00 14.10 ? 141 GLU B N   1 
ATOM   1175 C CA  . GLU A 1 135 ? 13.754  -4.610  -14.296 1.00 14.91 ? 141 GLU B CA  1 
ATOM   1176 C C   . GLU A 1 135 ? 14.059  -3.140  -14.523 1.00 14.37 ? 141 GLU B C   1 
ATOM   1177 O O   . GLU A 1 135 ? 15.219  -2.722  -14.329 1.00 16.60 ? 141 GLU B O   1 
ATOM   1178 C CB  . GLU A 1 135 ? 13.709  -5.373  -15.612 1.00 16.58 ? 141 GLU B CB  1 
ATOM   1179 C CG  . GLU A 1 135 ? 14.079  -6.850  -15.381 1.00 23.57 ? 141 GLU B CG  1 
ATOM   1180 C CD  . GLU A 1 135 ? 13.077  -7.623  -14.597 1.00 26.42 ? 141 GLU B CD  1 
ATOM   1181 O OE1 . GLU A 1 135 ? 13.467  -8.492  -13.883 1.00 23.49 ? 141 GLU B OE1 1 
ATOM   1182 O OE2 . GLU A 1 135 ? 11.863  -7.320  -14.716 1.00 28.40 ? 141 GLU B OE2 1 
ATOM   1183 N N   . ALA A 1 136 ? 13.054  -2.327  -14.848 1.00 12.96 ? 142 ALA B N   1 
ATOM   1184 C CA  . ALA A 1 136 ? 13.240  -0.903  -15.121 1.00 13.84 ? 142 ALA B CA  1 
ATOM   1185 C C   . ALA A 1 136 ? 13.474  -0.099  -13.838 1.00 13.59 ? 142 ALA B C   1 
ATOM   1186 O O   . ALA A 1 136 ? 13.952  1.043   -13.928 1.00 15.98 ? 142 ALA B O   1 
ATOM   1187 C CB  . ALA A 1 136 ? 12.064  -0.335  -15.873 1.00 15.54 ? 142 ALA B CB  1 
ATOM   1188 N N   . GLY A 1 137 ? 13.148  -0.617  -12.656 1.00 11.97 ? 143 GLY B N   1 
ATOM   1189 C CA  . GLY A 1 137 ? 13.224  0.134   -11.402 1.00 11.30 ? 143 GLY B CA  1 
ATOM   1190 C C   . GLY A 1 137 ? 12.162  1.255   -11.336 1.00 10.17 ? 143 GLY B C   1 
ATOM   1191 O O   . GLY A 1 137 ? 12.535  2.388   -11.011 1.00 11.68 ? 143 GLY B O   1 
ATOM   1192 N N   . VAL A 1 138 ? 10.921  0.911   -11.657 1.00 10.77 ? 144 VAL B N   1 
ATOM   1193 C CA  . VAL A 1 138 ? 9.799   1.896   -11.703 1.00 11.28 ? 144 VAL B CA  1 
ATOM   1194 C C   . VAL A 1 138 ? 8.648   1.408   -10.832 1.00 10.44 ? 144 VAL B C   1 
ATOM   1195 O O   . VAL A 1 138 ? 8.228   0.245   -10.925 1.00 11.15 ? 144 VAL B O   1 
ATOM   1196 C CB  . VAL A 1 138 ? 9.319   2.068   -13.153 1.00 11.83 ? 144 VAL B CB  1 
ATOM   1197 C CG1 . VAL A 1 138 ? 7.966   2.807   -13.216 1.00 12.60 ? 144 VAL B CG1 1 
ATOM   1198 C CG2 . VAL A 1 138 ? 10.427  2.758   -13.960 1.00 13.18 ? 144 VAL B CG2 1 
ATOM   1199 N N   . VAL A 1 139 ? 8.074   2.354   -10.081 1.00 10.22 ? 145 VAL B N   1 
ATOM   1200 C CA  . VAL A 1 139 ? 6.766   2.161   -9.386  1.00 9.63  ? 145 VAL B CA  1 
ATOM   1201 C C   . VAL A 1 139 ? 5.877   3.367   -9.751  1.00 9.14  ? 145 VAL B C   1 
ATOM   1202 O O   . VAL A 1 139 ? 6.281   4.507   -9.441  1.00 9.90  ? 145 VAL B O   1 
ATOM   1203 C CB  . VAL A 1 139 ? 6.936   2.050   -7.862  1.00 9.44  ? 145 VAL B CB  1 
ATOM   1204 C CG1 . VAL A 1 139 ? 5.581   1.795   -7.199  1.00 9.99  ? 145 VAL B CG1 1 
ATOM   1205 C CG2 . VAL A 1 139 ? 7.948   0.984   -7.483  1.00 9.69  ? 145 VAL B CG2 1 
ATOM   1206 N N   . SER A 1 140 ? 4.745   3.112   -10.365 1.00 8.87  ? 146 SER B N   1 
ATOM   1207 C CA  . SER A 1 140 ? 3.841   4.199   -10.793 1.00 9.72  ? 146 SER B CA  1 
ATOM   1208 C C   . SER A 1 140 ? 2.452   3.996   -10.191 1.00 9.20  ? 146 SER B C   1 
ATOM   1209 O O   . SER A 1 140 ? 2.003   2.877   -9.993  1.00 10.51 ? 146 SER B O   1 
ATOM   1210 C CB  . SER A 1 140 ? 3.753   4.304   -12.304 1.00 9.73  ? 146 SER B CB  1 
ATOM   1211 O OG  . SER A 1 140 ? 4.998   4.700   -12.872 1.00 11.23 ? 146 SER B OG  1 
ATOM   1212 N N   . PHE A 1 141 ? 1.778   5.123   -9.979  1.00 9.00  ? 147 PHE B N   1 
ATOM   1213 C CA  . PHE A 1 141 ? 0.456   5.191   -9.345  1.00 9.54  ? 147 PHE B CA  1 
ATOM   1214 C C   . PHE A 1 141 ? -0.470  5.919   -10.308 1.00 9.26  ? 147 PHE B C   1 
ATOM   1215 O O   . PHE A 1 141 ? -0.115  7.027   -10.819 1.00 9.57  ? 147 PHE B O   1 
ATOM   1216 C CB  . PHE A 1 141 ? 0.523   5.907   -7.985  1.00 9.17  ? 147 PHE B CB  1 
ATOM   1217 C CG  . PHE A 1 141 ? 1.385   5.187   -6.978  1.00 9.01  ? 147 PHE B CG  1 
ATOM   1218 C CD1 . PHE A 1 141 ? 2.769   5.346   -6.954  1.00 9.04  ? 147 PHE B CD1 1 
ATOM   1219 C CD2 . PHE A 1 141 ? 0.802   4.372   -6.013  1.00 9.01  ? 147 PHE B CD2 1 
ATOM   1220 C CE1 . PHE A 1 141 ? 3.544   4.642   -6.034  1.00 9.35  ? 147 PHE B CE1 1 
ATOM   1221 C CE2 . PHE A 1 141 ? 1.598   3.674   -5.113  1.00 8.89  ? 147 PHE B CE2 1 
ATOM   1222 C CZ  . PHE A 1 141 ? 2.956   3.829   -5.109  1.00 8.87  ? 147 PHE B CZ  1 
ATOM   1223 N N   . TYR A 1 142 ? -1.693  5.424   -10.430 1.00 9.47  ? 148 TYR B N   1 
ATOM   1224 C CA  . TYR A 1 142 ? -2.692  5.904   -11.416 1.00 10.82 ? 148 TYR B CA  1 
ATOM   1225 C C   . TYR A 1 142 ? -4.014  6.161   -10.691 1.00 11.55 ? 148 TYR B C   1 
ATOM   1226 O O   . TYR A 1 142 ? -4.473  5.399   -9.822  1.00 11.47 ? 148 TYR B O   1 
ATOM   1227 C CB  . TYR A 1 142 ? -2.859  4.931   -12.580 1.00 11.40 ? 148 TYR B CB  1 
ATOM   1228 C CG  . TYR A 1 142 ? -1.598  4.778   -13.391 1.00 11.86 ? 148 TYR B CG  1 
ATOM   1229 C CD1 . TYR A 1 142 ? -1.225  5.690   -14.370 1.00 12.95 ? 148 TYR B CD1 1 
ATOM   1230 C CD2 . TYR A 1 142 ? -0.687  3.774   -13.097 1.00 12.52 ? 148 TYR B CD2 1 
ATOM   1231 C CE1 . TYR A 1 142 ? -0.013  5.582   -15.036 1.00 13.19 ? 148 TYR B CE1 1 
ATOM   1232 C CE2 . TYR A 1 142 ? 0.516   3.637   -13.769 1.00 13.11 ? 148 TYR B CE2 1 
ATOM   1233 C CZ  . TYR A 1 142 ? 0.848   4.534   -14.766 1.00 13.06 ? 148 TYR B CZ  1 
ATOM   1234 O OH  . TYR A 1 142 ? 2.051   4.455   -15.439 1.00 15.11 ? 148 TYR B OH  1 
ATOM   1235 N N   . ASN A 1 143 ? -4.718  7.185   -11.166 1.00 12.26 ? 149 ASN B N   1 
ATOM   1236 C CA  . ASN A 1 143 ? -6.035  7.625   -10.624 1.00 12.13 ? 149 ASN B CA  1 
ATOM   1237 C C   . ASN A 1 143 ? -7.121  6.949   -11.452 1.00 11.69 ? 149 ASN B C   1 
ATOM   1238 O O   . ASN A 1 143 ? -7.476  7.471   -12.555 1.00 13.87 ? 149 ASN B O   1 
ATOM   1239 C CB  . ASN A 1 143 ? -6.123  9.145   -10.663 1.00 12.07 ? 149 ASN B CB  1 
ATOM   1240 C CG  . ASN A 1 143 ? -7.405  9.683   -10.036 1.00 12.49 ? 149 ASN B CG  1 
ATOM   1241 O OD1 . ASN A 1 143 ? -8.360  8.908   -9.854  1.00 13.54 ? 149 ASN B OD1 1 
ATOM   1242 N ND2 . ASN A 1 143 ? -7.367  10.916  -9.627  1.00 14.10 ? 149 ASN B ND2 1 
ATOM   1243 N N   . ILE A 1 144 ? -7.692  5.836   -11.015 1.00 13.04 ? 150 ILE B N   1 
ATOM   1244 C CA  . ILE A 1 144 ? -8.650  5.055   -11.841 1.00 14.55 ? 150 ILE B CA  1 
ATOM   1245 C C   . ILE A 1 144 ? -9.941  5.890   -11.979 1.00 16.21 ? 150 ILE B C   1 
ATOM   1246 O O   . ILE A 1 144 ? -10.591 5.801   -13.041 1.00 17.86 ? 150 ILE B O   1 
ATOM   1247 C CB  . ILE A 1 144 ? -8.896  3.685   -11.201 1.00 15.09 ? 150 ILE B CB  1 
ATOM   1248 C CG1 . ILE A 1 144 ? -7.591  2.891   -11.023 1.00 16.13 ? 150 ILE B CG1 1 
ATOM   1249 C CG2 . ILE A 1 144 ? -9.927  2.883   -11.985 1.00 17.08 ? 150 ILE B CG2 1 
ATOM   1250 C CD1 . ILE A 1 144 ? -6.669  2.961   -12.202 1.00 19.11 ? 150 ILE B CD1 1 
ATOM   1251 N N   . THR A 1 145 ? -10.290 6.682   -10.987 1.00 15.33 ? 151 THR B N   1 
ATOM   1252 C CA  . THR A 1 145 ? -11.524 7.532   -10.986 1.00 16.17 ? 151 THR B CA  1 
ATOM   1253 C C   . THR A 1 145 ? -11.410 8.570   -12.107 1.00 18.84 ? 151 THR B C   1 
ATOM   1254 O O   . THR A 1 145 ? -12.448 8.863   -12.757 1.00 22.46 ? 151 THR B O   1 
ATOM   1255 C CB  . THR A 1 145 ? -11.695 8.191   -9.611  1.00 15.72 ? 151 THR B CB  1 
ATOM   1256 O OG1 . THR A 1 145 ? -11.653 7.167   -8.617  1.00 15.78 ? 151 THR B OG1 1 
ATOM   1257 C CG2 . THR A 1 145 ? -13.000 8.958   -9.509  1.00 17.24 ? 151 THR B CG2 1 
ATOM   1258 N N   . ASP A 1 146 ? -10.217 9.072   -12.404 1.00 17.48 ? 152 ASP B N   1 
ATOM   1259 C CA  . ASP A 1 146 ? -9.950  10.086  -13.457 1.00 18.60 ? 152 ASP B CA  1 
ATOM   1260 C C   . ASP A 1 146 ? -9.328  9.436   -14.703 1.00 18.78 ? 152 ASP B C   1 
ATOM   1261 O O   . ASP A 1 146 ? -8.257  9.887   -15.123 1.00 19.63 ? 152 ASP B O   1 
ATOM   1262 C CB  . ASP A 1 146 ? -9.152  11.207  -12.852 1.00 18.30 ? 152 ASP B CB  1 
ATOM   1263 C CG  . ASP A 1 146 ? -8.861  12.324  -13.815 1.00 22.12 ? 152 ASP B CG  1 
ATOM   1264 O OD1 . ASP A 1 146 ? -9.805  12.725  -14.540 1.00 23.22 ? 152 ASP B OD1 1 
ATOM   1265 O OD2 . ASP A 1 146 ? -7.715  12.764  -13.826 1.00 22.52 ? 152 ASP B OD2 1 
ATOM   1266 N N   . HIS A 1 147 ? -9.951  8.407   -15.249 1.00 20.66 ? 153 HIS B N   1 
ATOM   1267 C CA  . HIS A 1 147 ? -9.571  7.821   -16.564 1.00 23.95 ? 153 HIS B CA  1 
ATOM   1268 C C   . HIS A 1 147 ? -8.096  7.385   -16.523 1.00 22.08 ? 153 HIS B C   1 
ATOM   1269 O O   . HIS A 1 147 ? -7.405  7.433   -17.542 1.00 25.04 ? 153 HIS B O   1 
ATOM   1270 C CB  . HIS A 1 147 ? -9.747  8.812   -17.736 1.00 29.31 ? 153 HIS B CB  1 
ATOM   1271 C CG  . HIS A 1 147 ? -11.026 9.592   -17.817 1.00 36.69 ? 153 HIS B CG  1 
ATOM   1272 N ND1 . HIS A 1 147 ? -12.190 9.062   -18.355 1.00 41.58 ? 153 HIS B ND1 1 
ATOM   1273 C CD2 . HIS A 1 147 ? -11.299 10.885  -17.519 1.00 40.81 ? 153 HIS B CD2 1 
ATOM   1274 C CE1 . HIS A 1 147 ? -13.142 9.979   -18.335 1.00 44.48 ? 153 HIS B CE1 1 
ATOM   1275 N NE2 . HIS A 1 147 ? -12.618 11.113  -17.830 1.00 42.29 ? 153 HIS B NE2 1 
ATOM   1276 N N   . GLY A 1 148 ? -7.606  6.935   -15.367 1.00 18.26 ? 154 GLY B N   1 
ATOM   1277 C CA  . GLY A 1 148 ? -6.258  6.343   -15.294 1.00 16.10 ? 154 GLY B CA  1 
ATOM   1278 C C   . GLY A 1 148 ? -5.151  7.368   -15.297 1.00 15.08 ? 154 GLY B C   1 
ATOM   1279 O O   . GLY A 1 148 ? -4.056  6.963   -15.639 1.00 15.96 ? 154 GLY B O   1 
ATOM   1280 N N   . SER A 1 149 ? -5.394  8.620   -14.995 1.00 13.74 ? 155 SER B N   1 
ATOM   1281 C CA  . SER A 1 149 ? -4.357  9.667   -15.086 1.00 12.66 ? 155 SER B CA  1 
ATOM   1282 C C   . SER A 1 149 ? -3.197  9.363   -14.129 1.00 12.75 ? 155 SER B C   1 
ATOM   1283 O O   . SER A 1 149 ? -3.397  8.839   -13.001 1.00 12.57 ? 155 SER B O   1 
ATOM   1284 C CB  . SER A 1 149 ? -4.936  11.033  -14.797 1.00 13.64 ? 155 SER B CB  1 
ATOM   1285 O OG  . SER A 1 149 ? -5.596  11.128  -13.544 1.00 14.66 ? 155 SER B OG  1 
ATOM   1286 N N   . LEU A 1 150 ? -1.996  9.711   -14.511 1.00 11.60 ? 156 LEU B N   1 
ATOM   1287 C CA  . LEU A 1 150 ? -0.798  9.496   -13.659 1.00 10.74 ? 156 LEU B CA  1 
ATOM   1288 C C   . LEU A 1 150 ? -0.858  10.358  -12.410 1.00 10.53 ? 156 LEU B C   1 
ATOM   1289 O O   . LEU A 1 150 ? -1.090  11.605  -12.447 1.00 11.49 ? 156 LEU B O   1 
ATOM   1290 C CB  . LEU A 1 150 ? 0.454   9.831   -14.475 1.00 11.51 ? 156 LEU B CB  1 
ATOM   1291 C CG  . LEU A 1 150 ? 1.789   9.630   -13.737 1.00 11.43 ? 156 LEU B CG  1 
ATOM   1292 C CD1 . LEU A 1 150 ? 2.070   8.168   -13.434 1.00 11.48 ? 156 LEU B CD1 1 
ATOM   1293 C CD2 . LEU A 1 150 ? 2.941   10.200  -14.589 1.00 12.64 ? 156 LEU B CD2 1 
ATOM   1294 N N   . ILE A 1 151 ? -0.590  9.732   -11.256 1.00 10.01 ? 157 ILE B N   1 
ATOM   1295 C CA  . ILE A 1 151 ? -0.406  10.409  -9.973  1.00 10.35 ? 157 ILE B CA  1 
ATOM   1296 C C   . ILE A 1 151 ? 1.069   10.650  -9.685  1.00 9.57  ? 157 ILE B C   1 
ATOM   1297 O O   . ILE A 1 151 ? 1.492   11.724  -9.295  1.00 10.02 ? 157 ILE B O   1 
ATOM   1298 C CB  . ILE A 1 151 ? -1.092  9.598   -8.851  1.00 10.56 ? 157 ILE B CB  1 
ATOM   1299 C CG1 . ILE A 1 151 ? -2.603  9.548   -9.020  1.00 11.57 ? 157 ILE B CG1 1 
ATOM   1300 C CG2 . ILE A 1 151 ? -0.724  10.179  -7.496  1.00 10.81 ? 157 ILE B CG2 1 
ATOM   1301 C CD1 . ILE A 1 151 ? -3.295  8.569   -8.080  1.00 11.67 ? 157 ILE B CD1 1 
ATOM   1302 N N   . TYR A 1 152 ? 1.897   9.587   -9.783  1.00 9.69  ? 158 TYR B N   1 
ATOM   1303 C CA  . TYR A 1 152 ? 3.318   9.710   -9.395  1.00 9.23  ? 158 TYR B CA  1 
ATOM   1304 C C   . TYR A 1 152 ? 4.102   8.535   -9.974  1.00 9.02  ? 158 TYR B C   1 
ATOM   1305 O O   . TYR A 1 152 ? 3.577   7.402   -9.991  1.00 9.77  ? 158 TYR B O   1 
ATOM   1306 C CB  . TYR A 1 152 ? 3.505   9.680   -7.852  1.00 9.19  ? 158 TYR B CB  1 
ATOM   1307 C CG  . TYR A 1 152 ? 4.879   10.097  -7.423  1.00 9.17  ? 158 TYR B CG  1 
ATOM   1308 C CD1 . TYR A 1 152 ? 5.252   11.443  -7.338  1.00 10.13 ? 158 TYR B CD1 1 
ATOM   1309 C CD2 . TYR A 1 152 ? 5.845   9.144   -7.093  1.00 9.42  ? 158 TYR B CD2 1 
ATOM   1310 C CE1 . TYR A 1 152 ? 6.536   11.818  -7.002  1.00 10.81 ? 158 TYR B CE1 1 
ATOM   1311 C CE2 . TYR A 1 152 ? 7.120   9.512   -6.759  1.00 10.22 ? 158 TYR B CE2 1 
ATOM   1312 C CZ  . TYR A 1 152 ? 7.462   10.840  -6.713  1.00 10.30 ? 158 TYR B CZ  1 
ATOM   1313 O OH  . TYR A 1 152 ? 8.750   11.236  -6.441  1.00 12.96 ? 158 TYR B OH  1 
ATOM   1314 N N   . THR A 1 153 ? 5.347   8.788   -10.364 1.00 9.06  ? 159 THR B N   1 
ATOM   1315 C CA  . THR A 1 153 ? 6.315   7.741   -10.768 1.00 9.73  ? 159 THR B CA  1 
ATOM   1316 C C   . THR A 1 153 ? 7.587   7.893   -9.962  1.00 9.60  ? 159 THR B C   1 
ATOM   1317 O O   . THR A 1 153 ? 8.268   8.906   -10.029 1.00 10.24 ? 159 THR B O   1 
ATOM   1318 C CB  . THR A 1 153 ? 6.634   7.800   -12.275 1.00 10.27 ? 159 THR B CB  1 
ATOM   1319 O OG1 . THR A 1 153 ? 5.452   7.431   -12.975 1.00 10.73 ? 159 THR B OG1 1 
ATOM   1320 C CG2 . THR A 1 153 ? 7.798   6.890   -12.648 1.00 11.20 ? 159 THR B CG2 1 
ATOM   1321 N N   . PHE A 1 154 ? 7.927   6.830   -9.219  1.00 9.51  ? 160 PHE B N   1 
ATOM   1322 C CA  . PHE A 1 154 ? 9.284   6.611   -8.673  1.00 9.77  ? 160 PHE B CA  1 
ATOM   1323 C C   . PHE A 1 154 ? 10.086  5.912   -9.780  1.00 10.24 ? 160 PHE B C   1 
ATOM   1324 O O   . PHE A 1 154 ? 9.719   4.847   -10.236 1.00 10.86 ? 160 PHE B O   1 
ATOM   1325 C CB  . PHE A 1 154 ? 9.275   5.673   -7.473  1.00 10.30 ? 160 PHE B CB  1 
ATOM   1326 C CG  . PHE A 1 154 ? 8.620   6.190   -6.210  1.00 8.66  ? 160 PHE B CG  1 
ATOM   1327 C CD1 . PHE A 1 154 ? 7.270   6.002   -5.949  1.00 8.32  ? 160 PHE B CD1 1 
ATOM   1328 C CD2 . PHE A 1 154 ? 9.395   6.771   -5.233  1.00 9.11  ? 160 PHE B CD2 1 
ATOM   1329 C CE1 . PHE A 1 154 ? 6.722   6.440   -4.751  1.00 9.30  ? 160 PHE B CE1 1 
ATOM   1330 C CE2 . PHE A 1 154 ? 8.835   7.201   -4.030  1.00 9.53  ? 160 PHE B CE2 1 
ATOM   1331 C CZ  . PHE A 1 154 ? 7.500   7.019   -3.804  1.00 8.69  ? 160 PHE B CZ  1 
ATOM   1332 N N   . SER A 1 155 ? 11.184  6.554   -10.176 1.00 11.58 ? 161 SER B N   1 
ATOM   1333 C CA  . SER A 1 155 ? 12.117  5.927   -11.125 1.00 12.77 ? 161 SER B CA  1 
ATOM   1334 C C   . SER A 1 155 ? 13.490  5.851   -10.482 1.00 12.48 ? 161 SER B C   1 
ATOM   1335 O O   . SER A 1 155 ? 13.740  6.408   -9.410  1.00 14.09 ? 161 SER B O   1 
ATOM   1336 C CB  . SER A 1 155 ? 12.085  6.680   -12.424 1.00 13.51 ? 161 SER B CB  1 
ATOM   1337 O OG  . SER A 1 155 ? 12.655  7.953   -12.294 1.00 17.92 ? 161 SER B OG  1 
ATOM   1338 N N   . GLU A 1 156 ? 14.387  5.109   -11.151 1.00 14.72 ? 162 GLU B N   1 
ATOM   1339 C CA  . GLU A 1 156 ? 15.737  4.813   -10.581 1.00 16.04 ? 162 GLU B CA  1 
ATOM   1340 C C   . GLU A 1 156 ? 15.580  4.138   -9.212  1.00 13.87 ? 162 GLU B C   1 
ATOM   1341 O O   . GLU A 1 156 ? 16.406  4.405   -8.290  1.00 16.09 ? 162 GLU B O   1 
ATOM   1342 C CB  . GLU A 1 156 ? 16.588  6.080   -10.445 1.00 19.12 ? 162 GLU B CB  1 
ATOM   1343 C CG  . GLU A 1 156 ? 16.589  7.015   -11.644 1.00 24.02 ? 162 GLU B CG  1 
ATOM   1344 C CD  . GLU A 1 156 ? 17.672  8.049   -11.419 1.00 34.84 ? 162 GLU B CD  1 
ATOM   1345 O OE1 . GLU A 1 156 ? 17.370  9.113   -10.836 1.00 37.79 ? 162 GLU B OE1 1 
ATOM   1346 O OE2 . GLU A 1 156 ? 18.845  7.730   -11.702 1.00 40.93 ? 162 GLU B OE2 1 
ATOM   1347 N N   . CYS A 1 157 ? 14.572  3.277   -9.087  1.00 12.65 ? 163 CYS B N   1 
ATOM   1348 C CA  . CYS A 1 157 ? 14.350  2.584   -7.805  1.00 11.70 ? 163 CYS B CA  1 
ATOM   1349 C C   . CYS A 1 157 ? 15.470  1.567   -7.557  1.00 12.67 ? 163 CYS B C   1 
ATOM   1350 O O   . CYS A 1 157 ? 15.842  0.860   -8.548  1.00 14.49 ? 163 CYS B O   1 
ATOM   1351 C CB  . CYS A 1 157 ? 13.006  1.860   -7.699  1.00 11.26 ? 163 CYS B CB  1 
ATOM   1352 S SG  . CYS A 1 157 ? 11.577  2.971   -7.819  1.00 11.69 ? 163 CYS B SG  1 
ATOM   1353 N N   . VAL A 1 158 ? 15.922  1.474   -6.333  1.00 12.27 ? 164 VAL B N   1 
ATOM   1354 C CA  . VAL A 1 158 ? 16.918  0.432   -5.967  1.00 13.81 ? 164 VAL B CA  1 
ATOM   1355 C C   . VAL A 1 158 ? 16.172  -0.525  -5.030  1.00 12.22 ? 164 VAL B C   1 
ATOM   1356 O O   . VAL A 1 158 ? 16.197  -0.362  -3.802  1.00 14.80 ? 164 VAL B O   1 
ATOM   1357 C CB  . VAL A 1 158 ? 18.211  1.097   -5.419  1.00 16.11 ? 164 VAL B CB  1 
ATOM   1358 C CG1 . VAL A 1 158 ? 19.200  0.003   -5.024  1.00 16.75 ? 164 VAL B CG1 1 
ATOM   1359 C CG2 . VAL A 1 158 ? 18.844  2.061   -6.426  1.00 17.96 ? 164 VAL B CG2 1 
ATOM   1360 N N   . PHE A 1 159 ? 15.461  -1.506  -5.568  1.00 11.85 ? 165 PHE B N   1 
ATOM   1361 C CA  . PHE A 1 159 ? 14.584  -2.421  -4.801  1.00 12.02 ? 165 PHE B CA  1 
ATOM   1362 C C   . PHE A 1 159 ? 15.431  -3.194  -3.789  1.00 12.99 ? 165 PHE B C   1 
ATOM   1363 O O   . PHE A 1 159 ? 15.044  -3.316  -2.608  1.00 14.44 ? 165 PHE B O   1 
ATOM   1364 C CB  . PHE A 1 159 ? 13.733  -3.262  -5.736  1.00 11.66 ? 165 PHE B CB  1 
ATOM   1365 C CG  . PHE A 1 159 ? 12.772  -2.478  -6.604  1.00 10.56 ? 165 PHE B CG  1 
ATOM   1366 C CD1 . PHE A 1 159 ? 11.955  -1.494  -6.035  1.00 10.76 ? 165 PHE B CD1 1 
ATOM   1367 C CD2 . PHE A 1 159 ? 12.648  -2.727  -7.966  1.00 12.04 ? 165 PHE B CD2 1 
ATOM   1368 C CE1 . PHE A 1 159 ? 11.063  -0.785  -6.835  1.00 11.00 ? 165 PHE B CE1 1 
ATOM   1369 C CE2 . PHE A 1 159 ? 11.753  -2.021  -8.758  1.00 11.89 ? 165 PHE B CE2 1 
ATOM   1370 C CZ  . PHE A 1 159 ? 10.941  -1.077  -8.180  1.00 11.30 ? 165 PHE B CZ  1 
ATOM   1371 N N   . ALA A 1 160 ? 16.545  -3.785  -4.241  1.00 12.48 ? 166 ALA B N   1 
ATOM   1372 C CA  . ALA A 1 160 ? 17.548  -4.457  -3.388  1.00 12.79 ? 166 ALA B CA  1 
ATOM   1373 C C   . ALA A 1 160 ? 16.947  -5.672  -2.691  1.00 12.42 ? 166 ALA B C   1 
ATOM   1374 O O   . ALA A 1 160 ? 17.483  -6.046  -1.593  1.00 14.19 ? 166 ALA B O   1 
ATOM   1375 C CB  . ALA A 1 160 ? 18.160  -3.489  -2.439  1.00 13.51 ? 166 ALA B CB  1 
ATOM   1376 N N   . GLY A 1 161 ? 15.966  -6.314  -3.277  1.00 12.95 ? 167 GLY B N   1 
ATOM   1377 C CA  . GLY A 1 161 ? 15.323  -7.475  -2.646  1.00 13.83 ? 167 GLY B CA  1 
ATOM   1378 C C   . GLY A 1 161 ? 14.009  -7.797  -3.312  1.00 12.22 ? 167 GLY B C   1 
ATOM   1379 O O   . GLY A 1 161 ? 13.520  -6.999  -4.171  1.00 12.64 ? 167 GLY B O   1 
ATOM   1380 N N   . PRO A 1 162 ? 13.373  -8.886  -2.930  1.00 11.68 ? 168 PRO B N   1 
ATOM   1381 C CA  . PRO A 1 162 ? 12.009  -9.161  -3.338  1.00 11.50 ? 168 PRO B CA  1 
ATOM   1382 C C   . PRO A 1 162 ? 11.081  -8.039  -2.828  1.00 11.55 ? 168 PRO B C   1 
ATOM   1383 O O   . PRO A 1 162 ? 11.308  -7.481  -1.740  1.00 11.51 ? 168 PRO B O   1 
ATOM   1384 C CB  . PRO A 1 162 ? 11.640  -10.497 -2.670  1.00 12.06 ? 168 PRO B CB  1 
ATOM   1385 C CG  . PRO A 1 162 ? 13.017  -11.057 -2.239  1.00 12.56 ? 168 PRO B CG  1 
ATOM   1386 C CD  . PRO A 1 162 ? 13.875  -9.882  -1.962  1.00 11.95 ? 168 PRO B CD  1 
ATOM   1387 N N   . LEU A 1 163 ? 10.041  -7.782  -3.612  1.00 10.80 ? 169 LEU B N   1 
ATOM   1388 C CA  . LEU A 1 163 ? 9.011   -6.750  -3.266  1.00 10.40 ? 169 LEU B CA  1 
ATOM   1389 C C   . LEU A 1 163 ? 7.714   -7.410  -2.836  1.00 10.87 ? 169 LEU B C   1 
ATOM   1390 O O   . LEU A 1 163 ? 7.315   -8.433  -3.386  1.00 12.06 ? 169 LEU B O   1 
ATOM   1391 C CB  . LEU A 1 163 ? 8.723   -5.836  -4.460  1.00 10.96 ? 169 LEU B CB  1 
ATOM   1392 C CG  . LEU A 1 163 ? 9.860   -4.909  -4.870  1.00 12.21 ? 169 LEU B CG  1 
ATOM   1393 C CD1 . LEU A 1 163 ? 9.475   -4.206  -6.153  1.00 11.82 ? 169 LEU B CD1 1 
ATOM   1394 C CD2 . LEU A 1 163 ? 10.208  -3.910  -3.777  1.00 12.71 ? 169 LEU B CD2 1 
ATOM   1395 N N   . ARG A 1 164 ? 7.011   -6.759  -1.902  1.00 10.61 ? 170 ARG B N   1 
ATOM   1396 C CA  . ARG A 1 164 ? 5.661   -7.162  -1.479  1.00 10.63 ? 170 ARG B CA  1 
ATOM   1397 C C   . ARG A 1 164 ? 4.695   -5.994  -1.600  1.00 9.17  ? 170 ARG B C   1 
ATOM   1398 O O   . ARG A 1 164 ? 5.063   -4.867  -1.284  1.00 9.76  ? 170 ARG B O   1 
ATOM   1399 C CB  . ARG A 1 164 ? 5.710   -7.691  -0.051  1.00 11.94 ? 170 ARG B CB  1 
ATOM   1400 C CG  . ARG A 1 164 ? 6.557   -8.971  0.006   1.00 14.35 ? 170 ARG B CG  1 
ATOM   1401 C CD  . ARG A 1 164 ? 6.628   -9.635  1.342   1.00 15.88 ? 170 ARG B CD  1 
ATOM   1402 N NE  . ARG A 1 164 ? 5.329   -10.194 1.635   1.00 15.46 ? 170 ARG B NE  1 
ATOM   1403 C CZ  . ARG A 1 164 ? 5.107   -10.865 2.748   1.00 16.12 ? 170 ARG B CZ  1 
ATOM   1404 N NH1 . ARG A 1 164 ? 6.098   -11.122 3.574   1.00 16.67 ? 170 ARG B NH1 1 
ATOM   1405 N NH2 . ARG A 1 164 ? 3.893   -11.282 2.996   1.00 14.94 ? 170 ARG B NH2 1 
ATOM   1406 N N   . PRO A 1 165 ? 3.444   -6.231  -2.010  1.00 9.07  ? 171 PRO B N   1 
ATOM   1407 C CA  . PRO A 1 165 ? 2.423   -5.181  -1.916  1.00 9.09  ? 171 PRO B CA  1 
ATOM   1408 C C   . PRO A 1 165 ? 2.285   -4.705  -0.463  1.00 8.60  ? 171 PRO B C   1 
ATOM   1409 O O   . PRO A 1 165 ? 2.376   -5.497  0.467   1.00 9.44  ? 171 PRO B O   1 
ATOM   1410 C CB  . PRO A 1 165 ? 1.134   -5.848  -2.384  1.00 9.56  ? 171 PRO B CB  1 
ATOM   1411 C CG  . PRO A 1 165 ? 1.646   -7.028  -3.256  1.00 10.79 ? 171 PRO B CG  1 
ATOM   1412 C CD  . PRO A 1 165 ? 2.883   -7.486  -2.536  1.00 11.26 ? 171 PRO B CD  1 
ATOM   1413 N N   . PHE A 1 166 ? 2.156   -3.387  -0.292  1.00 8.50  ? 172 PHE B N   1 
ATOM   1414 C CA  . PHE A 1 166 ? 2.156   -2.716  1.019   1.00 8.81  ? 172 PHE B CA  1 
ATOM   1415 C C   . PHE A 1 166 ? 0.864   -1.900  1.183   1.00 8.24  ? 172 PHE B C   1 
ATOM   1416 O O   . PHE A 1 166 ? 0.436   -1.182  0.281   1.00 8.31  ? 172 PHE B O   1 
ATOM   1417 C CB  . PHE A 1 166 ? 3.370   -1.806  1.139   1.00 8.97  ? 172 PHE B CB  1 
ATOM   1418 C CG  . PHE A 1 166 ? 3.369   -0.984  2.408   1.00 8.95  ? 172 PHE B CG  1 
ATOM   1419 C CD1 . PHE A 1 166 ? 3.749   -1.532  3.625   1.00 9.84  ? 172 PHE B CD1 1 
ATOM   1420 C CD2 . PHE A 1 166 ? 2.920   0.323   2.406   1.00 9.91  ? 172 PHE B CD2 1 
ATOM   1421 C CE1 . PHE A 1 166 ? 3.740   -0.769  4.781   1.00 10.41 ? 172 PHE B CE1 1 
ATOM   1422 C CE2 . PHE A 1 166 ? 2.855   1.064   3.572   1.00 10.21 ? 172 PHE B CE2 1 
ATOM   1423 C CZ  . PHE A 1 166 ? 3.294   0.521   4.757   1.00 10.41 ? 172 PHE B CZ  1 
ATOM   1424 N N   . PHE A 1 167 ? 0.277   -1.971  2.400   1.00 8.28  ? 173 PHE B N   1 
ATOM   1425 C CA  . PHE A 1 167 ? -1.012  -1.332  2.743   1.00 8.38  ? 173 PHE B CA  1 
ATOM   1426 C C   . PHE A 1 167 ? -0.934  -0.748  4.149   1.00 8.98  ? 173 PHE B C   1 
ATOM   1427 O O   . PHE A 1 167 ? -0.461  -1.419  5.065   1.00 9.41  ? 173 PHE B O   1 
ATOM   1428 C CB  . PHE A 1 167 ? -2.176  -2.326  2.702   1.00 8.90  ? 173 PHE B CB  1 
ATOM   1429 C CG  . PHE A 1 167 ? -2.251  -3.115  1.412   1.00 8.91  ? 173 PHE B CG  1 
ATOM   1430 C CD1 . PHE A 1 167 ? -1.519  -4.284  1.258   1.00 8.97  ? 173 PHE B CD1 1 
ATOM   1431 C CD2 . PHE A 1 167 ? -3.072  -2.725  0.352   1.00 10.23 ? 173 PHE B CD2 1 
ATOM   1432 C CE1 . PHE A 1 167 ? -1.519  -4.985  0.055   1.00 9.25  ? 173 PHE B CE1 1 
ATOM   1433 C CE2 . PHE A 1 167 ? -3.121  -3.456  -0.823  1.00 10.09 ? 173 PHE B CE2 1 
ATOM   1434 C CZ  . PHE A 1 167 ? -2.353  -4.599  -0.958  1.00 10.29 ? 173 PHE B CZ  1 
ATOM   1435 N N   . ASN A 1 168 ? -1.524  0.427   4.333   1.00 8.88  ? 174 ASN B N   1 
ATOM   1436 C CA  . ASN A 1 168 ? -1.783  1.009   5.668   1.00 8.76  ? 174 ASN B CA  1 
ATOM   1437 C C   . ASN A 1 168 ? -3.205  1.538   5.630   1.00 8.32  ? 174 ASN B C   1 
ATOM   1438 O O   . ASN A 1 168 ? -3.513  2.455   4.843   1.00 9.25  ? 174 ASN B O   1 
ATOM   1439 C CB  . ASN A 1 168 ? -0.797  2.116   6.017   1.00 9.34  ? 174 ASN B CB  1 
ATOM   1440 C CG  . ASN A 1 168 ? -0.958  2.618   7.434   1.00 10.20 ? 174 ASN B CG  1 
ATOM   1441 O OD1 . ASN A 1 168 ? -1.850  2.228   8.171   1.00 10.76 ? 174 ASN B OD1 1 
ATOM   1442 N ND2 . ASN A 1 168 ? -0.062  3.487   7.840   1.00 11.70 ? 174 ASN B ND2 1 
ATOM   1443 N N   . VAL A 1 169 ? -4.101  0.987   6.470   1.00 8.78  ? 175 VAL B N   1 
ATOM   1444 C CA  . VAL A 1 169 ? -5.515  1.454   6.519   1.00 8.99  ? 175 VAL B CA  1 
ATOM   1445 C C   . VAL A 1 169 ? -5.631  2.767   7.294   1.00 9.19  ? 175 VAL B C   1 
ATOM   1446 O O   . VAL A 1 169 ? -6.742  3.360   7.242   1.00 10.13 ? 175 VAL B O   1 
ATOM   1447 C CB  . VAL A 1 169 ? -6.489  0.410   7.108   1.00 9.69  ? 175 VAL B CB  1 
ATOM   1448 C CG1 . VAL A 1 169 ? -6.542  -0.835  6.255   1.00 10.88 ? 175 VAL B CG1 1 
ATOM   1449 C CG2 . VAL A 1 169 ? -6.170  0.075   8.546   1.00 10.27 ? 175 VAL B CG2 1 
ATOM   1450 N N   . GLY A 1 170 ? -4.576  3.184   8.001   1.00 9.63  ? 176 GLY B N   1 
ATOM   1451 C CA  . GLY A 1 170 ? -4.616  4.403   8.845   1.00 10.22 ? 176 GLY B CA  1 
ATOM   1452 C C   . GLY A 1 170 ? -5.357  4.187   10.146  1.00 10.01 ? 176 GLY B C   1 
ATOM   1453 O O   . GLY A 1 170 ? -6.098  3.230   10.344  1.00 9.66  ? 176 GLY B O   1 
ATOM   1454 N N   . PHE A 1 171 ? -5.039  5.075   11.089  1.00 10.43 ? 177 PHE B N   1 
ATOM   1455 C CA  . PHE A 1 171 ? -5.772  5.168   12.370  1.00 10.20 ? 177 PHE B CA  1 
ATOM   1456 C C   . PHE A 1 171 ? -7.167  5.690   12.140  1.00 10.05 ? 177 PHE B C   1 
ATOM   1457 O O   . PHE A 1 171 ? -7.480  6.237   11.087  1.00 10.17 ? 177 PHE B O   1 
ATOM   1458 C CB  . PHE A 1 171 ? -4.978  5.977   13.405  1.00 11.45 ? 177 PHE B CB  1 
ATOM   1459 C CG  . PHE A 1 171 ? -3.696  5.321   13.850  1.00 12.21 ? 177 PHE B CG  1 
ATOM   1460 C CD1 . PHE A 1 171 ? -3.713  4.291   14.775  1.00 14.64 ? 177 PHE B CD1 1 
ATOM   1461 C CD2 . PHE A 1 171 ? -2.469  5.740   13.367  1.00 13.64 ? 177 PHE B CD2 1 
ATOM   1462 C CE1 . PHE A 1 171 ? -2.529  3.666   15.175  1.00 15.39 ? 177 PHE B CE1 1 
ATOM   1463 C CE2 . PHE A 1 171 ? -1.297  5.113   13.791  1.00 15.00 ? 177 PHE B CE2 1 
ATOM   1464 C CZ  . PHE A 1 171 ? -1.335  4.126   14.714  1.00 15.25 ? 177 PHE B CZ  1 
ATOM   1465 N N   . ASN A 1 172 ? -7.984  5.529   13.167  1.00 10.54 ? 178 ASN B N   1 
ATOM   1466 C CA  . ASN A 1 172 ? -9.367  6.063   13.123  1.00 10.26 ? 178 ASN B CA  1 
ATOM   1467 C C   . ASN A 1 172 ? -9.601  6.844   14.430  1.00 10.36 ? 178 ASN B C   1 
ATOM   1468 O O   . ASN A 1 172 ? -10.653 6.660   15.077  1.00 12.09 ? 178 ASN B O   1 
ATOM   1469 C CB  . ASN A 1 172 ? -10.369 4.940   12.917  1.00 10.61 ? 178 ASN B CB  1 
ATOM   1470 C CG  . ASN A 1 172 ? -11.759 5.454   12.690  1.00 10.69 ? 178 ASN B CG  1 
ATOM   1471 O OD1 . ASN A 1 172 ? -11.979 6.549   12.201  1.00 10.96 ? 178 ASN B OD1 1 
ATOM   1472 N ND2 . ASN A 1 172 ? -12.728 4.621   13.009  1.00 12.55 ? 178 ASN B ND2 1 
ATOM   1473 N N   . TYR A 1 173 ? -8.763  7.796   14.733  1.00 10.91 ? 179 TYR B N   1 
ATOM   1474 C CA  . TYR A 1 173 ? -8.983  8.736   15.862  1.00 10.23 ? 179 TYR B CA  1 
ATOM   1475 C C   . TYR A 1 173 ? -10.198 9.601   15.585  1.00 10.83 ? 179 TYR B C   1 
ATOM   1476 O O   . TYR A 1 173 ? -10.891 10.021  16.571  1.00 12.34 ? 179 TYR B O   1 
ATOM   1477 C CB  . TYR A 1 173 ? -7.755  9.637   16.075  1.00 10.86 ? 179 TYR B CB  1 
ATOM   1478 C CG  . TYR A 1 173 ? -6.524  8.915   16.551  1.00 13.21 ? 179 TYR B CG  1 
ATOM   1479 C CD1 . TYR A 1 173 ? -6.381  8.521   17.872  1.00 16.36 ? 179 TYR B CD1 1 
ATOM   1480 C CD2 . TYR A 1 173 ? -5.458  8.748   15.691  1.00 14.87 ? 179 TYR B CD2 1 
ATOM   1481 C CE1 . TYR A 1 173 ? -5.255  7.820   18.285  1.00 17.49 ? 179 TYR B CE1 1 
ATOM   1482 C CE2 . TYR A 1 173 ? -4.310  8.070   16.108  1.00 15.13 ? 179 TYR B CE2 1 
ATOM   1483 C CZ  . TYR A 1 173 ? -4.227  7.607   17.392  1.00 16.72 ? 179 TYR B CZ  1 
ATOM   1484 O OH  . TYR A 1 173 ? -3.082  6.971   17.842  1.00 22.45 ? 179 TYR B OH  1 
ATOM   1485 N N   . SER A 1 174 ? -10.525 9.959   14.351  1.00 10.53 ? 180 SER B N   1 
ATOM   1486 C CA  . SER A 1 174 ? -11.591 10.920  13.983  1.00 11.52 ? 180 SER B CA  1 
ATOM   1487 C C   . SER A 1 174 ? -12.972 10.261  13.973  1.00 11.71 ? 180 SER B C   1 
ATOM   1488 O O   . SER A 1 174 ? -13.981 10.988  13.968  1.00 13.31 ? 180 SER B O   1 
ATOM   1489 C CB  . SER A 1 174 ? -11.350 11.511  12.641  1.00 11.66 ? 180 SER B CB  1 
ATOM   1490 O OG  . SER A 1 174 ? -11.432 10.458  11.656  1.00 11.85 ? 180 SER B OG  1 
ATOM   1491 N N   . GLY A 1 175 ? -13.065 8.944   13.901  1.00 10.34 ? 181 GLY B N   1 
ATOM   1492 C CA  . GLY A 1 175 ? -14.366 8.309   13.622  1.00 10.76 ? 181 GLY B CA  1 
ATOM   1493 C C   . GLY A 1 175 ? -14.784 8.383   12.175  1.00 11.47 ? 181 GLY B C   1 
ATOM   1494 O O   . GLY A 1 175 ? -15.870 7.892   11.872  1.00 13.53 ? 181 GLY B O   1 
ATOM   1495 N N   . GLY A 1 176 ? -13.969 8.968   11.293  1.00 10.78 ? 182 GLY B N   1 
ATOM   1496 C CA  . GLY A 1 176 ? -14.286 9.109   9.869   1.00 10.54 ? 182 GLY B CA  1 
ATOM   1497 C C   . GLY A 1 176 ? -13.425 8.227   8.965   1.00 11.05 ? 182 GLY B C   1 
ATOM   1498 O O   . GLY A 1 176 ? -13.590 8.340   7.733   1.00 12.98 ? 182 GLY B O   1 
ATOM   1499 N N   . ASN A 1 177 ? -12.594 7.371   9.513   1.00 9.78  ? 183 ASN B N   1 
ATOM   1500 C CA  . ASN A 1 177 ? -11.652 6.565   8.706   1.00 9.65  ? 183 ASN B CA  1 
ATOM   1501 C C   . ASN A 1 177 ? -11.817 5.070   8.943   1.00 9.98  ? 183 ASN B C   1 
ATOM   1502 O O   . ASN A 1 177 ? -10.871 4.329   8.682   1.00 10.75 ? 183 ASN B O   1 
ATOM   1503 C CB  . ASN A 1 177 ? -10.202 6.971   8.977   1.00 9.48  ? 183 ASN B CB  1 
ATOM   1504 C CG  . ASN A 1 177 ? -9.261  6.516   7.865   1.00 9.15  ? 183 ASN B CG  1 
ATOM   1505 O OD1 . ASN A 1 177 ? -9.663  6.516   6.698   1.00 9.68  ? 183 ASN B OD1 1 
ATOM   1506 N ND2 . ASN A 1 177 ? -8.066  6.099   8.252   1.00 9.30  ? 183 ASN B ND2 1 
ATOM   1507 N N   . ALA A 1 178 ? -13.026 4.593   9.255   1.00 10.31 ? 184 ALA B N   1 
ATOM   1508 C CA  . ALA A 1 178 ? -13.226 3.149   9.520   1.00 11.62 ? 184 ALA B CA  1 
ATOM   1509 C C   . ALA A 1 178 ? -13.288 2.311   8.242   1.00 11.14 ? 184 ALA B C   1 
ATOM   1510 O O   . ALA A 1 178 ? -13.114 1.092   8.341   1.00 12.73 ? 184 ALA B O   1 
ATOM   1511 C CB  . ALA A 1 178 ? -14.550 2.968   10.285  1.00 12.42 ? 184 ALA B CB  1 
ATOM   1512 N N   . ALA A 1 179 ? -13.542 2.930   7.110   1.00 10.31 ? 185 ALA B N   1 
ATOM   1513 C CA  . ALA A 1 179 ? -13.775 2.150   5.869   1.00 10.85 ? 185 ALA B CA  1 
ATOM   1514 C C   . ALA A 1 179 ? -12.556 1.284   5.514   1.00 10.95 ? 185 ALA B C   1 
ATOM   1515 O O   . ALA A 1 179 ? -11.393 1.640   5.767   1.00 10.61 ? 185 ALA B O   1 
ATOM   1516 C CB  . ALA A 1 179 ? -14.127 3.041   4.716   1.00 11.57 ? 185 ALA B CB  1 
ATOM   1517 N N   . PRO A 1 180 ? -12.782 0.148   4.836   1.00 10.71 ? 186 PRO B N   1 
ATOM   1518 C CA  . PRO A 1 180 ? -11.682 -0.743  4.455   1.00 10.84 ? 186 PRO B CA  1 
ATOM   1519 C C   . PRO A 1 180 ? -10.868 -0.278  3.225   1.00 9.92  ? 186 PRO B C   1 
ATOM   1520 O O   . PRO A 1 180 ? -11.335 0.526   2.459   1.00 11.00 ? 186 PRO B O   1 
ATOM   1521 C CB  . PRO A 1 180 ? -12.426 -2.053  4.104   1.00 11.68 ? 186 PRO B CB  1 
ATOM   1522 C CG  . PRO A 1 180 ? -13.745 -1.585  3.585   1.00 13.83 ? 186 PRO B CG  1 
ATOM   1523 C CD  . PRO A 1 180 ? -14.105 -0.404  4.485   1.00 12.74 ? 186 PRO B CD  1 
ATOM   1524 N N   . LEU A 1 181 ? -9.672  -0.828  3.087   1.00 10.17 ? 187 LEU B N   1 
ATOM   1525 C CA  . LEU A 1 181 ? -9.007  -0.968  1.766   1.00 10.46 ? 187 LEU B CA  1 
ATOM   1526 C C   . LEU A 1 181 ? -9.490  -2.266  1.131   1.00 10.25 ? 187 LEU B C   1 
ATOM   1527 O O   . LEU A 1 181 ? -9.533  -3.294  1.822   1.00 12.40 ? 187 LEU B O   1 
ATOM   1528 C CB  . LEU A 1 181 ? -7.501  -0.966  1.945   1.00 10.03 ? 187 LEU B CB  1 
ATOM   1529 C CG  . LEU A 1 181 ? -6.884  0.337   2.478   1.00 10.28 ? 187 LEU B CG  1 
ATOM   1530 C CD1 . LEU A 1 181 ? -5.396  0.182   2.757   1.00 10.93 ? 187 LEU B CD1 1 
ATOM   1531 C CD2 . LEU A 1 181 ? -7.067  1.495   1.531   1.00 12.11 ? 187 LEU B CD2 1 
ATOM   1532 N N   . LYS A 1 182 ? -9.795  -2.219  -0.161  1.00 10.37 ? 188 LYS B N   1 
ATOM   1533 C CA  . LYS A 1 182 ? -10.292 -3.434  -0.865  1.00 11.64 ? 188 LYS B CA  1 
ATOM   1534 C C   . LYS A 1 182 ? -9.470  -3.635  -2.126  1.00 11.97 ? 188 LYS B C   1 
ATOM   1535 O O   . LYS A 1 182 ? -9.393  -2.689  -2.961  1.00 12.06 ? 188 LYS B O   1 
ATOM   1536 C CB  . LYS A 1 182 ? -11.783 -3.348  -1.227  1.00 13.06 ? 188 LYS B CB  1 
ATOM   1537 C CG  . LYS A 1 182 ? -12.749 -3.019  -0.108  1.00 15.85 ? 188 LYS B CG  1 
ATOM   1538 C CD  . LYS A 1 182 ? -14.210 -3.068  -0.558  1.00 19.64 ? 188 LYS B CD  1 
ATOM   1539 C CE  . LYS A 1 182 ? -15.202 -2.577  0.465   1.00 23.74 ? 188 LYS B CE  1 
ATOM   1540 N NZ  . LYS A 1 182 ? -16.571 -2.570  -0.118  1.00 29.59 ? 188 LYS B NZ  1 
ATOM   1541 N N   . LEU A 1 183 ? -8.989  -4.833  -2.346  1.00 11.70 ? 189 LEU B N   1 
ATOM   1542 C CA  . LEU A 1 183 ? -8.363  -5.190  -3.650  1.00 12.11 ? 189 LEU B CA  1 
ATOM   1543 C C   . LEU A 1 183 ? -9.471  -5.405  -4.672  1.00 13.62 ? 189 LEU B C   1 
ATOM   1544 O O   . LEU A 1 183 ? -10.330 -6.297  -4.429  1.00 16.51 ? 189 LEU B O   1 
ATOM   1545 C CB  . LEU A 1 183 ? -7.464  -6.411  -3.450  1.00 12.39 ? 189 LEU B CB  1 
ATOM   1546 C CG  . LEU A 1 183 ? -6.142  -6.033  -2.770  1.00 13.52 ? 189 LEU B CG  1 
ATOM   1547 C CD1 . LEU A 1 183 ? -5.512  -7.170  -1.991  1.00 16.39 ? 189 LEU B CD1 1 
ATOM   1548 C CD2 . LEU A 1 183 ? -5.154  -5.416  -3.778  1.00 12.31 ? 189 LEU B CD2 1 
ATOM   1549 N N   . CYS A 1 184 ? -9.428  -4.677  -5.771  1.00 15.32 ? 190 CYS B N   1 
ATOM   1550 C CA  . CYS A 1 184 ? -10.511 -4.661  -6.800  1.00 18.04 ? 190 CYS B CA  1 
ATOM   1551 C C   . CYS A 1 184 ? -10.311 -5.801  -7.765  1.00 19.46 ? 190 CYS B C   1 
ATOM   1552 O O   . CYS A 1 184 ? -9.201  -6.131  -8.115  1.00 20.97 ? 190 CYS B O   1 
ATOM   1553 C CB  . CYS A 1 184 ? -10.397 -3.465  -7.722  1.00 20.43 ? 190 CYS B CB  1 
ATOM   1554 S SG  . CYS A 1 184 ? -10.302 -1.887  -6.894  1.00 21.42 ? 190 CYS B SG  1 
ATOM   1555 N N   . PRO A 1 185 ? -11.412 -6.386  -8.279  1.00 24.82 ? 191 PRO B N   1 
ATOM   1556 C CA  . PRO A 1 185 ? -11.317 -7.488  -9.218  1.00 30.40 ? 191 PRO B CA  1 
ATOM   1557 C C   . PRO A 1 185 ? -10.735 -6.993  -10.543 1.00 30.52 ? 191 PRO B C   1 
ATOM   1558 O O   . PRO A 1 185 ? -10.971 -5.839  -10.920 1.00 30.90 ? 191 PRO B O   1 
ATOM   1559 C CB  . PRO A 1 185 ? -12.775 -7.980  -9.312  1.00 29.91 ? 191 PRO B CB  1 
ATOM   1560 C CG  . PRO A 1 185 ? -13.608 -6.786  -8.963  1.00 29.93 ? 191 PRO B CG  1 
ATOM   1561 C CD  . PRO A 1 185 ? -12.801 -6.046  -7.920  1.00 27.59 ? 191 PRO B CD  1 
ATOM   1562 N N   . LEU A 1 186 ? -9.962  -7.889  -11.160 1.00 36.97 ? 192 LEU B N   1 
ATOM   1563 C CA  . LEU A 1 186 ? -9.518  -7.925  -12.579 1.00 39.42 ? 192 LEU B CA  1 
ATOM   1564 C C   . LEU A 1 186 ? -10.730 -7.872  -13.511 1.00 45.78 ? 192 LEU B C   1 
ATOM   1565 O O   . LEU A 1 186 ? -10.563 -7.415  -14.644 1.00 52.40 ? 192 LEU B O   1 
ATOM   1566 C CB  . LEU A 1 186 ? -8.747  -9.231  -12.795 1.00 38.52 ? 192 LEU B CB  1 
HETATM 1567 C C1  . EDO B 2 .   ? -7.440  4.912   16.578  1.00 28.08 ? 201 EDO B C1  1 
HETATM 1568 O O1  . EDO B 2 .   ? -7.559  4.007   15.494  1.00 19.80 ? 201 EDO B O1  1 
HETATM 1569 C C2  . EDO B 2 .   ? -6.464  4.576   17.653  1.00 34.87 ? 201 EDO B C2  1 
HETATM 1570 O O2  . EDO B 2 .   ? -6.495  3.225   18.081  1.00 39.14 ? 201 EDO B O2  1 
HETATM 1571 N N1  . UXD C 3 .   ? 17.742  4.164   -2.090  0.43 23.77 ? 202 UXD B N1  1 
HETATM 1572 C C4  . UXD C 3 .   ? 13.352  5.749   -5.753  0.43 22.06 ? 202 UXD B C4  1 
HETATM 1573 C C5  . UXD C 3 .   ? 16.398  4.698   -3.727  0.43 23.40 ? 202 UXD B C5  1 
HETATM 1574 C C6  . UXD C 3 .   ? 16.594  3.828   -2.667  0.43 22.03 ? 202 UXD B C6  1 
HETATM 1575 C C7  . UXD C 3 .   ? 17.534  5.519   -3.728  0.43 24.62 ? 202 UXD B C7  1 
HETATM 1576 N N   . UXD C 3 .   ? 14.689  5.760   -5.127  0.43 22.76 ? 202 UXD B N   1 
HETATM 1577 C C   . UXD C 3 .   ? 15.236  4.639   -4.621  0.43 22.35 ? 202 UXD B C   1 
HETATM 1578 O O   . UXD C 3 .   ? 14.744  3.543   -4.867  0.43 20.92 ? 202 UXD B O   1 
HETATM 1579 C C1  . UXD C 3 .   ? 15.304  7.096   -5.222  0.43 23.22 ? 202 UXD B C1  1 
HETATM 1580 C C2  . UXD C 3 .   ? 14.569  7.714   -6.391  0.43 22.87 ? 202 UXD B C2  1 
HETATM 1581 C C3  . UXD C 3 .   ? 13.178  7.155   -6.292  0.43 22.44 ? 202 UXD B C3  1 
HETATM 1582 N N2  . UXD C 3 .   ? 18.337  5.195   -2.733  0.43 25.17 ? 202 UXD B N2  1 
HETATM 1583 C C1  . EDO D 2 .   ? 9.003   3.224   22.946  1.00 40.76 ? 203 EDO B C1  1 
HETATM 1584 O O1  . EDO D 2 .   ? 8.374   2.467   21.930  1.00 34.39 ? 203 EDO B O1  1 
HETATM 1585 C C2  . EDO D 2 .   ? 8.539   4.626   22.980  1.00 39.73 ? 203 EDO B C2  1 
HETATM 1586 O O2  . EDO D 2 .   ? 7.147   4.687   23.100  1.00 45.47 ? 203 EDO B O2  1 
HETATM 1587 S S   . SO4 E 4 .   ? 13.486  7.055   10.077  1.00 34.42 ? 204 SO4 B S   1 
HETATM 1588 O O1  . SO4 E 4 .   ? 12.869  5.779   9.892   1.00 23.38 ? 204 SO4 B O1  1 
HETATM 1589 O O2  . SO4 E 4 .   ? 14.466  6.980   11.125  1.00 41.41 ? 204 SO4 B O2  1 
HETATM 1590 O O3  . SO4 E 4 .   ? 14.131  7.431   8.834   1.00 39.19 ? 204 SO4 B O3  1 
HETATM 1591 O O4  . SO4 E 4 .   ? 12.499  8.064   10.404  1.00 37.52 ? 204 SO4 B O4  1 
HETATM 1592 O O   . HOH F 5 .   ? 17.862  1.197   -2.097  1.00 23.80 ? 301 HOH B O   1 
HETATM 1593 O O   . HOH F 5 .   ? 8.225   2.354   19.559  1.00 21.36 ? 302 HOH B O   1 
HETATM 1594 O O   . HOH F 5 .   ? -9.853  -6.805  22.210  1.00 17.47 ? 303 HOH B O   1 
HETATM 1595 O O   . HOH F 5 .   ? -0.563  15.408  3.913   1.00 28.51 ? 304 HOH B O   1 
HETATM 1596 O O   . HOH F 5 .   ? -13.614 5.435   -9.206  1.00 25.93 ? 305 HOH B O   1 
HETATM 1597 O O   . HOH F 5 .   ? 14.897  -11.155 -5.281  1.00 15.65 ? 306 HOH B O   1 
HETATM 1598 O O   . HOH F 5 .   ? -14.459 12.664  6.545   1.00 26.93 ? 307 HOH B O   1 
HETATM 1599 O O   . HOH F 5 .   ? -13.187 -0.389  10.596  1.00 17.42 ? 308 HOH B O   1 
HETATM 1600 O O   . HOH F 5 .   ? 14.853  -9.391  -11.927 1.00 13.61 ? 309 HOH B O   1 
HETATM 1601 O O   . HOH F 5 .   ? 6.609   -11.373 6.639   1.00 21.51 ? 310 HOH B O   1 
HETATM 1602 O O   . HOH F 5 .   ? -16.832 -0.492  18.473  1.00 35.61 ? 311 HOH B O   1 
HETATM 1603 O O   . HOH F 5 .   ? -15.239 9.643   6.250   1.00 33.38 ? 312 HOH B O   1 
HETATM 1604 O O   . HOH F 5 .   ? -7.544  -10.979 10.131  1.00 18.70 ? 313 HOH B O   1 
HETATM 1605 O O   . HOH F 5 .   ? 7.927   0.258   -17.557 1.00 26.21 ? 314 HOH B O   1 
HETATM 1606 O O   . HOH F 5 .   ? -14.869 12.947  12.448  1.00 18.33 ? 315 HOH B O   1 
HETATM 1607 O O   . HOH F 5 .   ? 10.706  -8.260  13.403  1.00 26.15 ? 316 HOH B O   1 
HETATM 1608 O O   . HOH F 5 .   ? -8.711  0.353   -14.598 1.00 27.84 ? 317 HOH B O   1 
HETATM 1609 O O   . HOH F 5 .   ? 10.088  -0.354  8.265   1.00 28.23 ? 318 HOH B O   1 
HETATM 1610 O O   . HOH F 5 .   ? 9.075   10.023  3.623   1.00 24.72 ? 319 HOH B O   1 
HETATM 1611 O O   . HOH F 5 .   ? -10.827 1.788   19.718  1.00 31.85 ? 320 HOH B O   1 
HETATM 1612 O O   . HOH F 5 .   ? -9.017  -16.158 5.094   1.00 30.33 ? 321 HOH B O   1 
HETATM 1613 O O   . HOH F 5 .   ? 18.042  6.031   -6.949  1.00 29.83 ? 322 HOH B O   1 
HETATM 1614 O O   . HOH F 5 .   ? -10.379 9.093   19.029  1.00 23.93 ? 323 HOH B O   1 
HETATM 1615 O O   . HOH F 5 .   ? -13.726 -8.898  -1.685  1.00 22.71 ? 324 HOH B O   1 
HETATM 1616 O O   . HOH F 5 .   ? -8.592  9.260   -2.042  1.00 13.49 ? 325 HOH B O   1 
HETATM 1617 O O   . HOH F 5 .   ? 13.795  1.225   8.684   1.00 30.85 ? 326 HOH B O   1 
HETATM 1618 O O   . HOH F 5 .   ? -18.280 3.656   6.640   1.00 22.77 ? 327 HOH B O   1 
HETATM 1619 O O   . HOH F 5 .   ? 15.421  -7.703  1.019   1.00 26.60 ? 328 HOH B O   1 
HETATM 1620 O O   . HOH F 5 .   ? 13.600  -13.647 -5.034  1.00 24.26 ? 329 HOH B O   1 
HETATM 1621 O O   . HOH F 5 .   ? 14.582  8.479   -14.113 1.00 27.53 ? 330 HOH B O   1 
HETATM 1622 O O   . HOH F 5 .   ? 8.932   18.443  1.011   1.00 33.80 ? 331 HOH B O   1 
HETATM 1623 O O   . HOH F 5 .   ? 5.573   7.648   -15.668 1.00 16.82 ? 332 HOH B O   1 
HETATM 1624 O O   . HOH F 5 .   ? 11.845  -7.451  8.646   1.00 32.84 ? 333 HOH B O   1 
HETATM 1625 O O   . HOH F 5 .   ? 3.231   -9.475  -17.008 1.00 29.85 ? 334 HOH B O   1 
HETATM 1626 O O   . HOH F 5 .   ? 14.161  3.728   -13.668 1.00 17.20 ? 335 HOH B O   1 
HETATM 1627 O O   . HOH F 5 .   ? -1.128  18.498  7.123   1.00 21.47 ? 336 HOH B O   1 
HETATM 1628 O O   . HOH F 5 .   ? 10.258  -5.943  -16.414 1.00 28.86 ? 337 HOH B O   1 
HETATM 1629 O O   . HOH F 5 .   ? 5.254   3.725   -15.393 1.00 22.31 ? 338 HOH B O   1 
HETATM 1630 O O   . HOH F 5 .   ? 15.893  -3.977  4.092   1.00 23.30 ? 339 HOH B O   1 
HETATM 1631 O O   . HOH F 5 .   ? -13.752 1.766   1.418   1.00 24.05 ? 340 HOH B O   1 
HETATM 1632 O O   . HOH F 5 .   ? 13.972  8.063   5.472   1.00 31.74 ? 341 HOH B O   1 
HETATM 1633 O O   . HOH F 5 .   ? 7.795   5.579   0.040   1.00 11.16 ? 342 HOH B O   1 
HETATM 1634 O O   . HOH F 5 .   ? -8.029  13.433  4.587   1.00 14.13 ? 343 HOH B O   1 
HETATM 1635 O O   . HOH F 5 .   ? 11.008  9.695   -6.618  1.00 15.91 ? 344 HOH B O   1 
HETATM 1636 O O   . HOH F 5 .   ? -8.857  2.942   9.917   1.00 12.97 ? 345 HOH B O   1 
HETATM 1637 O O   . HOH F 5 .   ? -5.337  -7.920  -7.348  1.00 15.90 ? 346 HOH B O   1 
HETATM 1638 O O   . HOH F 5 .   ? -12.114 1.899   13.697  1.00 30.18 ? 347 HOH B O   1 
HETATM 1639 O O   . HOH F 5 .   ? 3.230   -6.618  17.045  1.00 23.96 ? 348 HOH B O   1 
HETATM 1640 O O   . HOH F 5 .   ? -16.015 4.019   -7.296  1.00 32.65 ? 349 HOH B O   1 
HETATM 1641 O O   . HOH F 5 .   ? -10.142 4.464   -15.399 1.00 28.25 ? 350 HOH B O   1 
HETATM 1642 O O   . HOH F 5 .   ? -6.585  -5.456  -7.578  1.00 13.96 ? 351 HOH B O   1 
HETATM 1643 O O   . HOH F 5 .   ? 2.132   4.730   16.213  1.00 28.90 ? 352 HOH B O   1 
HETATM 1644 O O   . HOH F 5 .   ? 2.259   6.578   7.419   1.00 29.51 ? 353 HOH B O   1 
HETATM 1645 O O   . HOH F 5 .   ? 13.046  -0.787  6.814   1.00 17.64 ? 354 HOH B O   1 
HETATM 1646 O O   . HOH F 5 .   ? -16.648 4.721   -4.700  1.00 28.48 ? 355 HOH B O   1 
HETATM 1647 O O   . HOH F 5 .   ? 4.443   15.298  -7.378  1.00 16.79 ? 356 HOH B O   1 
HETATM 1648 O O   . HOH F 5 .   ? -6.875  -16.705 19.071  1.00 24.07 ? 357 HOH B O   1 
HETATM 1649 O O   . HOH F 5 .   ? -2.529  18.613  4.558   1.00 26.48 ? 358 HOH B O   1 
HETATM 1650 O O   . HOH F 5 .   ? 13.832  -13.220 -10.100 1.00 30.15 ? 359 HOH B O   1 
HETATM 1651 O O   . HOH F 5 .   ? -9.246  13.267  9.092   1.00 17.71 ? 360 HOH B O   1 
HETATM 1652 O O   . HOH F 5 .   ? 5.894   -0.771  13.511  1.00 13.41 ? 361 HOH B O   1 
HETATM 1653 O O   . HOH F 5 .   ? 0.318   14.210  -8.775  1.00 14.67 ? 362 HOH B O   1 
HETATM 1654 O O   . HOH F 5 .   ? -4.542  16.435  -11.103 1.00 28.18 ? 363 HOH B O   1 
HETATM 1655 O O   . HOH F 5 .   ? -4.760  -8.789  12.761  1.00 17.19 ? 364 HOH B O   1 
HETATM 1656 O O   . HOH F 5 .   ? -1.662  13.137  -14.728 1.00 17.07 ? 365 HOH B O   1 
HETATM 1657 O O   . HOH F 5 .   ? 9.782   -11.672 -15.316 1.00 45.38 ? 366 HOH B O   1 
HETATM 1658 O O   . HOH F 5 .   ? -2.954  -13.841 12.135  1.00 24.84 ? 367 HOH B O   1 
HETATM 1659 O O   . HOH F 5 .   ? -9.602  7.968   0.203   1.00 12.01 ? 368 HOH B O   1 
HETATM 1660 O O   . HOH F 5 .   ? 16.947  1.772   -10.972 1.00 22.83 ? 369 HOH B O   1 
HETATM 1661 O O   . HOH F 5 .   ? -9.125  -14.427 -2.862  1.00 29.81 ? 370 HOH B O   1 
HETATM 1662 O O   . HOH F 5 .   ? -9.914  0.824   8.388   1.00 12.25 ? 371 HOH B O   1 
HETATM 1663 O O   . HOH F 5 .   ? 0.644   -8.837  18.145  1.00 23.40 ? 372 HOH B O   1 
HETATM 1664 O O   . HOH F 5 .   ? -0.779  -10.157 20.144  1.00 19.69 ? 373 HOH B O   1 
HETATM 1665 O O   . HOH F 5 .   ? -14.042 5.875   6.437   1.00 15.00 ? 374 HOH B O   1 
HETATM 1666 O O   . HOH F 5 .   ? 2.485   15.926  -9.095  1.00 16.35 ? 375 HOH B O   1 
HETATM 1667 O O   . HOH F 5 .   ? -0.185  17.447  -0.587  1.00 32.50 ? 376 HOH B O   1 
HETATM 1668 O O   . HOH F 5 .   ? -12.485 -6.784  -2.634  1.00 25.11 ? 377 HOH B O   1 
HETATM 1669 O O   . HOH F 5 .   ? -12.628 12.360  -14.345 1.00 43.39 ? 378 HOH B O   1 
HETATM 1670 O O   . HOH F 5 .   ? 0.924   -15.122 15.066  1.00 20.84 ? 379 HOH B O   1 
HETATM 1671 O O   . HOH F 5 .   ? -9.517  1.970   15.943  1.00 26.45 ? 380 HOH B O   1 
HETATM 1672 O O   . HOH F 5 .   ? 11.321  -2.711  -18.695 1.00 27.23 ? 381 HOH B O   1 
HETATM 1673 O O   . HOH F 5 .   ? 6.286   -12.020 20.482  1.00 28.99 ? 382 HOH B O   1 
HETATM 1674 O O   . HOH F 5 .   ? 10.841  3.165   17.686  1.00 27.65 ? 383 HOH B O   1 
HETATM 1675 O O   . HOH F 5 .   ? 11.334  -9.859  -16.299 1.00 30.46 ? 384 HOH B O   1 
HETATM 1676 O O   . HOH F 5 .   ? -3.024  -16.259 16.730  1.00 34.89 ? 385 HOH B O   1 
HETATM 1677 O O   . HOH F 5 .   ? -12.614 7.340   -15.440 1.00 35.44 ? 386 HOH B O   1 
HETATM 1678 O O   . HOH F 5 .   ? -4.999  12.220  -10.951 1.00 16.79 ? 387 HOH B O   1 
HETATM 1679 O O   . HOH F 5 .   ? -10.591 20.892  4.004   1.00 38.95 ? 388 HOH B O   1 
HETATM 1680 O O   . HOH F 5 .   ? -2.538  -3.811  21.142  1.00 18.81 ? 389 HOH B O   1 
HETATM 1681 O O   . HOH F 5 .   ? 4.688   4.899   16.891  1.00 33.52 ? 390 HOH B O   1 
HETATM 1682 O O   . HOH F 5 .   ? 13.585  -14.956 -7.585  1.00 22.77 ? 391 HOH B O   1 
HETATM 1683 O O   . HOH F 5 .   ? -0.442  -2.026  -2.557  1.00 11.65 ? 392 HOH B O   1 
HETATM 1684 O O   . HOH F 5 .   ? 15.110  -11.981 0.696   1.00 20.42 ? 393 HOH B O   1 
HETATM 1685 O O   . HOH F 5 .   ? -12.073 11.496  2.512   1.00 44.70 ? 394 HOH B O   1 
HETATM 1686 O O   . HOH F 5 .   ? -2.450  13.262  -10.493 1.00 14.73 ? 395 HOH B O   1 
HETATM 1687 O O   . HOH F 5 .   ? 11.388  -14.074 -10.585 1.00 34.16 ? 396 HOH B O   1 
HETATM 1688 O O   . HOH F 5 .   ? 10.753  -13.372 -4.708  1.00 24.92 ? 397 HOH B O   1 
HETATM 1689 O O   . HOH F 5 .   ? -2.645  16.792  -2.739  1.00 20.75 ? 398 HOH B O   1 
HETATM 1690 O O   . HOH F 5 .   ? -6.305  12.882  8.128   1.00 18.08 ? 399 HOH B O   1 
HETATM 1691 O O   . HOH F 5 .   ? -12.600 -9.011  17.801  1.00 26.51 ? 400 HOH B O   1 
HETATM 1692 O O   . HOH F 5 .   ? 14.858  -5.243  8.917   1.00 39.48 ? 401 HOH B O   1 
HETATM 1693 O O   . HOH F 5 .   ? -12.205 -6.794  6.426   1.00 21.87 ? 402 HOH B O   1 
HETATM 1694 O O   . HOH F 5 .   ? 6.027   -9.566  -16.541 1.00 25.50 ? 403 HOH B O   1 
HETATM 1695 O O   . HOH F 5 .   ? -15.103 -12.192 5.949   1.00 27.63 ? 404 HOH B O   1 
HETATM 1696 O O   . HOH F 5 .   ? -2.089  -13.407 -10.487 1.00 29.05 ? 405 HOH B O   1 
HETATM 1697 O O   . HOH F 5 .   ? -1.202  -15.725 2.853   1.00 34.04 ? 406 HOH B O   1 
HETATM 1698 O O   . HOH F 5 .   ? -15.634 6.021   9.590   1.00 14.85 ? 407 HOH B O   1 
HETATM 1699 O O   . HOH F 5 .   ? 8.854   -12.622 -9.464  1.00 27.56 ? 408 HOH B O   1 
HETATM 1700 O O   . HOH F 5 .   ? -1.657  11.207  -17.066 1.00 22.30 ? 409 HOH B O   1 
HETATM 1701 O O   . HOH F 5 .   ? -7.099  14.145  -10.972 1.00 21.85 ? 410 HOH B O   1 
HETATM 1702 O O   . HOH F 5 .   ? 0.110   5.401   10.130  1.00 29.64 ? 411 HOH B O   1 
HETATM 1703 O O   . HOH F 5 .   ? -13.730 -5.171  5.079   1.00 22.57 ? 412 HOH B O   1 
HETATM 1704 O O   . HOH F 5 .   ? 4.762   6.474   23.513  1.00 41.00 ? 413 HOH B O   1 
HETATM 1705 O O   . HOH F 5 .   ? 1.848   -13.253 21.868  1.00 20.15 ? 414 HOH B O   1 
HETATM 1706 O O   . HOH F 5 .   ? -13.469 -4.526  16.218  1.00 25.35 ? 415 HOH B O   1 
HETATM 1707 O O   . HOH F 5 .   ? 4.775   -15.070 -4.446  1.00 24.27 ? 416 HOH B O   1 
HETATM 1708 O O   . HOH F 5 .   ? -5.505  9.555   -18.573 1.00 42.66 ? 417 HOH B O   1 
HETATM 1709 O O   . HOH F 5 .   ? -1.932  7.858   -17.616 1.00 31.13 ? 418 HOH B O   1 
HETATM 1710 O O   . HOH F 5 .   ? -17.623 7.082   7.696   1.00 30.67 ? 419 HOH B O   1 
HETATM 1711 O O   . HOH F 5 .   ? 0.779   -5.907  16.002  1.00 19.79 ? 420 HOH B O   1 
HETATM 1712 O O   . HOH F 5 .   ? -9.401  13.832  -0.329  1.00 27.72 ? 421 HOH B O   1 
HETATM 1713 O O   . HOH F 5 .   ? -3.760  7.721   10.196  1.00 13.32 ? 422 HOH B O   1 
HETATM 1714 O O   . HOH F 5 .   ? -14.723 -12.589 2.071   1.00 26.19 ? 423 HOH B O   1 
HETATM 1715 O O   . HOH F 5 .   ? -15.658 4.878   13.941  1.00 19.60 ? 424 HOH B O   1 
HETATM 1716 O O   . HOH F 5 .   ? -12.011 -9.090  -5.292  1.00 36.03 ? 425 HOH B O   1 
HETATM 1717 O O   . HOH F 5 .   ? -8.432  16.106  -1.049  1.00 38.47 ? 426 HOH B O   1 
HETATM 1718 O O   . HOH F 5 .   ? -7.687  3.138   -15.433 1.00 26.27 ? 427 HOH B O   1 
HETATM 1719 O O   . HOH F 5 .   ? 13.112  -13.221 9.169   1.00 31.78 ? 428 HOH B O   1 
HETATM 1720 O O   . HOH F 5 .   ? -6.943  -3.555  22.987  0.50 22.71 ? 429 HOH B O   1 
HETATM 1721 O O   . HOH F 5 .   ? 15.315  -2.429  6.158   1.00 32.58 ? 430 HOH B O   1 
HETATM 1722 O O   . HOH F 5 .   ? -17.391 1.078   5.728   1.00 35.55 ? 431 HOH B O   1 
HETATM 1723 O O   . HOH F 5 .   ? 13.967  -10.683 -16.827 1.00 25.91 ? 432 HOH B O   1 
HETATM 1724 O O   . HOH F 5 .   ? -9.621  13.754  2.320   1.00 28.90 ? 433 HOH B O   1 
HETATM 1725 O O   . HOH F 5 .   ? -13.204 -16.843 0.303   1.00 27.44 ? 434 HOH B O   1 
HETATM 1726 O O   . HOH F 5 .   ? -15.590 0.354   12.648  1.00 28.44 ? 435 HOH B O   1 
HETATM 1727 O O   . HOH F 5 .   ? -14.324 -5.380  -3.895  1.00 36.22 ? 436 HOH B O   1 
HETATM 1728 O O   . HOH F 5 .   ? 11.464  -8.654  15.684  1.00 35.92 ? 437 HOH B O   1 
HETATM 1729 O O   . HOH F 5 .   ? -4.934  -17.792 17.669  1.00 37.07 ? 438 HOH B O   1 
HETATM 1730 O O   . HOH F 5 .   ? 7.326   5.450   -16.467 1.00 26.19 ? 439 HOH B O   1 
HETATM 1731 O O   . HOH F 5 .   ? 13.032  10.776  -5.120  1.00 21.11 ? 440 HOH B O   1 
HETATM 1732 O O   . HOH F 5 .   ? 12.601  4.865   -15.976 1.00 34.94 ? 441 HOH B O   1 
HETATM 1733 O O   . HOH F 5 .   ? 1.258   7.127   11.838  1.00 27.87 ? 442 HOH B O   1 
# 
